data_4MC5
#
_entry.id   4MC5
#
_cell.length_a   239.093
_cell.length_b   239.093
_cell.length_c   161.228
_cell.angle_alpha   90.00
_cell.angle_beta   90.00
_cell.angle_gamma   90.00
#
_symmetry.space_group_name_H-M   'I 4 2 2'
#
loop_
_entity.id
_entity.type
_entity.pdbx_description
1 polymer Hemagglutinin
2 branched alpha-D-mannopyranose-(1-3)-beta-D-mannopyranose-(1-4)-2-acetamido-2-deoxy-beta-D-glucopyranose-(1-4)-2-acetamido-2-deoxy-beta-D-glucopyranose
3 branched alpha-D-mannopyranose-(1-3)-[alpha-D-mannopyranose-(1-6)]beta-D-mannopyranose-(1-4)-2-acetamido-2-deoxy-beta-D-glucopyranose-(1-4)-[alpha-L-fucopyranose-(1-3)][beta-L-fucopyranose-(1-6)]2-acetamido-2-deoxy-beta-D-glucopyranose
4 branched 2-acetamido-2-deoxy-beta-D-glucopyranose-(1-4)-2-acetamido-2-deoxy-beta-D-glucopyranose
5 branched alpha-L-fucopyranose-(1-3)-[2-acetamido-2-deoxy-beta-D-glucopyranose-(1-4)][beta-L-fucopyranose-(1-6)]2-acetamido-2-deoxy-beta-D-glucopyranose
6 non-polymer alpha-L-fucopyranose
7 non-polymer 2-acetamido-2-deoxy-beta-D-glucopyranose
8 water water
#
_entity_poly.entity_id   1
_entity_poly.type   'polypeptide(L)'
_entity_poly.pdbx_seq_one_letter_code
;ADPGDQICIGYHSNNSTQTVNTLLESNVPVTSSHSILEKEHNGLLCKLKGKAPLDLIDCSLPAWLMGNPKCDELLTASEW
AYIKEDPEPENGICFPGDFDSLEDLILLVSNTDHFRKEKIIDMTRFSDVTTNNVDSACPYDTNGASFYRNLNWVQQNKGK
QLIFHYQNSENNPLLIIWGVHQTSNAAEQNTYYGSQTGSTTITIGEETNTYPLVISESSILNGHSDRINYFWGVVNPNQN
FSIVSTGNFIWPEYGYFFQKTTNISGIIKSSEKISDCDTICQTKIGAINSTLPFQNIHQNAIGDCPKYVKAQELVLATGL
RNNPIKETRGLFGAIAGFIEGGWQGLIDGWYGYHHQNSEGSGYAADKEATQKAVDAITTKVNNIIDKMNTQFESTAKEFN
KIEMRIKHLSDRVDDGFLDVWSYNAELLVLLENERTLDFHDANVNNLYQKVKVQLKDNAIDMGNGCFKILHKCNNTCMDD
IKNGTYNYYEYRKESHLEKQKIDSGRLVPR
;
_entity_poly.pdbx_strand_id   A,B,C
#
loop_
_chem_comp.id
_chem_comp.type
_chem_comp.name
_chem_comp.formula
BMA D-saccharide, beta linking beta-D-mannopyranose 'C6 H12 O6'
FUC L-saccharide, alpha linking alpha-L-fucopyranose 'C6 H12 O5'
FUL L-saccharide, beta linking beta-L-fucopyranose 'C6 H12 O5'
MAN D-saccharide, alpha linking alpha-D-mannopyranose 'C6 H12 O6'
NAG D-saccharide, beta linking 2-acetamido-2-deoxy-beta-D-glucopyranose 'C8 H15 N O6'
#
# COMPACT_ATOMS: atom_id res chain seq x y z
N GLY A 4 25.45 -60.24 4.43
CA GLY A 4 24.84 -59.42 5.46
C GLY A 4 23.55 -58.76 4.99
N ASP A 5 22.47 -59.03 5.71
CA ASP A 5 21.20 -58.41 5.38
C ASP A 5 21.26 -56.89 5.62
N GLN A 6 20.60 -56.13 4.76
CA GLN A 6 20.64 -54.67 4.84
C GLN A 6 19.24 -54.09 4.70
N ILE A 7 19.00 -52.98 5.38
CA ILE A 7 17.84 -52.14 5.11
C ILE A 7 18.28 -50.68 5.00
N CYS A 8 17.81 -50.02 3.94
CA CYS A 8 18.19 -48.64 3.64
C CYS A 8 16.99 -47.71 3.66
N ILE A 9 17.23 -46.46 4.03
CA ILE A 9 16.22 -45.41 3.92
C ILE A 9 16.58 -44.54 2.72
N GLY A 10 15.60 -44.22 1.89
CA GLY A 10 15.88 -43.39 0.73
C GLY A 10 14.64 -42.63 0.27
N TYR A 11 14.78 -41.91 -0.84
CA TYR A 11 13.68 -41.08 -1.32
C TYR A 11 13.61 -41.06 -2.85
N HIS A 12 12.50 -40.51 -3.35
CA HIS A 12 12.17 -40.51 -4.78
C HIS A 12 13.04 -39.57 -5.62
N SER A 13 13.59 -40.08 -6.72
CA SER A 13 14.17 -39.24 -7.77
C SER A 13 13.41 -39.52 -9.06
N ASN A 14 13.55 -38.61 -10.03
CA ASN A 14 12.93 -38.82 -11.34
C ASN A 14 13.70 -38.13 -12.47
N ASN A 15 13.06 -38.03 -13.63
CA ASN A 15 13.68 -37.47 -14.83
C ASN A 15 13.39 -35.97 -15.01
N SER A 16 12.73 -35.36 -14.02
CA SER A 16 12.38 -33.94 -14.08
C SER A 16 13.59 -33.03 -14.29
N THR A 17 13.40 -32.01 -15.13
CA THR A 17 14.42 -30.98 -15.33
C THR A 17 14.07 -29.67 -14.61
N GLN A 18 12.95 -29.67 -13.88
CA GLN A 18 12.48 -28.48 -13.18
C GLN A 18 13.43 -28.03 -12.07
N THR A 19 13.63 -26.71 -11.96
CA THR A 19 14.43 -26.15 -10.85
C THR A 19 13.63 -25.10 -10.08
N VAL A 20 14.04 -24.82 -8.85
CA VAL A 20 13.45 -23.73 -8.08
C VAL A 20 14.55 -22.93 -7.41
N ASN A 21 14.20 -21.72 -6.97
CA ASN A 21 15.12 -20.93 -6.15
C ASN A 21 14.63 -20.91 -4.71
N THR A 22 15.56 -20.88 -3.77
CA THR A 22 15.22 -20.69 -2.37
C THR A 22 16.00 -19.49 -1.85
N LEU A 23 15.73 -19.08 -0.61
CA LEU A 23 16.51 -17.99 0.00
C LEU A 23 18.00 -18.32 0.02
N LEU A 24 18.32 -19.60 0.18
CA LEU A 24 19.70 -20.02 0.37
C LEU A 24 20.40 -20.48 -0.91
N GLU A 25 19.63 -21.01 -1.85
CA GLU A 25 20.20 -21.66 -3.04
C GLU A 25 19.45 -21.30 -4.31
N SER A 26 20.16 -21.30 -5.43
CA SER A 26 19.56 -20.96 -6.72
C SER A 26 19.56 -22.16 -7.67
N ASN A 27 18.48 -22.28 -8.45
CA ASN A 27 18.36 -23.32 -9.47
C ASN A 27 18.56 -24.74 -8.94
N VAL A 28 17.84 -25.08 -7.88
CA VAL A 28 17.91 -26.42 -7.29
C VAL A 28 17.00 -27.34 -8.07
N PRO A 29 17.57 -28.42 -8.64
CA PRO A 29 16.73 -29.40 -9.34
C PRO A 29 15.75 -30.05 -8.37
N VAL A 30 14.48 -30.16 -8.75
CA VAL A 30 13.46 -30.79 -7.91
C VAL A 30 12.59 -31.76 -8.72
N THR A 31 11.94 -32.70 -8.02
CA THR A 31 11.15 -33.73 -8.69
C THR A 31 9.80 -33.20 -9.19
N SER A 32 9.29 -32.16 -8.54
CA SER A 32 8.06 -31.49 -8.98
C SER A 32 7.96 -30.09 -8.39
N SER A 33 7.18 -29.24 -9.05
CA SER A 33 6.99 -27.86 -8.62
C SER A 33 5.66 -27.31 -9.13
N HIS A 34 5.28 -26.13 -8.64
CA HIS A 34 3.98 -25.55 -8.96
C HIS A 34 4.02 -24.04 -9.01
N SER A 35 3.60 -23.49 -10.14
CA SER A 35 3.58 -22.05 -10.35
C SER A 35 2.40 -21.40 -9.63
N ILE A 36 2.66 -20.25 -9.01
CA ILE A 36 1.58 -19.43 -8.46
C ILE A 36 1.46 -18.07 -9.17
N LEU A 37 2.01 -18.00 -10.38
CA LEU A 37 1.98 -16.77 -11.18
C LEU A 37 1.25 -17.00 -12.50
N GLU A 38 0.15 -16.29 -12.70
CA GLU A 38 -0.57 -16.32 -13.97
C GLU A 38 0.10 -15.43 -15.02
N LYS A 39 0.49 -16.01 -16.15
CA LYS A 39 1.26 -15.28 -17.16
C LYS A 39 0.65 -15.30 -18.56
N GLU A 40 -0.42 -16.06 -18.76
CA GLU A 40 -0.95 -16.33 -20.09
C GLU A 40 -1.62 -15.14 -20.77
N HIS A 41 -1.18 -14.83 -21.99
CA HIS A 41 -1.85 -13.85 -22.85
C HIS A 41 -2.76 -14.57 -23.84
N ASN A 42 -4.04 -14.18 -23.86
CA ASN A 42 -5.00 -14.78 -24.79
C ASN A 42 -5.69 -13.75 -25.68
N GLY A 43 -5.58 -12.48 -25.30
CA GLY A 43 -6.16 -11.39 -26.06
C GLY A 43 -7.67 -11.44 -26.19
N LEU A 44 -8.33 -12.26 -25.37
CA LEU A 44 -9.78 -12.38 -25.44
C LEU A 44 -10.50 -11.34 -24.59
N LEU A 45 -11.61 -10.83 -25.12
CA LEU A 45 -12.53 -9.99 -24.36
C LEU A 45 -13.77 -10.84 -24.10
N CYS A 46 -14.10 -11.01 -22.82
CA CYS A 46 -15.12 -11.97 -22.43
C CYS A 46 -16.23 -11.34 -21.60
N LYS A 47 -17.22 -12.17 -21.27
CA LYS A 47 -18.21 -11.80 -20.27
C LYS A 47 -17.50 -11.81 -18.92
N LEU A 48 -18.02 -11.05 -17.96
CA LEU A 48 -17.42 -11.02 -16.64
C LEU A 48 -18.35 -11.67 -15.64
N LYS A 49 -17.94 -12.83 -15.13
CA LYS A 49 -18.76 -13.64 -14.22
C LYS A 49 -20.13 -13.89 -14.83
N GLY A 50 -20.13 -14.32 -16.10
CA GLY A 50 -21.36 -14.61 -16.82
C GLY A 50 -22.16 -13.40 -17.28
N LYS A 51 -21.65 -12.20 -17.03
CA LYS A 51 -22.37 -10.97 -17.39
C LYS A 51 -21.69 -10.27 -18.57
N ALA A 52 -22.47 -10.02 -19.62
CA ALA A 52 -21.93 -9.46 -20.86
C ALA A 52 -21.53 -8.00 -20.72
N PRO A 53 -20.50 -7.59 -21.46
CA PRO A 53 -20.14 -6.16 -21.47
C PRO A 53 -21.02 -5.40 -22.46
N LEU A 54 -20.99 -4.07 -22.41
CA LEU A 54 -21.63 -3.26 -23.43
C LEU A 54 -20.61 -2.96 -24.53
N ASP A 55 -20.90 -3.40 -25.75
CA ASP A 55 -20.01 -3.16 -26.88
C ASP A 55 -20.44 -1.90 -27.58
N LEU A 56 -19.59 -0.87 -27.51
CA LEU A 56 -19.92 0.43 -28.11
C LEU A 56 -19.61 0.49 -29.60
N ILE A 57 -19.10 -0.62 -30.15
CA ILE A 57 -18.72 -0.70 -31.55
C ILE A 57 -17.67 0.38 -31.88
N ASP A 58 -18.02 1.32 -32.75
CA ASP A 58 -17.10 2.40 -33.11
C ASP A 58 -17.55 3.75 -32.56
N CYS A 59 -18.37 3.72 -31.51
CA CYS A 59 -18.87 4.94 -30.90
C CYS A 59 -18.19 5.21 -29.57
N SER A 60 -18.04 6.48 -29.21
CA SER A 60 -17.57 6.83 -27.88
C SER A 60 -18.75 6.70 -26.91
N LEU A 61 -18.46 6.62 -25.61
CA LEU A 61 -19.53 6.52 -24.63
C LEU A 61 -20.52 7.70 -24.67
N PRO A 62 -20.01 8.95 -24.75
CA PRO A 62 -20.95 10.07 -24.91
C PRO A 62 -21.79 10.00 -26.19
N ALA A 63 -21.17 9.59 -27.30
CA ALA A 63 -21.88 9.45 -28.55
C ALA A 63 -23.01 8.44 -28.42
N TRP A 64 -22.73 7.33 -27.76
CA TRP A 64 -23.73 6.28 -27.54
C TRP A 64 -24.83 6.75 -26.60
N LEU A 65 -24.45 7.39 -25.50
CA LEU A 65 -25.41 7.88 -24.53
C LEU A 65 -26.36 8.93 -25.14
N MET A 66 -25.79 9.88 -25.88
CA MET A 66 -26.56 10.99 -26.44
C MET A 66 -27.31 10.60 -27.72
N GLY A 67 -26.90 9.50 -28.33
CA GLY A 67 -27.59 9.01 -29.52
C GLY A 67 -27.14 9.68 -30.80
N ASN A 68 -25.82 9.76 -30.99
CA ASN A 68 -25.24 10.06 -32.30
C ASN A 68 -25.93 9.18 -33.33
N PRO A 69 -26.48 9.80 -34.40
CA PRO A 69 -27.23 9.06 -35.42
C PRO A 69 -26.46 7.89 -35.99
N LYS A 70 -25.13 7.96 -35.99
CA LYS A 70 -24.30 6.87 -36.49
C LYS A 70 -24.14 5.75 -35.46
N CYS A 71 -24.72 5.93 -34.28
CA CYS A 71 -24.61 4.93 -33.21
C CYS A 71 -25.95 4.22 -33.04
N ASP A 72 -25.90 2.92 -32.80
CA ASP A 72 -27.12 2.14 -32.58
C ASP A 72 -27.91 2.59 -31.36
N GLU A 73 -29.23 2.69 -31.54
CA GLU A 73 -30.14 3.10 -30.49
C GLU A 73 -30.41 1.96 -29.53
N LEU A 74 -30.53 2.29 -28.24
CA LEU A 74 -30.92 1.29 -27.25
C LEU A 74 -32.43 1.09 -27.28
N LEU A 75 -32.86 -0.05 -27.83
CA LEU A 75 -34.28 -0.33 -28.02
C LEU A 75 -34.91 -1.03 -26.81
N THR A 76 -34.14 -1.84 -26.11
CA THR A 76 -34.67 -2.61 -24.99
C THR A 76 -33.85 -2.46 -23.72
N ALA A 77 -34.49 -2.74 -22.58
CA ALA A 77 -33.81 -2.74 -21.29
C ALA A 77 -32.62 -3.69 -21.34
N SER A 78 -31.50 -3.26 -20.77
CA SER A 78 -30.28 -4.04 -20.88
C SER A 78 -29.49 -3.97 -19.58
N GLU A 79 -28.33 -4.63 -19.58
CA GLU A 79 -27.44 -4.63 -18.43
C GLU A 79 -26.06 -4.96 -18.96
N TRP A 80 -25.03 -4.63 -18.18
CA TRP A 80 -23.66 -4.96 -18.57
C TRP A 80 -22.69 -4.93 -17.39
N ALA A 81 -21.60 -5.70 -17.50
CA ALA A 81 -20.64 -5.79 -16.40
C ALA A 81 -19.57 -4.73 -16.53
N TYR A 82 -19.24 -4.40 -17.79
CA TYR A 82 -18.30 -3.32 -18.08
C TYR A 82 -18.58 -2.74 -19.45
N ILE A 83 -17.85 -1.68 -19.81
CA ILE A 83 -18.05 -1.04 -21.09
C ILE A 83 -16.82 -1.25 -21.96
N LYS A 84 -17.03 -1.68 -23.19
CA LYS A 84 -15.93 -1.88 -24.13
C LYS A 84 -15.97 -0.82 -25.24
N GLU A 85 -14.90 -0.03 -25.32
CA GLU A 85 -14.84 1.11 -26.21
C GLU A 85 -13.58 1.04 -27.06
N ASP A 86 -13.69 1.47 -28.32
CA ASP A 86 -12.52 1.55 -29.19
C ASP A 86 -11.57 2.62 -28.66
N PRO A 87 -10.26 2.39 -28.80
CA PRO A 87 -9.25 3.35 -28.34
C PRO A 87 -9.42 4.68 -29.06
N GLU A 88 -9.87 4.63 -30.31
CA GLU A 88 -10.13 5.84 -31.09
C GLU A 88 -11.41 5.70 -31.90
N PRO A 89 -12.56 5.99 -31.25
CA PRO A 89 -13.87 5.79 -31.89
C PRO A 89 -14.06 6.68 -33.12
N GLU A 90 -14.66 6.12 -34.15
CA GLU A 90 -14.95 6.85 -35.38
C GLU A 90 -16.03 7.88 -35.11
N ASN A 91 -16.98 7.48 -34.26
CA ASN A 91 -18.13 8.31 -33.95
C ASN A 91 -18.08 8.81 -32.52
N GLY A 92 -17.78 10.10 -32.36
CA GLY A 92 -17.76 10.69 -31.04
C GLY A 92 -18.77 11.80 -30.93
N ILE A 93 -18.38 12.88 -30.27
CA ILE A 93 -19.22 14.05 -30.15
C ILE A 93 -19.22 14.77 -31.51
N CYS A 94 -20.34 14.73 -32.22
CA CYS A 94 -20.38 15.28 -33.58
C CYS A 94 -20.49 16.80 -33.63
N PHE A 95 -21.33 17.37 -32.77
CA PHE A 95 -21.37 18.83 -32.63
C PHE A 95 -20.38 19.22 -31.54
N PRO A 96 -19.32 19.97 -31.90
CA PRO A 96 -18.20 20.24 -30.99
C PRO A 96 -18.63 20.94 -29.70
N GLY A 97 -18.02 20.50 -28.61
CA GLY A 97 -18.32 21.03 -27.28
C GLY A 97 -17.77 20.06 -26.25
N ASP A 98 -17.70 20.49 -25.00
CA ASP A 98 -17.15 19.64 -23.95
C ASP A 98 -18.24 18.79 -23.28
N PHE A 99 -17.93 17.52 -23.02
CA PHE A 99 -18.84 16.69 -22.25
C PHE A 99 -18.39 16.70 -20.79
N ASP A 100 -19.22 17.30 -19.94
CA ASP A 100 -18.86 17.55 -18.55
C ASP A 100 -18.81 16.29 -17.69
N SER A 101 -17.79 16.22 -16.85
CA SER A 101 -17.63 15.16 -15.84
C SER A 101 -17.81 13.75 -16.38
N LEU A 102 -17.12 13.40 -17.46
CA LEU A 102 -17.27 12.06 -18.05
C LEU A 102 -16.76 10.99 -17.09
N GLU A 103 -15.70 11.29 -16.36
CA GLU A 103 -15.10 10.33 -15.45
C GLU A 103 -16.05 9.94 -14.32
N ASP A 104 -16.69 10.93 -13.72
CA ASP A 104 -17.68 10.65 -12.69
C ASP A 104 -18.87 9.85 -13.25
N LEU A 105 -19.26 10.14 -14.48
CA LEU A 105 -20.37 9.41 -15.13
C LEU A 105 -20.04 7.94 -15.30
N ILE A 106 -18.80 7.67 -15.72
CA ILE A 106 -18.33 6.30 -15.91
C ILE A 106 -18.49 5.47 -14.64
N LEU A 107 -18.20 6.09 -13.49
CA LEU A 107 -18.41 5.44 -12.19
C LEU A 107 -19.84 4.94 -12.01
N LEU A 108 -20.79 5.68 -12.57
CA LEU A 108 -22.20 5.38 -12.37
C LEU A 108 -22.74 4.32 -13.34
N VAL A 109 -22.21 4.30 -14.57
CA VAL A 109 -22.80 3.45 -15.61
C VAL A 109 -21.88 2.35 -16.16
N SER A 110 -20.74 2.12 -15.51
CA SER A 110 -19.81 1.12 -16.02
C SER A 110 -20.35 -0.29 -15.82
N ASN A 111 -21.11 -0.46 -14.74
CA ASN A 111 -21.70 -1.75 -14.39
C ASN A 111 -23.13 -1.50 -13.94
N THR A 112 -24.10 -1.98 -14.72
CA THR A 112 -25.50 -1.68 -14.48
C THR A 112 -26.37 -2.95 -14.58
N ASP A 113 -27.50 -2.97 -13.87
CA ASP A 113 -28.34 -4.18 -13.80
C ASP A 113 -29.65 -4.05 -14.56
N HIS A 114 -30.14 -2.82 -14.67
CA HIS A 114 -31.22 -2.50 -15.57
C HIS A 114 -30.80 -1.19 -16.21
N PHE A 115 -31.10 -1.03 -17.49
CA PHE A 115 -30.73 0.18 -18.20
C PHE A 115 -31.73 0.31 -19.34
N ARG A 116 -32.53 1.36 -19.27
CA ARG A 116 -33.71 1.50 -20.09
C ARG A 116 -33.88 2.94 -20.54
N LYS A 117 -33.99 3.15 -21.85
CA LYS A 117 -34.26 4.47 -22.40
C LYS A 117 -35.76 4.74 -22.37
N GLU A 118 -36.13 5.97 -22.05
CA GLU A 118 -37.53 6.36 -22.01
C GLU A 118 -37.68 7.83 -22.39
N LYS A 119 -38.77 8.15 -23.08
CA LYS A 119 -39.07 9.54 -23.40
C LYS A 119 -39.49 10.28 -22.14
N ILE A 120 -38.85 11.40 -21.87
CA ILE A 120 -39.05 12.14 -20.64
C ILE A 120 -39.90 13.38 -20.90
N ILE A 121 -39.71 13.99 -22.07
CA ILE A 121 -40.37 15.26 -22.39
C ILE A 121 -41.14 15.20 -23.70
N ASP A 122 -42.40 15.63 -23.65
CA ASP A 122 -43.20 15.81 -24.86
C ASP A 122 -42.83 17.16 -25.45
N MET A 123 -41.98 17.17 -26.47
CA MET A 123 -41.46 18.43 -26.99
C MET A 123 -42.53 19.25 -27.74
N THR A 124 -43.62 18.58 -28.13
CA THR A 124 -44.70 19.26 -28.86
C THR A 124 -45.48 20.25 -27.99
N ARG A 125 -45.31 20.17 -26.68
CA ARG A 125 -46.06 21.03 -25.76
C ARG A 125 -45.58 22.49 -25.75
N PHE A 126 -44.46 22.76 -26.42
CA PHE A 126 -43.92 24.11 -26.47
C PHE A 126 -44.35 24.82 -27.76
N SER A 127 -44.79 26.06 -27.62
CA SER A 127 -45.30 26.83 -28.76
C SER A 127 -44.35 27.96 -29.16
N ASP A 128 -44.48 28.42 -30.39
CA ASP A 128 -43.67 29.51 -30.94
C ASP A 128 -42.17 29.21 -30.91
N VAL A 129 -41.82 27.94 -31.02
CA VAL A 129 -40.43 27.51 -31.16
C VAL A 129 -40.33 26.40 -32.20
N THR A 130 -39.12 26.10 -32.66
CA THR A 130 -38.91 24.93 -33.50
C THR A 130 -38.19 23.85 -32.67
N THR A 131 -38.49 22.58 -32.94
CA THR A 131 -37.86 21.48 -32.20
C THR A 131 -37.24 20.48 -33.17
N ASN A 132 -36.52 19.50 -32.62
CA ASN A 132 -35.93 18.43 -33.42
C ASN A 132 -35.07 18.97 -34.55
N ASN A 133 -34.39 20.09 -34.28
CA ASN A 133 -33.49 20.69 -35.27
C ASN A 133 -32.28 19.82 -35.57
N VAL A 134 -31.71 20.00 -36.75
CA VAL A 134 -30.64 19.14 -37.23
C VAL A 134 -29.43 19.95 -37.68
N ASP A 135 -28.34 19.27 -37.98
CA ASP A 135 -27.11 19.93 -38.37
C ASP A 135 -26.23 19.00 -39.19
N SER A 136 -25.50 19.57 -40.15
CA SER A 136 -24.69 18.76 -41.05
C SER A 136 -23.48 18.12 -40.36
N ALA A 137 -23.15 18.61 -39.16
CA ALA A 137 -22.05 18.04 -38.40
C ALA A 137 -22.43 16.71 -37.73
N CYS A 138 -23.73 16.44 -37.65
CA CYS A 138 -24.24 15.20 -37.05
C CYS A 138 -25.13 14.44 -38.02
N PRO A 139 -24.56 13.90 -39.11
CA PRO A 139 -25.34 13.24 -40.15
C PRO A 139 -25.71 11.79 -39.83
N TYR A 140 -26.75 11.28 -40.48
CA TYR A 140 -27.14 9.88 -40.39
C TYR A 140 -26.07 8.96 -40.98
N ASP A 141 -25.59 9.38 -42.15
CA ASP A 141 -24.46 8.78 -42.84
C ASP A 141 -24.02 9.85 -43.81
N THR A 142 -23.16 9.51 -44.76
CA THR A 142 -22.61 10.46 -45.73
C THR A 142 -23.57 11.59 -46.14
N ASN A 143 -23.23 12.82 -45.75
CA ASN A 143 -23.92 14.05 -46.20
C ASN A 143 -25.32 14.35 -45.65
N GLY A 144 -25.87 13.45 -44.84
CA GLY A 144 -27.16 13.73 -44.22
C GLY A 144 -27.08 14.88 -43.24
N ALA A 145 -28.22 15.25 -42.67
CA ALA A 145 -28.22 16.18 -41.56
C ALA A 145 -29.21 15.67 -40.52
N SER A 146 -28.71 15.46 -39.31
CA SER A 146 -29.51 14.92 -38.23
C SER A 146 -29.02 15.50 -36.90
N PHE A 147 -29.26 14.81 -35.80
CA PHE A 147 -28.81 15.25 -34.49
C PHE A 147 -28.86 14.08 -33.52
N TYR A 148 -28.30 14.29 -32.33
CA TYR A 148 -28.41 13.30 -31.26
C TYR A 148 -29.89 12.96 -31.06
N ARG A 149 -30.21 11.66 -31.00
CA ARG A 149 -31.61 11.22 -30.86
C ARG A 149 -32.20 11.63 -29.52
N ASN A 150 -31.39 11.60 -28.46
CA ASN A 150 -31.89 11.81 -27.11
C ASN A 150 -31.97 13.28 -26.74
N LEU A 151 -31.29 14.12 -27.52
CA LEU A 151 -31.15 15.52 -27.18
C LEU A 151 -31.87 16.37 -28.20
N ASN A 152 -32.83 17.18 -27.74
CA ASN A 152 -33.68 17.93 -28.67
C ASN A 152 -33.30 19.39 -28.74
N TRP A 153 -32.77 19.81 -29.89
CA TRP A 153 -32.37 21.19 -30.08
C TRP A 153 -33.56 22.10 -30.41
N VAL A 154 -33.92 22.93 -29.44
CA VAL A 154 -34.99 23.90 -29.61
C VAL A 154 -34.43 25.21 -30.13
N GLN A 155 -35.09 25.79 -31.14
CA GLN A 155 -34.68 27.08 -31.67
C GLN A 155 -35.85 28.05 -31.76
N GLN A 156 -35.55 29.30 -32.11
CA GLN A 156 -36.55 30.34 -32.32
C GLN A 156 -37.34 30.71 -31.07
N ASN A 157 -36.67 30.64 -29.91
CA ASN A 157 -37.28 31.07 -28.66
C ASN A 157 -37.74 32.52 -28.70
N LYS A 158 -36.99 33.36 -29.40
CA LYS A 158 -37.25 34.81 -29.44
C LYS A 158 -37.36 35.40 -28.03
N GLY A 159 -36.51 34.94 -27.13
CA GLY A 159 -36.48 35.43 -25.76
C GLY A 159 -37.63 34.95 -24.90
N LYS A 160 -38.53 34.16 -25.48
CA LYS A 160 -39.66 33.62 -24.73
C LYS A 160 -39.22 32.55 -23.72
N GLN A 161 -39.79 32.62 -22.52
CA GLN A 161 -39.44 31.66 -21.47
C GLN A 161 -40.26 30.38 -21.59
N LEU A 162 -39.58 29.24 -21.76
CA LEU A 162 -40.25 27.95 -21.73
C LEU A 162 -40.12 27.39 -20.31
N ILE A 163 -41.18 26.79 -19.81
CA ILE A 163 -41.18 26.25 -18.46
C ILE A 163 -41.60 24.80 -18.51
N PHE A 164 -40.82 23.95 -17.84
CA PHE A 164 -41.10 22.51 -17.82
C PHE A 164 -40.77 21.89 -16.48
N HIS A 165 -41.60 20.94 -16.07
CA HIS A 165 -41.39 20.23 -14.81
C HIS A 165 -41.63 18.74 -15.01
N TYR A 166 -40.87 17.92 -14.29
CA TYR A 166 -40.98 16.48 -14.42
C TYR A 166 -40.79 15.82 -13.06
N GLN A 167 -41.55 14.76 -12.83
CA GLN A 167 -41.45 14.02 -11.58
C GLN A 167 -41.07 12.58 -11.88
N ASN A 168 -40.02 12.09 -11.22
CA ASN A 168 -39.63 10.70 -11.37
C ASN A 168 -40.47 9.83 -10.44
N SER A 169 -41.47 9.16 -11.00
CA SER A 169 -42.37 8.32 -10.22
C SER A 169 -42.00 6.84 -10.33
N GLU A 170 -40.84 6.56 -10.92
CA GLU A 170 -40.36 5.18 -10.99
C GLU A 170 -39.45 4.81 -9.82
N ASN A 171 -38.99 3.56 -9.80
CA ASN A 171 -38.24 3.03 -8.67
C ASN A 171 -36.73 3.13 -8.90
N ASN A 172 -36.35 3.58 -10.09
CA ASN A 172 -34.94 3.70 -10.42
C ASN A 172 -34.55 5.14 -10.70
N PRO A 173 -33.28 5.48 -10.46
CA PRO A 173 -32.80 6.83 -10.79
C PRO A 173 -32.84 7.08 -12.29
N LEU A 174 -32.98 8.34 -12.68
CA LEU A 174 -33.04 8.72 -14.09
C LEU A 174 -31.81 9.51 -14.52
N LEU A 175 -31.09 9.02 -15.52
CA LEU A 175 -29.98 9.76 -16.09
C LEU A 175 -30.46 10.62 -17.26
N ILE A 176 -30.29 11.93 -17.16
CA ILE A 176 -30.57 12.84 -18.26
C ILE A 176 -29.35 13.63 -18.68
N ILE A 177 -29.26 13.91 -19.98
CA ILE A 177 -28.13 14.62 -20.55
C ILE A 177 -28.68 15.76 -21.40
N TRP A 178 -28.11 16.95 -21.24
CA TRP A 178 -28.60 18.12 -21.98
C TRP A 178 -27.45 18.91 -22.58
N GLY A 179 -27.77 19.92 -23.38
CA GLY A 179 -26.77 20.71 -24.06
C GLY A 179 -27.03 22.20 -23.95
N VAL A 180 -25.95 22.97 -23.95
CA VAL A 180 -26.03 24.42 -23.86
C VAL A 180 -25.31 25.05 -25.04
N HIS A 181 -26.03 25.86 -25.82
CA HIS A 181 -25.51 26.43 -27.06
C HIS A 181 -24.73 27.71 -26.79
N GLN A 182 -23.43 27.67 -27.05
CA GLN A 182 -22.61 28.88 -27.06
C GLN A 182 -22.50 29.39 -28.50
N THR A 183 -23.13 30.52 -28.79
CA THR A 183 -23.11 31.06 -30.15
C THR A 183 -21.84 31.85 -30.43
N SER A 184 -21.52 31.99 -31.71
CA SER A 184 -20.28 32.62 -32.16
C SER A 184 -20.34 34.16 -32.09
N ASN A 185 -21.50 34.71 -32.45
CA ASN A 185 -21.67 36.16 -32.53
C ASN A 185 -23.16 36.55 -32.50
N ALA A 186 -23.42 37.85 -32.38
CA ALA A 186 -24.79 38.35 -32.27
C ALA A 186 -25.65 37.95 -33.47
N ALA A 187 -25.03 37.90 -34.64
CA ALA A 187 -25.71 37.54 -35.86
C ALA A 187 -26.20 36.09 -35.82
N GLU A 188 -25.30 35.20 -35.43
CA GLU A 188 -25.64 33.78 -35.30
C GLU A 188 -26.71 33.59 -34.23
N GLN A 189 -26.56 34.31 -33.11
CA GLN A 189 -27.55 34.25 -32.05
C GLN A 189 -28.95 34.61 -32.55
N ASN A 190 -29.03 35.62 -33.40
CA ASN A 190 -30.31 36.03 -33.97
C ASN A 190 -30.88 35.01 -34.94
N THR A 191 -30.03 34.53 -35.84
CA THR A 191 -30.41 33.51 -36.81
C THR A 191 -31.06 32.31 -36.12
N TYR A 192 -30.47 31.87 -35.02
CA TYR A 192 -30.92 30.66 -34.33
C TYR A 192 -32.09 30.88 -33.35
N TYR A 193 -32.08 32.01 -32.65
CA TYR A 193 -33.03 32.22 -31.57
C TYR A 193 -33.85 33.50 -31.70
N GLY A 194 -33.46 34.37 -32.61
CA GLY A 194 -34.21 35.59 -32.89
C GLY A 194 -34.25 36.57 -31.73
N SER A 195 -33.20 36.56 -30.92
CA SER A 195 -33.10 37.46 -29.76
C SER A 195 -31.72 37.36 -29.12
N GLN A 196 -31.24 38.46 -28.56
CA GLN A 196 -29.95 38.44 -27.86
C GLN A 196 -30.12 38.02 -26.41
N THR A 197 -31.02 37.05 -26.19
CA THR A 197 -31.18 36.43 -24.89
C THR A 197 -31.25 34.92 -25.10
N GLY A 198 -30.97 34.17 -24.04
CA GLY A 198 -31.00 32.72 -24.09
C GLY A 198 -30.26 32.10 -22.93
N SER A 199 -30.90 32.06 -21.78
CA SER A 199 -30.32 31.47 -20.57
C SER A 199 -31.21 30.34 -20.09
N THR A 200 -30.61 29.34 -19.48
CA THR A 200 -31.37 28.21 -18.98
C THR A 200 -30.98 27.85 -17.57
N THR A 201 -31.97 27.64 -16.73
CA THR A 201 -31.73 27.11 -15.41
C THR A 201 -32.39 25.75 -15.35
N ILE A 202 -31.61 24.71 -15.05
CA ILE A 202 -32.20 23.40 -14.87
C ILE A 202 -31.93 22.96 -13.44
N THR A 203 -32.99 22.58 -12.75
CA THR A 203 -32.92 22.28 -11.33
C THR A 203 -33.18 20.79 -11.14
N ILE A 204 -32.29 20.11 -10.44
CA ILE A 204 -32.46 18.70 -10.13
C ILE A 204 -32.45 18.55 -8.62
N GLY A 205 -33.58 18.13 -8.06
CA GLY A 205 -33.77 18.13 -6.63
C GLY A 205 -33.59 19.53 -6.08
N GLU A 206 -32.62 19.70 -5.17
CA GLU A 206 -32.36 21.00 -4.57
C GLU A 206 -31.15 21.66 -5.23
N GLU A 207 -30.70 21.08 -6.34
CA GLU A 207 -29.47 21.54 -7.00
C GLU A 207 -29.80 22.40 -8.23
N THR A 208 -29.31 23.62 -8.23
CA THR A 208 -29.55 24.55 -9.33
C THR A 208 -28.37 24.62 -10.28
N ASN A 209 -28.63 24.49 -11.58
CA ASN A 209 -27.59 24.68 -12.58
C ASN A 209 -28.01 25.79 -13.52
N THR A 210 -27.27 26.89 -13.53
CA THR A 210 -27.63 28.04 -14.36
C THR A 210 -26.63 28.27 -15.47
N TYR A 211 -27.14 28.44 -16.68
CA TYR A 211 -26.32 28.61 -17.86
C TYR A 211 -26.67 29.92 -18.55
N PRO A 212 -25.97 31.00 -18.17
CA PRO A 212 -26.24 32.30 -18.78
C PRO A 212 -25.85 32.29 -20.26
N LEU A 213 -26.45 33.19 -21.03
CA LEU A 213 -26.11 33.32 -22.43
C LEU A 213 -24.63 33.68 -22.60
N VAL A 214 -23.91 32.84 -23.35
CA VAL A 214 -22.53 33.14 -23.70
C VAL A 214 -22.39 33.23 -25.21
N ILE A 215 -21.95 34.39 -25.68
CA ILE A 215 -21.67 34.59 -27.09
C ILE A 215 -20.17 34.86 -27.24
N SER A 216 -19.48 34.00 -27.97
CA SER A 216 -18.03 34.09 -28.07
C SER A 216 -17.54 33.22 -29.23
N GLU A 217 -16.59 33.75 -29.98
CA GLU A 217 -16.00 33.05 -31.11
C GLU A 217 -15.05 31.97 -30.62
N SER A 218 -15.06 30.82 -31.29
CA SER A 218 -14.03 29.82 -31.07
C SER A 218 -13.47 29.40 -32.41
N SER A 219 -12.41 28.60 -32.39
CA SER A 219 -11.83 28.08 -33.61
C SER A 219 -12.81 27.12 -34.27
N ILE A 220 -12.70 26.95 -35.58
CA ILE A 220 -13.65 26.11 -36.30
C ILE A 220 -13.34 24.62 -36.19
N LEU A 221 -14.30 23.88 -35.68
CA LEU A 221 -14.21 22.42 -35.57
C LEU A 221 -15.46 21.81 -36.17
N ASN A 222 -15.28 20.86 -37.11
CA ASN A 222 -16.39 20.22 -37.79
C ASN A 222 -17.36 21.25 -38.39
N GLY A 223 -16.81 22.28 -39.02
CA GLY A 223 -17.61 23.31 -39.65
C GLY A 223 -18.27 24.27 -38.68
N HIS A 224 -17.84 24.23 -37.42
CA HIS A 224 -18.47 25.05 -36.39
C HIS A 224 -17.49 25.92 -35.61
N SER A 225 -17.78 27.22 -35.54
CA SER A 225 -17.03 28.13 -34.70
C SER A 225 -17.78 28.29 -33.38
N ASP A 226 -19.03 27.83 -33.36
CA ASP A 226 -19.83 27.79 -32.14
C ASP A 226 -19.69 26.44 -31.43
N ARG A 227 -20.27 26.33 -30.24
CA ARG A 227 -20.16 25.10 -29.46
C ARG A 227 -21.48 24.75 -28.78
N ILE A 228 -21.72 23.45 -28.60
CA ILE A 228 -22.75 23.00 -27.68
C ILE A 228 -22.10 22.16 -26.59
N ASN A 229 -22.15 22.67 -25.36
CA ASN A 229 -21.53 21.98 -24.25
C ASN A 229 -22.55 21.09 -23.56
N TYR A 230 -22.10 19.90 -23.18
CA TYR A 230 -23.01 18.88 -22.66
C TYR A 230 -22.86 18.68 -21.16
N PHE A 231 -23.98 18.47 -20.49
CA PHE A 231 -24.00 18.27 -19.06
C PHE A 231 -25.01 17.18 -18.76
N TRP A 232 -24.91 16.59 -17.57
CA TRP A 232 -25.80 15.51 -17.17
C TRP A 232 -26.13 15.60 -15.69
N GLY A 233 -27.19 14.93 -15.28
CA GLY A 233 -27.58 14.87 -13.89
C GLY A 233 -28.38 13.61 -13.66
N VAL A 234 -28.58 13.27 -12.39
CA VAL A 234 -29.33 12.07 -12.03
C VAL A 234 -30.52 12.48 -11.17
N VAL A 235 -31.73 12.13 -11.62
CA VAL A 235 -32.94 12.42 -10.87
C VAL A 235 -33.38 11.16 -10.12
N ASN A 236 -33.27 11.19 -8.79
CA ASN A 236 -33.57 10.03 -7.96
C ASN A 236 -35.08 9.73 -7.95
N PRO A 237 -35.46 8.49 -7.59
CA PRO A 237 -36.87 8.15 -7.41
C PRO A 237 -37.58 9.18 -6.51
N ASN A 238 -38.74 9.66 -6.96
CA ASN A 238 -39.53 10.67 -6.25
C ASN A 238 -38.92 12.07 -6.21
N GLN A 239 -37.81 12.27 -6.91
CA GLN A 239 -37.26 13.61 -7.07
C GLN A 239 -37.84 14.23 -8.33
N ASN A 240 -37.82 15.55 -8.38
CA ASN A 240 -38.30 16.28 -9.53
C ASN A 240 -37.13 16.96 -10.21
N PHE A 241 -37.30 17.28 -11.49
CA PHE A 241 -36.43 18.25 -12.10
C PHE A 241 -37.25 19.25 -12.91
N SER A 242 -36.69 20.44 -13.11
CA SER A 242 -37.42 21.47 -13.85
C SER A 242 -36.48 22.27 -14.71
N ILE A 243 -37.02 22.86 -15.77
CA ILE A 243 -36.23 23.66 -16.70
C ILE A 243 -36.93 24.98 -16.97
N VAL A 244 -36.16 26.06 -16.92
CA VAL A 244 -36.63 27.36 -17.34
C VAL A 244 -35.62 27.88 -18.36
N SER A 245 -36.07 28.07 -19.60
CA SER A 245 -35.17 28.44 -20.68
C SER A 245 -35.73 29.52 -21.57
N THR A 246 -34.89 30.48 -21.92
CA THR A 246 -35.27 31.54 -22.85
C THR A 246 -34.53 31.39 -24.17
N GLY A 247 -33.79 30.29 -24.32
CA GLY A 247 -33.07 30.04 -25.55
C GLY A 247 -31.77 29.30 -25.34
N ASN A 248 -31.10 29.00 -26.46
CA ASN A 248 -29.77 28.38 -26.43
C ASN A 248 -29.72 27.05 -25.68
N PHE A 249 -30.81 26.28 -25.75
CA PHE A 249 -30.86 25.05 -24.98
C PHE A 249 -31.18 23.81 -25.80
N ILE A 250 -30.49 22.73 -25.48
CA ILE A 250 -30.72 21.44 -26.11
C ILE A 250 -31.32 20.53 -25.04
N TRP A 251 -32.57 20.14 -25.25
CA TRP A 251 -33.37 19.54 -24.20
C TRP A 251 -33.17 18.04 -24.05
N PRO A 252 -33.23 17.56 -22.81
CA PRO A 252 -33.12 16.13 -22.52
C PRO A 252 -34.46 15.44 -22.73
N GLU A 253 -34.84 15.32 -24.01
CA GLU A 253 -36.11 14.70 -24.37
C GLU A 253 -36.17 13.25 -23.93
N TYR A 254 -35.08 12.52 -24.16
CA TYR A 254 -34.97 11.14 -23.71
C TYR A 254 -33.93 11.02 -22.59
N GLY A 255 -34.14 10.06 -21.70
CA GLY A 255 -33.20 9.80 -20.62
C GLY A 255 -33.11 8.31 -20.35
N TYR A 256 -32.29 7.91 -19.39
CA TYR A 256 -32.14 6.50 -19.05
C TYR A 256 -32.47 6.20 -17.59
N PHE A 257 -33.42 5.29 -17.38
CA PHE A 257 -33.62 4.72 -16.06
C PHE A 257 -32.64 3.57 -15.88
N PHE A 258 -32.00 3.49 -14.72
CA PHE A 258 -30.97 2.51 -14.49
C PHE A 258 -30.87 2.12 -13.01
N GLN A 259 -30.36 0.93 -12.75
CA GLN A 259 -30.16 0.46 -11.39
C GLN A 259 -28.66 0.33 -11.13
N LYS A 260 -28.17 1.08 -10.15
CA LYS A 260 -26.77 1.05 -9.78
C LYS A 260 -26.33 -0.31 -9.24
N THR A 261 -25.06 -0.64 -9.47
CA THR A 261 -24.47 -1.83 -8.89
C THR A 261 -23.40 -1.41 -7.89
N THR A 262 -22.89 -2.35 -7.10
CA THR A 262 -21.90 -2.04 -6.07
C THR A 262 -20.47 -2.07 -6.58
N ASN A 263 -20.20 -2.87 -7.61
CA ASN A 263 -18.83 -3.08 -8.05
C ASN A 263 -18.53 -2.27 -9.31
N ILE A 264 -17.75 -1.20 -9.15
CA ILE A 264 -17.39 -0.35 -10.28
C ILE A 264 -16.31 -1.02 -11.12
N SER A 265 -16.58 -1.19 -12.41
CA SER A 265 -15.63 -1.84 -13.31
C SER A 265 -14.84 -0.79 -14.07
N GLY A 266 -15.39 -0.34 -15.19
CA GLY A 266 -14.79 0.76 -15.93
C GLY A 266 -14.87 0.54 -17.42
N ILE A 267 -14.03 1.23 -18.16
CA ILE A 267 -14.03 1.11 -19.61
C ILE A 267 -12.81 0.33 -20.06
N ILE A 268 -13.05 -0.76 -20.80
CA ILE A 268 -11.97 -1.53 -21.41
C ILE A 268 -11.77 -1.00 -22.83
N LYS A 269 -10.59 -0.45 -23.09
CA LYS A 269 -10.31 0.16 -24.39
C LYS A 269 -9.58 -0.81 -25.28
N SER A 270 -10.22 -1.24 -26.36
CA SER A 270 -9.63 -2.22 -27.27
C SER A 270 -10.26 -2.17 -28.66
N SER A 271 -9.48 -2.53 -29.67
CA SER A 271 -10.00 -2.63 -31.04
C SER A 271 -10.69 -3.97 -31.25
N GLU A 272 -10.34 -4.95 -30.42
CA GLU A 272 -10.85 -6.31 -30.56
C GLU A 272 -12.37 -6.37 -30.38
N LYS A 273 -12.98 -7.43 -30.87
CA LYS A 273 -14.41 -7.63 -30.67
C LYS A 273 -14.62 -8.51 -29.44
N ILE A 274 -15.86 -8.58 -28.98
CA ILE A 274 -16.20 -9.39 -27.81
C ILE A 274 -16.31 -10.86 -28.23
N SER A 275 -15.53 -11.73 -27.61
CA SER A 275 -15.62 -13.16 -27.93
C SER A 275 -16.68 -13.83 -27.08
N ASP A 276 -17.02 -15.07 -27.44
CA ASP A 276 -18.02 -15.82 -26.71
C ASP A 276 -17.31 -16.62 -25.62
N CYS A 277 -16.90 -15.92 -24.56
CA CYS A 277 -16.14 -16.53 -23.49
C CYS A 277 -16.51 -15.89 -22.16
N ASP A 278 -16.02 -16.46 -21.08
CA ASP A 278 -16.38 -16.00 -19.74
C ASP A 278 -15.16 -16.05 -18.84
N THR A 279 -14.98 -15.00 -18.05
CA THR A 279 -13.79 -14.88 -17.20
C THR A 279 -14.14 -14.21 -15.88
N ILE A 280 -13.36 -14.49 -14.83
CA ILE A 280 -13.58 -13.84 -13.55
C ILE A 280 -12.79 -12.53 -13.47
N CYS A 281 -11.85 -12.35 -14.39
CA CYS A 281 -11.02 -11.15 -14.41
C CYS A 281 -10.68 -10.78 -15.84
N GLN A 282 -10.87 -9.50 -16.18
CA GLN A 282 -10.67 -9.03 -17.56
C GLN A 282 -9.69 -7.86 -17.63
N THR A 283 -8.82 -7.86 -18.64
CA THR A 283 -7.96 -6.70 -18.93
C THR A 283 -8.13 -6.30 -20.38
N LYS A 284 -7.54 -5.17 -20.76
CA LYS A 284 -7.66 -4.68 -22.12
C LYS A 284 -6.80 -5.44 -23.13
N ILE A 285 -5.87 -6.26 -22.62
CA ILE A 285 -5.05 -7.10 -23.49
C ILE A 285 -5.37 -8.59 -23.33
N GLY A 286 -6.46 -8.90 -22.65
CA GLY A 286 -6.88 -10.29 -22.52
C GLY A 286 -7.51 -10.65 -21.18
N ALA A 287 -8.14 -11.82 -21.13
CA ALA A 287 -8.77 -12.29 -19.90
C ALA A 287 -7.74 -12.91 -18.95
N ILE A 288 -7.93 -12.71 -17.65
CA ILE A 288 -7.11 -13.39 -16.65
C ILE A 288 -8.04 -14.34 -15.89
N ASN A 289 -8.29 -15.49 -16.52
CA ASN A 289 -9.26 -16.46 -16.08
C ASN A 289 -8.55 -17.48 -15.19
N SER A 290 -8.24 -17.04 -13.97
CA SER A 290 -7.34 -17.78 -13.09
C SER A 290 -7.53 -17.38 -11.63
N THR A 291 -7.45 -18.35 -10.73
CA THR A 291 -7.52 -18.08 -9.30
C THR A 291 -6.14 -18.08 -8.65
N LEU A 292 -5.09 -18.09 -9.46
CA LEU A 292 -3.73 -17.91 -8.92
C LEU A 292 -3.64 -16.54 -8.23
N PRO A 293 -2.82 -16.44 -7.18
CA PRO A 293 -2.77 -15.20 -6.39
C PRO A 293 -2.08 -14.04 -7.09
N PHE A 294 -1.20 -14.32 -8.05
CA PHE A 294 -0.44 -13.26 -8.71
C PHE A 294 -0.52 -13.33 -10.24
N GLN A 295 -0.33 -12.20 -10.90
CA GLN A 295 -0.29 -12.13 -12.36
C GLN A 295 0.68 -11.05 -12.79
N ASN A 296 1.36 -11.25 -13.90
CA ASN A 296 2.29 -10.25 -14.42
C ASN A 296 1.86 -9.74 -15.78
N ILE A 297 0.56 -9.87 -16.05
CA ILE A 297 0.01 -9.59 -17.37
C ILE A 297 -0.34 -8.11 -17.55
N HIS A 298 -1.00 -7.51 -16.58
CA HIS A 298 -1.42 -6.12 -16.72
C HIS A 298 -1.71 -5.42 -15.40
N GLN A 299 -1.27 -4.16 -15.32
CA GLN A 299 -1.52 -3.33 -14.14
C GLN A 299 -3.01 -3.09 -13.89
N ASN A 300 -3.76 -2.88 -14.96
CA ASN A 300 -5.18 -2.56 -14.82
C ASN A 300 -6.09 -3.70 -15.25
N ALA A 301 -7.10 -3.98 -14.43
CA ALA A 301 -8.02 -5.08 -14.69
C ALA A 301 -9.34 -4.85 -13.96
N ILE A 302 -10.32 -5.70 -14.24
CA ILE A 302 -11.61 -5.65 -13.57
C ILE A 302 -12.06 -7.03 -13.11
N GLY A 303 -12.70 -7.09 -11.94
CA GLY A 303 -13.28 -8.33 -11.46
C GLY A 303 -12.53 -8.95 -10.30
N ASP A 304 -12.53 -10.27 -10.24
CA ASP A 304 -11.88 -11.01 -9.16
C ASP A 304 -10.50 -11.44 -9.67
N CYS A 305 -9.48 -10.65 -9.32
CA CYS A 305 -8.21 -10.69 -10.03
C CYS A 305 -7.03 -11.01 -9.11
N PRO A 306 -6.01 -11.71 -9.64
CA PRO A 306 -4.75 -11.90 -8.91
C PRO A 306 -4.06 -10.55 -8.73
N LYS A 307 -3.10 -10.44 -7.81
CA LYS A 307 -2.39 -9.18 -7.67
C LYS A 307 -1.34 -9.02 -8.76
N TYR A 308 -1.25 -7.81 -9.31
CA TYR A 308 -0.24 -7.53 -10.33
C TYR A 308 1.15 -7.47 -9.69
N VAL A 309 2.09 -8.22 -10.27
CA VAL A 309 3.49 -8.18 -9.85
C VAL A 309 4.38 -8.11 -11.08
N LYS A 310 5.65 -7.77 -10.89
CA LYS A 310 6.58 -7.65 -12.02
C LYS A 310 7.50 -8.87 -12.18
N ALA A 311 7.33 -9.86 -11.31
CA ALA A 311 8.06 -11.12 -11.37
C ALA A 311 7.93 -11.84 -12.72
N GLN A 312 9.03 -12.46 -13.15
CA GLN A 312 9.00 -13.27 -14.36
C GLN A 312 8.41 -14.65 -14.08
N GLU A 313 8.60 -15.13 -12.86
CA GLU A 313 8.03 -16.39 -12.43
C GLU A 313 7.99 -16.53 -10.91
N LEU A 314 7.02 -17.30 -10.41
CA LEU A 314 6.95 -17.63 -8.99
C LEU A 314 6.62 -19.12 -8.86
N VAL A 315 7.66 -19.93 -8.71
CA VAL A 315 7.48 -21.38 -8.66
C VAL A 315 7.77 -21.94 -7.28
N LEU A 316 6.74 -22.53 -6.67
CA LEU A 316 6.88 -23.21 -5.40
C LEU A 316 7.42 -24.61 -5.60
N ALA A 317 8.42 -24.98 -4.80
CA ALA A 317 8.86 -26.36 -4.75
C ALA A 317 7.73 -27.19 -4.14
N THR A 318 7.48 -28.37 -4.70
CA THR A 318 6.58 -29.32 -4.05
C THR A 318 7.28 -30.63 -3.78
N GLY A 319 8.01 -31.12 -4.79
CA GLY A 319 8.70 -32.39 -4.67
C GLY A 319 10.04 -32.23 -3.96
N LEU A 320 10.91 -33.23 -4.14
CA LEU A 320 12.16 -33.33 -3.41
C LEU A 320 13.32 -32.84 -4.28
N ARG A 321 14.47 -32.58 -3.65
CA ARG A 321 15.68 -32.31 -4.41
C ARG A 321 15.90 -33.48 -5.36
N ASN A 322 16.11 -33.20 -6.64
CA ASN A 322 16.28 -34.27 -7.60
C ASN A 322 17.76 -34.57 -7.78
N ASN A 323 18.34 -35.27 -6.81
CA ASN A 323 19.76 -35.60 -6.84
C ASN A 323 19.99 -37.10 -6.74
N PRO A 324 19.61 -37.84 -7.80
CA PRO A 324 19.71 -39.31 -7.75
C PRO A 324 21.13 -39.79 -7.58
N ILE A 325 21.29 -40.95 -6.94
CA ILE A 325 22.60 -41.56 -6.74
C ILE A 325 23.18 -42.03 -8.08
N ALA A 334 25.05 -53.95 -3.31
CA ALA A 334 24.26 -53.24 -2.32
C ALA A 334 24.13 -51.76 -2.70
N ILE A 335 22.92 -51.22 -2.54
CA ILE A 335 22.66 -49.83 -2.88
C ILE A 335 22.76 -48.97 -1.62
N ALA A 336 23.16 -47.72 -1.79
CA ALA A 336 23.29 -46.82 -0.65
C ALA A 336 21.95 -46.13 -0.42
N GLY A 337 21.85 -45.35 0.66
CA GLY A 337 20.60 -44.72 1.02
C GLY A 337 20.60 -43.20 0.89
N PHE A 338 19.73 -42.56 1.66
CA PHE A 338 19.43 -41.14 1.50
C PHE A 338 20.65 -40.23 1.60
N ILE A 339 21.64 -40.64 2.40
CA ILE A 339 22.86 -39.86 2.57
C ILE A 339 23.55 -39.56 1.22
N GLU A 340 23.46 -40.46 0.26
CA GLU A 340 24.19 -40.28 -0.99
C GLU A 340 23.32 -39.75 -2.13
N GLY A 341 22.02 -39.61 -1.89
CA GLY A 341 21.11 -39.10 -2.89
C GLY A 341 19.81 -39.86 -3.01
N GLY A 342 19.03 -39.56 -4.04
CA GLY A 342 17.73 -40.18 -4.22
C GLY A 342 17.75 -41.45 -5.04
N TRP A 343 16.60 -42.12 -5.10
CA TRP A 343 16.46 -43.38 -5.83
C TRP A 343 15.55 -43.23 -7.03
N GLN A 344 16.08 -43.42 -8.23
CA GLN A 344 15.22 -43.54 -9.40
C GLN A 344 14.32 -44.76 -9.25
N GLY A 345 14.78 -45.73 -8.46
CA GLY A 345 14.07 -46.99 -8.30
C GLY A 345 12.87 -46.95 -7.37
N LEU A 346 12.76 -45.90 -6.57
CA LEU A 346 11.59 -45.71 -5.70
C LEU A 346 10.54 -44.93 -6.47
N ILE A 347 9.56 -45.63 -7.02
CA ILE A 347 8.63 -45.04 -7.97
C ILE A 347 7.20 -44.83 -7.45
N ASP A 348 6.86 -45.43 -6.31
CA ASP A 348 5.47 -45.38 -5.85
C ASP A 348 5.32 -44.59 -4.55
N GLY A 349 6.23 -43.65 -4.30
CA GLY A 349 6.15 -42.78 -3.14
C GLY A 349 7.28 -41.78 -3.07
N TRP A 350 7.28 -40.95 -2.03
CA TRP A 350 8.31 -39.93 -1.85
C TRP A 350 9.48 -40.44 -1.02
N TYR A 351 9.16 -41.15 0.05
CA TYR A 351 10.16 -41.68 0.96
C TYR A 351 9.93 -43.18 1.08
N GLY A 352 10.98 -43.95 1.37
CA GLY A 352 10.80 -45.37 1.53
C GLY A 352 12.06 -46.15 1.84
N TYR A 353 12.06 -47.42 1.46
CA TYR A 353 13.09 -48.36 1.90
C TYR A 353 13.59 -49.23 0.76
N HIS A 354 14.81 -49.76 0.93
CA HIS A 354 15.31 -50.83 0.09
C HIS A 354 15.92 -51.89 1.01
N HIS A 355 15.62 -53.16 0.76
CA HIS A 355 16.10 -54.22 1.62
C HIS A 355 16.89 -55.27 0.84
N GLN A 356 17.73 -56.01 1.56
CA GLN A 356 18.55 -57.07 0.99
C GLN A 356 18.59 -58.22 1.99
N ASN A 357 18.12 -59.40 1.58
CA ASN A 357 18.26 -60.59 2.41
C ASN A 357 18.36 -61.87 1.58
N SER A 358 18.31 -63.04 2.23
CA SER A 358 18.45 -64.32 1.52
C SER A 358 17.33 -64.55 0.52
N GLU A 359 16.14 -64.04 0.82
CA GLU A 359 14.98 -64.23 -0.05
C GLU A 359 14.98 -63.28 -1.25
N GLY A 360 15.88 -62.31 -1.25
CA GLY A 360 15.91 -61.37 -2.35
C GLY A 360 16.06 -59.91 -1.94
N SER A 361 15.61 -59.02 -2.81
CA SER A 361 15.81 -57.58 -2.61
C SER A 361 14.73 -56.78 -3.31
N GLY A 362 14.60 -55.51 -2.95
CA GLY A 362 13.61 -54.64 -3.57
C GLY A 362 13.34 -53.33 -2.86
N TYR A 363 12.56 -52.47 -3.51
CA TYR A 363 12.16 -51.16 -2.97
C TYR A 363 10.75 -51.24 -2.41
N ALA A 364 10.49 -50.45 -1.38
CA ALA A 364 9.13 -50.30 -0.85
C ALA A 364 8.94 -48.88 -0.34
N ALA A 365 7.85 -48.25 -0.77
CA ALA A 365 7.53 -46.90 -0.36
C ALA A 365 6.92 -46.91 1.04
N ASP A 366 7.21 -45.88 1.83
CA ASP A 366 6.47 -45.65 3.07
C ASP A 366 5.23 -44.84 2.69
N LYS A 367 4.11 -45.53 2.54
CA LYS A 367 2.88 -44.91 2.05
C LYS A 367 2.38 -43.85 3.03
N GLU A 368 2.44 -44.17 4.32
CA GLU A 368 1.91 -43.29 5.35
C GLU A 368 2.73 -42.01 5.44
N ALA A 369 4.05 -42.14 5.43
CA ALA A 369 4.91 -40.97 5.51
C ALA A 369 4.78 -40.12 4.25
N THR A 370 4.60 -40.77 3.10
CA THR A 370 4.46 -40.05 1.83
C THR A 370 3.18 -39.24 1.80
N GLN A 371 2.06 -39.89 2.14
CA GLN A 371 0.75 -39.22 2.10
C GLN A 371 0.67 -38.05 3.09
N LYS A 372 1.29 -38.23 4.26
CA LYS A 372 1.32 -37.21 5.30
C LYS A 372 2.00 -35.96 4.78
N ALA A 373 3.11 -36.13 4.07
CA ALA A 373 3.85 -35.02 3.50
C ALA A 373 3.11 -34.40 2.33
N VAL A 374 2.42 -35.23 1.55
CA VAL A 374 1.62 -34.76 0.42
C VAL A 374 0.49 -33.85 0.87
N ASP A 375 -0.20 -34.26 1.94
CA ASP A 375 -1.28 -33.46 2.49
C ASP A 375 -0.75 -32.11 2.98
N ALA A 376 0.42 -32.15 3.61
CA ALA A 376 1.02 -30.95 4.17
C ALA A 376 1.45 -29.96 3.08
N ILE A 377 2.09 -30.46 2.03
CA ILE A 377 2.53 -29.58 0.94
C ILE A 377 1.33 -29.06 0.15
N THR A 378 0.32 -29.91 -0.03
CA THR A 378 -0.90 -29.48 -0.70
C THR A 378 -1.62 -28.41 0.11
N THR A 379 -1.67 -28.59 1.43
CA THR A 379 -2.25 -27.60 2.33
C THR A 379 -1.49 -26.28 2.25
N LYS A 380 -0.16 -26.36 2.18
CA LYS A 380 0.67 -25.17 2.04
C LYS A 380 0.41 -24.37 0.77
N VAL A 381 0.45 -25.07 -0.37
CA VAL A 381 0.17 -24.41 -1.65
C VAL A 381 -1.23 -23.81 -1.69
N ASN A 382 -2.23 -24.58 -1.28
CA ASN A 382 -3.60 -24.10 -1.26
C ASN A 382 -3.80 -22.90 -0.35
N ASN A 383 -3.08 -22.86 0.77
CA ASN A 383 -3.16 -21.71 1.66
C ASN A 383 -2.60 -20.47 0.97
N ILE A 384 -1.44 -20.62 0.34
CA ILE A 384 -0.81 -19.50 -0.35
C ILE A 384 -1.70 -18.97 -1.48
N ILE A 385 -2.44 -19.86 -2.11
CA ILE A 385 -3.35 -19.47 -3.18
C ILE A 385 -4.68 -18.93 -2.64
N ASP A 386 -5.34 -19.70 -1.79
CA ASP A 386 -6.70 -19.40 -1.37
C ASP A 386 -6.83 -18.21 -0.41
N LYS A 387 -5.75 -17.85 0.28
CA LYS A 387 -5.79 -16.70 1.17
C LYS A 387 -5.82 -15.37 0.40
N MET A 388 -5.49 -15.43 -0.89
CA MET A 388 -5.61 -14.24 -1.73
C MET A 388 -7.08 -14.03 -2.09
N ASN A 389 -7.82 -13.50 -1.13
CA ASN A 389 -9.25 -13.24 -1.28
C ASN A 389 -9.45 -11.73 -1.37
N THR A 390 -9.65 -11.24 -2.59
CA THR A 390 -9.43 -9.83 -2.90
C THR A 390 -10.69 -8.99 -3.03
N GLN A 391 -10.53 -7.68 -2.87
CA GLN A 391 -11.60 -6.73 -3.17
C GLN A 391 -11.80 -6.70 -4.69
N PHE A 392 -13.02 -6.39 -5.12
CA PHE A 392 -13.32 -6.25 -6.55
C PHE A 392 -12.34 -5.27 -7.22
N GLU A 393 -11.72 -5.72 -8.31
CA GLU A 393 -10.71 -4.90 -8.99
C GLU A 393 -11.36 -4.00 -10.02
N SER A 394 -10.93 -2.74 -10.05
CA SER A 394 -11.52 -1.75 -10.96
C SER A 394 -10.49 -1.16 -11.91
N THR A 395 -10.95 -0.72 -13.09
CA THR A 395 -10.06 -0.03 -14.02
C THR A 395 -10.45 1.44 -14.19
N ALA A 396 -11.40 1.92 -13.39
CA ALA A 396 -11.79 3.32 -13.44
C ALA A 396 -10.73 4.16 -12.74
N LYS A 397 -9.77 4.66 -13.52
CA LYS A 397 -8.64 5.40 -12.95
C LYS A 397 -8.34 6.67 -13.74
N GLU A 398 -9.37 7.34 -14.24
CA GLU A 398 -9.18 8.53 -15.07
C GLU A 398 -9.63 9.80 -14.37
N PHE A 399 -9.00 10.90 -14.74
CA PHE A 399 -9.33 12.20 -14.18
C PHE A 399 -9.37 13.16 -15.34
N ASN A 400 -9.96 14.34 -15.16
CA ASN A 400 -10.06 15.25 -16.30
C ASN A 400 -8.68 15.78 -16.70
N LYS A 401 -8.61 16.43 -17.85
CA LYS A 401 -7.33 16.82 -18.42
C LYS A 401 -6.61 17.93 -17.66
N ILE A 402 -7.34 18.63 -16.80
CA ILE A 402 -6.72 19.64 -15.92
C ILE A 402 -6.42 19.08 -14.52
N GLU A 403 -6.40 17.75 -14.41
CA GLU A 403 -6.15 17.09 -13.13
C GLU A 403 -5.00 16.07 -13.22
N MET A 404 -3.93 16.44 -13.93
CA MET A 404 -2.83 15.48 -14.14
C MET A 404 -2.15 15.10 -12.81
N ARG A 405 -2.13 16.05 -11.87
CA ARG A 405 -1.59 15.77 -10.53
C ARG A 405 -2.34 14.65 -9.80
N ILE A 406 -3.64 14.52 -10.06
CA ILE A 406 -4.42 13.48 -9.42
C ILE A 406 -4.16 12.15 -10.11
N LYS A 407 -4.05 12.19 -11.45
CA LYS A 407 -3.72 10.99 -12.21
C LYS A 407 -2.34 10.46 -11.76
N HIS A 408 -1.41 11.38 -11.51
CA HIS A 408 -0.10 10.98 -11.03
C HIS A 408 -0.17 10.32 -9.65
N LEU A 409 -1.02 10.83 -8.76
CA LEU A 409 -1.26 10.19 -7.47
C LEU A 409 -1.82 8.79 -7.68
N SER A 410 -2.77 8.67 -8.61
CA SER A 410 -3.34 7.37 -8.96
C SER A 410 -2.26 6.42 -9.46
N ASP A 411 -1.34 6.94 -10.28
CA ASP A 411 -0.25 6.12 -10.82
C ASP A 411 0.72 5.65 -9.74
N ARG A 412 1.06 6.54 -8.81
CA ARG A 412 2.07 6.18 -7.83
C ARG A 412 1.47 5.29 -6.73
N VAL A 413 0.17 5.41 -6.53
CA VAL A 413 -0.56 4.46 -5.70
C VAL A 413 -0.40 3.04 -6.27
N ASP A 414 -0.57 2.90 -7.57
CA ASP A 414 -0.46 1.59 -8.19
C ASP A 414 0.99 1.12 -8.24
N ASP A 415 1.93 2.04 -8.49
CA ASP A 415 3.35 1.72 -8.35
C ASP A 415 3.67 1.23 -6.95
N GLY A 416 3.04 1.85 -5.96
CA GLY A 416 3.28 1.50 -4.57
C GLY A 416 2.85 0.08 -4.26
N PHE A 417 1.64 -0.27 -4.67
CA PHE A 417 1.14 -1.62 -4.43
C PHE A 417 1.90 -2.65 -5.27
N LEU A 418 2.33 -2.24 -6.46
CA LEU A 418 3.11 -3.13 -7.33
C LEU A 418 4.40 -3.54 -6.66
N ASP A 419 5.06 -2.59 -6.00
CA ASP A 419 6.34 -2.87 -5.33
C ASP A 419 6.13 -3.72 -4.09
N VAL A 420 5.02 -3.50 -3.39
CA VAL A 420 4.67 -4.31 -2.23
C VAL A 420 4.44 -5.78 -2.59
N TRP A 421 3.55 -6.01 -3.55
CA TRP A 421 3.21 -7.37 -3.93
C TRP A 421 4.38 -8.11 -4.60
N SER A 422 5.13 -7.40 -5.43
CA SER A 422 6.26 -8.01 -6.11
C SER A 422 7.29 -8.50 -5.10
N TYR A 423 7.67 -7.62 -4.17
CA TYR A 423 8.69 -7.98 -3.19
C TYR A 423 8.22 -9.10 -2.28
N ASN A 424 6.98 -8.99 -1.79
CA ASN A 424 6.47 -9.98 -0.86
C ASN A 424 6.27 -11.36 -1.49
N ALA A 425 5.75 -11.39 -2.72
CA ALA A 425 5.51 -12.66 -3.40
C ALA A 425 6.83 -13.35 -3.68
N GLU A 426 7.77 -12.57 -4.19
CA GLU A 426 9.10 -13.06 -4.48
C GLU A 426 9.78 -13.66 -3.24
N LEU A 427 9.72 -12.96 -2.11
CA LEU A 427 10.33 -13.46 -0.87
C LEU A 427 9.57 -14.63 -0.26
N LEU A 428 8.24 -14.61 -0.39
CA LEU A 428 7.41 -15.72 0.06
C LEU A 428 7.86 -17.02 -0.61
N VAL A 429 8.07 -16.95 -1.92
CA VAL A 429 8.44 -18.14 -2.68
C VAL A 429 9.82 -18.66 -2.28
N LEU A 430 10.78 -17.75 -2.11
CA LEU A 430 12.14 -18.14 -1.72
C LEU A 430 12.16 -18.76 -0.34
N LEU A 431 11.45 -18.14 0.61
CA LEU A 431 11.36 -18.66 1.96
C LEU A 431 10.66 -20.02 2.00
N GLU A 432 9.49 -20.11 1.36
CA GLU A 432 8.74 -21.35 1.42
C GLU A 432 9.45 -22.52 0.72
N ASN A 433 10.19 -22.22 -0.34
CA ASN A 433 10.94 -23.25 -1.03
C ASN A 433 12.05 -23.82 -0.16
N GLU A 434 12.73 -22.94 0.56
CA GLU A 434 13.77 -23.36 1.50
C GLU A 434 13.18 -24.31 2.53
N ARG A 435 12.01 -23.95 3.04
CA ARG A 435 11.38 -24.71 4.09
C ARG A 435 10.84 -26.05 3.60
N THR A 436 10.32 -26.06 2.38
CA THR A 436 9.78 -27.28 1.79
C THR A 436 10.88 -28.33 1.65
N LEU A 437 12.05 -27.89 1.19
CA LEU A 437 13.19 -28.79 1.05
C LEU A 437 13.68 -29.30 2.40
N ASP A 438 13.71 -28.41 3.41
CA ASP A 438 14.06 -28.84 4.76
C ASP A 438 13.03 -29.83 5.29
N PHE A 439 11.77 -29.61 4.92
CA PHE A 439 10.68 -30.46 5.37
C PHE A 439 10.84 -31.90 4.84
N HIS A 440 11.26 -32.02 3.58
CA HIS A 440 11.51 -33.33 2.99
C HIS A 440 12.65 -34.04 3.71
N ASP A 441 13.75 -33.31 3.95
CA ASP A 441 14.88 -33.83 4.71
C ASP A 441 14.48 -34.30 6.11
N ALA A 442 13.63 -33.52 6.77
CA ALA A 442 13.19 -33.87 8.12
C ALA A 442 12.36 -35.15 8.10
N ASN A 443 11.56 -35.31 7.06
CA ASN A 443 10.73 -36.49 6.92
C ASN A 443 11.55 -37.75 6.64
N VAL A 444 12.57 -37.62 5.79
CA VAL A 444 13.47 -38.73 5.53
C VAL A 444 14.24 -39.09 6.79
N ASN A 445 14.75 -38.06 7.49
CA ASN A 445 15.48 -38.31 8.72
C ASN A 445 14.64 -39.01 9.77
N ASN A 446 13.35 -38.72 9.80
CA ASN A 446 12.45 -39.36 10.76
C ASN A 446 12.31 -40.87 10.52
N LEU A 447 12.20 -41.27 9.26
CA LEU A 447 12.13 -42.70 8.94
C LEU A 447 13.45 -43.36 9.32
N TYR A 448 14.55 -42.64 9.06
CA TYR A 448 15.88 -43.10 9.43
C TYR A 448 15.99 -43.31 10.94
N GLN A 449 15.59 -42.31 11.72
CA GLN A 449 15.65 -42.42 13.17
C GLN A 449 14.75 -43.53 13.70
N LYS A 450 13.58 -43.70 13.09
CA LYS A 450 12.62 -44.70 13.55
C LYS A 450 13.18 -46.11 13.37
N VAL A 451 13.93 -46.32 12.29
CA VAL A 451 14.61 -47.59 12.05
C VAL A 451 15.77 -47.77 13.03
N LYS A 452 16.60 -46.73 13.16
CA LYS A 452 17.79 -46.77 14.02
C LYS A 452 17.47 -47.17 15.45
N VAL A 453 16.46 -46.54 16.04
CA VAL A 453 16.14 -46.77 17.44
C VAL A 453 15.52 -48.14 17.68
N GLN A 454 14.95 -48.72 16.63
CA GLN A 454 14.40 -50.07 16.70
C GLN A 454 15.50 -51.12 16.75
N LEU A 455 16.46 -50.98 15.84
CA LEU A 455 17.53 -51.95 15.66
C LEU A 455 18.53 -51.89 16.81
N LYS A 456 18.82 -50.67 17.27
CA LYS A 456 19.84 -50.46 18.29
C LYS A 456 21.14 -51.14 17.87
N ASP A 457 21.74 -51.92 18.77
CA ASP A 457 23.00 -52.61 18.46
C ASP A 457 22.82 -53.97 17.78
N ASN A 458 21.60 -54.27 17.33
CA ASN A 458 21.38 -55.42 16.45
C ASN A 458 21.80 -55.10 15.01
N ALA A 459 22.33 -53.90 14.79
CA ALA A 459 22.75 -53.49 13.46
C ALA A 459 23.94 -52.54 13.51
N ILE A 460 24.70 -52.48 12.41
CA ILE A 460 25.76 -51.51 12.28
C ILE A 460 25.24 -50.42 11.35
N ASP A 461 25.24 -49.17 11.82
CA ASP A 461 24.86 -48.05 10.98
C ASP A 461 25.99 -47.79 9.99
N MET A 462 25.73 -48.01 8.71
CA MET A 462 26.78 -47.90 7.70
C MET A 462 27.12 -46.46 7.34
N GLY A 463 26.29 -45.52 7.79
CA GLY A 463 26.59 -44.10 7.58
C GLY A 463 26.18 -43.57 6.22
N ASN A 464 25.59 -44.44 5.40
CA ASN A 464 25.14 -44.06 4.07
C ASN A 464 23.61 -44.11 3.95
N GLY A 465 22.94 -44.16 5.10
CA GLY A 465 21.50 -44.29 5.12
C GLY A 465 21.02 -45.73 5.16
N CYS A 466 21.98 -46.66 5.29
CA CYS A 466 21.67 -48.08 5.34
C CYS A 466 22.12 -48.70 6.67
N PHE A 467 21.50 -49.82 7.04
CA PHE A 467 21.88 -50.54 8.24
C PHE A 467 22.36 -51.95 7.89
N LYS A 468 23.50 -52.35 8.42
CA LYS A 468 23.94 -53.74 8.32
C LYS A 468 23.41 -54.50 9.52
N ILE A 469 22.43 -55.35 9.28
CA ILE A 469 21.76 -56.08 10.35
C ILE A 469 22.64 -57.25 10.78
N LEU A 470 22.84 -57.42 12.09
CA LEU A 470 23.78 -58.42 12.61
C LEU A 470 23.13 -59.79 12.82
N HIS A 471 22.01 -60.02 12.15
CA HIS A 471 21.31 -61.28 12.24
C HIS A 471 20.55 -61.47 10.95
N LYS A 472 20.13 -62.70 10.67
CA LYS A 472 19.35 -62.97 9.48
C LYS A 472 17.99 -62.32 9.64
N CYS A 473 17.63 -61.47 8.68
CA CYS A 473 16.39 -60.72 8.74
C CYS A 473 15.58 -61.00 7.48
N ASN A 474 14.60 -61.90 7.62
CA ASN A 474 13.76 -62.32 6.51
C ASN A 474 12.71 -61.26 6.19
N ASN A 475 11.81 -61.57 5.26
CA ASN A 475 10.81 -60.60 4.84
C ASN A 475 9.87 -60.18 5.97
N THR A 476 9.59 -61.10 6.89
CA THR A 476 8.77 -60.80 8.06
C THR A 476 9.50 -59.82 8.96
N CYS A 477 10.79 -60.06 9.12
CA CYS A 477 11.65 -59.18 9.91
C CYS A 477 11.74 -57.80 9.28
N MET A 478 11.95 -57.76 7.97
CA MET A 478 12.02 -56.50 7.22
C MET A 478 10.71 -55.72 7.34
N ASP A 479 9.59 -56.42 7.19
CA ASP A 479 8.27 -55.81 7.34
C ASP A 479 8.07 -55.20 8.72
N ASP A 480 8.57 -55.89 9.75
CA ASP A 480 8.43 -55.42 11.13
C ASP A 480 9.18 -54.12 11.37
N ILE A 481 10.40 -54.04 10.83
CA ILE A 481 11.20 -52.81 10.90
C ILE A 481 10.46 -51.66 10.23
N LYS A 482 9.96 -51.90 9.02
CA LYS A 482 9.22 -50.89 8.29
C LYS A 482 7.88 -50.55 8.96
N ASN A 483 7.36 -51.47 9.77
CA ASN A 483 6.06 -51.28 10.41
C ASN A 483 6.23 -50.80 11.87
N GLY A 484 7.47 -50.76 12.34
CA GLY A 484 7.76 -50.31 13.69
C GLY A 484 7.48 -51.35 14.77
N THR A 485 7.42 -52.61 14.37
CA THR A 485 7.11 -53.70 15.30
C THR A 485 8.26 -54.69 15.48
N TYR A 486 9.46 -54.26 15.12
CA TYR A 486 10.64 -55.12 15.25
C TYR A 486 10.96 -55.34 16.73
N ASN A 487 11.19 -56.60 17.10
CA ASN A 487 11.52 -56.92 18.49
C ASN A 487 13.03 -57.06 18.68
N TYR A 488 13.61 -56.10 19.40
CA TYR A 488 15.04 -56.05 19.65
C TYR A 488 15.54 -57.30 20.37
N TYR A 489 14.78 -57.74 21.36
CA TYR A 489 15.19 -58.87 22.19
C TYR A 489 15.14 -60.21 21.47
N GLU A 490 14.23 -60.32 20.50
CA GLU A 490 14.07 -61.54 19.71
C GLU A 490 15.34 -61.91 18.95
N TYR A 491 16.14 -60.91 18.60
CA TYR A 491 17.32 -61.15 17.79
C TYR A 491 18.62 -60.77 18.49
N ARG A 492 18.53 -60.43 19.79
CA ARG A 492 19.70 -59.98 20.54
C ARG A 492 20.83 -60.99 20.54
N LYS A 493 20.50 -62.23 20.90
CA LYS A 493 21.52 -63.29 21.04
C LYS A 493 22.27 -63.51 19.74
N GLU A 494 21.55 -63.75 18.66
CA GLU A 494 22.17 -63.94 17.35
C GLU A 494 23.02 -62.73 16.97
N SER A 495 22.51 -61.54 17.28
CA SER A 495 23.20 -60.31 16.94
C SER A 495 24.51 -60.22 17.72
N HIS A 496 24.43 -60.50 19.02
CA HIS A 496 25.60 -60.48 19.89
C HIS A 496 26.71 -61.43 19.42
N LEU A 497 26.33 -62.60 18.91
CA LEU A 497 27.31 -63.59 18.49
C LEU A 497 28.05 -63.11 17.25
N GLU A 498 27.32 -62.50 16.33
CA GLU A 498 27.93 -61.98 15.11
C GLU A 498 28.85 -60.79 15.41
N LYS A 499 28.50 -60.00 16.42
CA LYS A 499 29.29 -58.85 16.82
C LYS A 499 30.64 -59.29 17.39
N GLN A 500 30.62 -60.37 18.16
CA GLN A 500 31.83 -60.96 18.72
C GLN A 500 32.86 -61.29 17.63
N LYS A 501 32.39 -61.89 16.55
CA LYS A 501 33.23 -62.21 15.40
C LYS A 501 33.83 -60.96 14.78
N ILE A 502 33.05 -59.89 14.75
CA ILE A 502 33.51 -58.62 14.20
C ILE A 502 34.59 -58.02 15.10
N ASP A 503 34.38 -58.13 16.42
CA ASP A 503 35.32 -57.61 17.41
C ASP A 503 36.67 -58.36 17.47
N SER A 504 36.89 -59.29 16.55
CA SER A 504 38.17 -60.00 16.51
C SER A 504 38.88 -59.76 15.18
N GLY A 505 38.16 -60.01 14.09
CA GLY A 505 38.68 -59.89 12.73
C GLY A 505 39.56 -58.68 12.46
N GLY B 4 12.98 -52.80 36.80
CA GLY B 4 13.87 -51.99 35.97
C GLY B 4 13.55 -50.51 36.04
N ASP B 5 14.53 -49.72 36.46
CA ASP B 5 14.37 -48.28 36.54
C ASP B 5 14.19 -47.64 35.16
N GLN B 6 13.33 -46.62 35.10
CA GLN B 6 13.03 -45.92 33.85
C GLN B 6 13.04 -44.41 34.04
N ILE B 7 13.48 -43.70 33.00
CA ILE B 7 13.24 -42.27 32.90
C ILE B 7 12.69 -41.91 31.53
N CYS B 8 11.64 -41.10 31.50
CA CYS B 8 10.98 -40.73 30.26
C CYS B 8 11.04 -39.23 30.04
N ILE B 9 11.09 -38.84 28.77
CA ILE B 9 10.99 -37.44 28.41
C ILE B 9 9.60 -37.21 27.83
N GLY B 10 8.93 -36.15 28.27
CA GLY B 10 7.58 -35.88 27.79
C GLY B 10 7.21 -34.42 27.90
N TYR B 11 5.95 -34.13 27.60
CA TYR B 11 5.47 -32.74 27.59
C TYR B 11 4.03 -32.60 28.08
N HIS B 12 3.63 -31.36 28.30
CA HIS B 12 2.34 -30.98 28.89
C HIS B 12 1.13 -31.15 27.97
N SER B 13 0.10 -31.83 28.47
CA SER B 13 -1.22 -31.82 27.84
C SER B 13 -2.21 -31.23 28.85
N ASN B 14 -3.36 -30.78 28.36
CA ASN B 14 -4.42 -30.27 29.23
C ASN B 14 -5.81 -30.47 28.61
N ASN B 15 -6.81 -29.78 29.13
CA ASN B 15 -8.19 -29.94 28.67
C ASN B 15 -8.62 -28.95 27.60
N SER B 16 -7.67 -28.14 27.10
CA SER B 16 -7.98 -27.13 26.08
C SER B 16 -8.66 -27.72 24.85
N THR B 17 -9.67 -27.00 24.35
CA THR B 17 -10.33 -27.37 23.10
C THR B 17 -9.89 -26.44 21.97
N GLN B 18 -8.96 -25.55 22.28
CA GLN B 18 -8.47 -24.57 21.30
C GLN B 18 -7.73 -25.27 20.17
N THR B 19 -7.96 -24.80 18.94
CA THR B 19 -7.22 -25.29 17.79
C THR B 19 -6.58 -24.11 17.05
N VAL B 20 -5.56 -24.39 16.25
CA VAL B 20 -4.97 -23.38 15.40
C VAL B 20 -4.77 -23.96 14.00
N ASN B 21 -4.57 -23.09 13.02
CA ASN B 21 -4.21 -23.54 11.68
C ASN B 21 -2.75 -23.20 11.42
N THR B 22 -2.06 -24.06 10.67
CA THR B 22 -0.70 -23.76 10.22
C THR B 22 -0.66 -23.87 8.70
N LEU B 23 0.47 -23.49 8.11
CA LEU B 23 0.64 -23.64 6.67
C LEU B 23 0.43 -25.08 6.22
N LEU B 24 0.79 -26.04 7.08
CA LEU B 24 0.80 -27.46 6.73
C LEU B 24 -0.46 -28.22 7.18
N GLU B 25 -1.08 -27.76 8.26
CA GLU B 25 -2.18 -28.49 8.89
C GLU B 25 -3.30 -27.56 9.33
N SER B 26 -4.52 -28.10 9.39
CA SER B 26 -5.66 -27.31 9.81
C SER B 26 -6.29 -27.84 11.10
N ASN B 27 -6.77 -26.92 11.94
CA ASN B 27 -7.48 -27.27 13.16
C ASN B 27 -6.69 -28.19 14.07
N VAL B 28 -5.44 -27.81 14.34
CA VAL B 28 -4.57 -28.55 15.24
C VAL B 28 -4.86 -28.17 16.68
N PRO B 29 -5.25 -29.15 17.51
CA PRO B 29 -5.49 -28.89 18.93
C PRO B 29 -4.22 -28.45 19.64
N VAL B 30 -4.32 -27.39 20.44
CA VAL B 30 -3.17 -26.89 21.21
C VAL B 30 -3.55 -26.60 22.66
N THR B 31 -2.54 -26.58 23.53
CA THR B 31 -2.79 -26.42 24.97
C THR B 31 -3.11 -24.98 25.32
N SER B 32 -2.62 -24.04 24.51
CA SER B 32 -2.90 -22.62 24.68
C SER B 32 -2.67 -21.87 23.37
N SER B 33 -3.32 -20.71 23.23
CA SER B 33 -3.23 -19.92 22.02
C SER B 33 -3.53 -18.46 22.32
N HIS B 34 -3.30 -17.58 21.35
CA HIS B 34 -3.47 -16.16 21.59
C HIS B 34 -3.90 -15.43 20.33
N SER B 35 -5.04 -14.75 20.41
CA SER B 35 -5.57 -14.01 19.27
C SER B 35 -4.83 -12.70 19.07
N ILE B 36 -4.56 -12.35 17.82
CA ILE B 36 -3.99 -11.05 17.50
C ILE B 36 -4.95 -10.20 16.68
N LEU B 37 -6.24 -10.57 16.73
CA LEU B 37 -7.29 -9.90 15.97
C LEU B 37 -8.33 -9.32 16.91
N GLU B 38 -8.50 -8.00 16.88
CA GLU B 38 -9.55 -7.35 17.66
C GLU B 38 -10.91 -7.45 16.98
N LYS B 39 -11.89 -8.04 17.67
CA LYS B 39 -13.22 -8.27 17.06
C LYS B 39 -14.39 -7.69 17.86
N GLU B 40 -14.12 -7.16 19.04
CA GLU B 40 -15.21 -6.77 19.95
C GLU B 40 -16.00 -5.56 19.47
N HIS B 41 -17.32 -5.72 19.39
CA HIS B 41 -18.23 -4.60 19.15
C HIS B 41 -18.80 -4.10 20.47
N ASN B 42 -18.67 -2.81 20.74
CA ASN B 42 -19.20 -2.24 21.97
C ASN B 42 -20.18 -1.09 21.73
N GLY B 43 -20.19 -0.55 20.51
CA GLY B 43 -21.09 0.53 20.16
C GLY B 43 -20.92 1.83 20.93
N LEU B 44 -19.81 1.96 21.64
CA LEU B 44 -19.55 3.16 22.43
C LEU B 44 -18.82 4.25 21.64
N LEU B 45 -19.18 5.49 21.90
CA LEU B 45 -18.42 6.63 21.42
C LEU B 45 -17.74 7.25 22.63
N CYS B 46 -16.42 7.35 22.58
CA CYS B 46 -15.65 7.69 23.77
C CYS B 46 -14.73 8.89 23.58
N LYS B 47 -14.04 9.25 24.66
CA LYS B 47 -12.94 10.19 24.54
C LYS B 47 -11.83 9.49 23.78
N LEU B 48 -10.99 10.27 23.11
CA LEU B 48 -9.88 9.69 22.37
C LEU B 48 -8.58 10.08 23.06
N LYS B 49 -7.93 9.10 23.69
CA LYS B 49 -6.73 9.37 24.49
C LYS B 49 -6.97 10.47 25.51
N GLY B 50 -8.05 10.34 26.27
CA GLY B 50 -8.39 11.29 27.32
C GLY B 50 -8.93 12.64 26.84
N LYS B 51 -9.09 12.79 25.53
CA LYS B 51 -9.57 14.04 24.97
C LYS B 51 -10.99 13.90 24.43
N ALA B 52 -11.91 14.72 24.92
CA ALA B 52 -13.32 14.64 24.53
C ALA B 52 -13.54 15.11 23.10
N PRO B 53 -14.54 14.53 22.42
CA PRO B 53 -14.93 15.03 21.09
C PRO B 53 -15.90 16.21 21.21
N LEU B 54 -16.16 16.88 20.10
CA LEU B 54 -17.19 17.91 20.06
C LEU B 54 -18.51 17.28 19.65
N ASP B 55 -19.52 17.39 20.51
CA ASP B 55 -20.84 16.87 20.20
C ASP B 55 -21.70 17.99 19.63
N LEU B 56 -22.06 17.85 18.34
CA LEU B 56 -22.82 18.88 17.65
C LEU B 56 -24.31 18.79 17.95
N ILE B 57 -24.70 17.84 18.80
CA ILE B 57 -26.10 17.61 19.16
C ILE B 57 -26.90 17.28 17.89
N ASP B 58 -27.87 18.11 17.52
CA ASP B 58 -28.63 17.85 16.30
C ASP B 58 -28.29 18.85 15.20
N CYS B 59 -27.12 19.46 15.30
CA CYS B 59 -26.71 20.47 14.31
C CYS B 59 -25.64 19.93 13.36
N SER B 60 -25.64 20.45 12.14
CA SER B 60 -24.55 20.15 11.21
C SER B 60 -23.36 21.02 11.56
N LEU B 61 -22.18 20.64 11.09
CA LEU B 61 -20.97 21.41 11.37
C LEU B 61 -21.06 22.87 10.88
N PRO B 62 -21.52 23.11 9.63
CA PRO B 62 -21.69 24.50 9.22
C PRO B 62 -22.72 25.27 10.06
N ALA B 63 -23.83 24.62 10.40
CA ALA B 63 -24.86 25.26 11.21
C ALA B 63 -24.29 25.67 12.56
N TRP B 64 -23.50 24.79 13.17
CA TRP B 64 -22.87 25.10 14.45
C TRP B 64 -21.82 26.20 14.34
N LEU B 65 -20.95 26.11 13.32
CA LEU B 65 -19.90 27.11 13.15
C LEU B 65 -20.47 28.51 12.94
N MET B 66 -21.47 28.61 12.07
CA MET B 66 -22.04 29.92 11.72
C MET B 66 -22.99 30.42 12.79
N GLY B 67 -23.43 29.52 13.67
CA GLY B 67 -24.30 29.90 14.76
C GLY B 67 -25.78 30.01 14.39
N ASN B 68 -26.29 28.98 13.71
CA ASN B 68 -27.74 28.78 13.57
C ASN B 68 -28.37 28.99 14.93
N PRO B 69 -29.40 29.85 15.00
CA PRO B 69 -30.03 30.19 16.28
C PRO B 69 -30.49 28.97 17.07
N LYS B 70 -30.83 27.88 16.39
CA LYS B 70 -31.26 26.66 17.05
C LYS B 70 -30.10 25.81 17.56
N CYS B 71 -28.87 26.26 17.33
CA CYS B 71 -27.71 25.50 17.77
C CYS B 71 -27.04 26.19 18.95
N ASP B 72 -26.58 25.41 19.92
CA ASP B 72 -25.90 25.96 21.09
C ASP B 72 -24.65 26.73 20.70
N GLU B 73 -24.49 27.92 21.30
CA GLU B 73 -23.35 28.78 21.03
C GLU B 73 -22.14 28.30 21.80
N LEU B 74 -20.95 28.44 21.20
CA LEU B 74 -19.71 28.16 21.91
C LEU B 74 -19.43 29.36 22.81
N LEU B 75 -19.66 29.18 24.11
CA LEU B 75 -19.57 30.29 25.05
C LEU B 75 -18.16 30.47 25.62
N THR B 76 -17.43 29.37 25.76
CA THR B 76 -16.05 29.45 26.27
C THR B 76 -15.10 28.69 25.35
N ALA B 77 -13.82 29.03 25.42
CA ALA B 77 -12.78 28.34 24.68
C ALA B 77 -12.77 26.84 24.96
N SER B 78 -12.59 26.03 23.92
CA SER B 78 -12.66 24.59 24.05
C SER B 78 -11.66 23.88 23.15
N GLU B 79 -11.74 22.56 23.15
CA GLU B 79 -10.91 21.71 22.31
C GLU B 79 -11.62 20.40 22.12
N TRP B 80 -11.18 19.62 21.13
CA TRP B 80 -11.77 18.30 20.88
C TRP B 80 -10.87 17.40 20.03
N ALA B 81 -11.04 16.09 20.19
CA ALA B 81 -10.20 15.13 19.45
C ALA B 81 -10.83 14.80 18.10
N TYR B 82 -12.16 14.83 18.06
CA TYR B 82 -12.89 14.63 16.82
C TYR B 82 -14.26 15.26 16.92
N ILE B 83 -15.01 15.25 15.81
CA ILE B 83 -16.34 15.86 15.81
C ILE B 83 -17.39 14.78 15.65
N LYS B 84 -18.41 14.83 16.49
CA LYS B 84 -19.49 13.85 16.42
C LYS B 84 -20.76 14.50 15.90
N GLU B 85 -21.24 14.02 14.76
CA GLU B 85 -22.35 14.65 14.06
C GLU B 85 -23.42 13.61 13.77
N ASP B 86 -24.68 14.03 13.89
CA ASP B 86 -25.81 13.19 13.55
C ASP B 86 -25.73 12.90 12.05
N PRO B 87 -26.14 11.68 11.64
CA PRO B 87 -26.06 11.32 10.21
C PRO B 87 -26.89 12.26 9.34
N GLU B 88 -28.02 12.71 9.88
CA GLU B 88 -28.85 13.66 9.17
C GLU B 88 -29.36 14.70 10.16
N PRO B 89 -28.54 15.73 10.42
CA PRO B 89 -28.86 16.71 11.46
C PRO B 89 -30.15 17.49 11.18
N GLU B 90 -30.92 17.70 12.24
CA GLU B 90 -32.18 18.44 12.16
C GLU B 90 -31.91 19.90 11.82
N ASN B 91 -30.80 20.42 12.34
CA ASN B 91 -30.46 21.82 12.16
C ASN B 91 -29.24 21.99 11.26
N GLY B 92 -29.49 22.39 10.02
CA GLY B 92 -28.40 22.62 9.08
C GLY B 92 -28.39 24.07 8.64
N ILE B 93 -28.12 24.28 7.36
CA ILE B 93 -28.12 25.62 6.80
C ILE B 93 -29.55 26.12 6.67
N CYS B 94 -29.90 27.17 7.41
CA CYS B 94 -31.29 27.66 7.41
C CYS B 94 -31.60 28.59 6.23
N PHE B 95 -30.71 29.52 5.92
CA PHE B 95 -30.91 30.33 4.72
C PHE B 95 -30.21 29.60 3.57
N PRO B 96 -30.99 29.15 2.58
CA PRO B 96 -30.47 28.26 1.53
C PRO B 96 -29.31 28.87 0.74
N GLY B 97 -28.32 28.02 0.46
CA GLY B 97 -27.12 28.41 -0.25
C GLY B 97 -26.09 27.31 -0.04
N ASP B 98 -24.99 27.34 -0.80
CA ASP B 98 -23.94 26.33 -0.64
C ASP B 98 -22.85 26.73 0.34
N PHE B 99 -22.38 25.78 1.16
CA PHE B 99 -21.24 26.01 2.03
C PHE B 99 -19.99 25.51 1.32
N ASP B 100 -19.12 26.44 0.94
CA ASP B 100 -17.96 26.12 0.12
C ASP B 100 -16.85 25.38 0.85
N SER B 101 -16.28 24.38 0.17
CA SER B 101 -15.13 23.63 0.65
C SER B 101 -15.23 23.11 2.08
N LEU B 102 -16.32 22.41 2.36
CA LEU B 102 -16.52 21.87 3.70
C LEU B 102 -15.46 20.82 4.01
N GLU B 103 -15.07 20.07 2.99
CA GLU B 103 -14.11 18.99 3.17
C GLU B 103 -12.76 19.52 3.64
N ASP B 104 -12.26 20.57 2.99
CA ASP B 104 -11.00 21.18 3.42
C ASP B 104 -11.09 21.74 4.84
N LEU B 105 -12.24 22.32 5.18
CA LEU B 105 -12.43 22.91 6.51
C LEU B 105 -12.33 21.84 7.59
N ILE B 106 -12.92 20.68 7.32
CA ILE B 106 -12.89 19.56 8.25
C ILE B 106 -11.47 19.17 8.62
N LEU B 107 -10.56 19.19 7.65
CA LEU B 107 -9.15 18.91 7.89
C LEU B 107 -8.55 19.83 8.94
N LEU B 108 -9.03 21.07 8.98
CA LEU B 108 -8.48 22.09 9.86
C LEU B 108 -9.03 22.04 11.28
N VAL B 109 -10.31 21.71 11.42
CA VAL B 109 -11.00 21.85 12.71
C VAL B 109 -11.51 20.55 13.35
N SER B 110 -11.18 19.40 12.77
CA SER B 110 -11.68 18.13 13.29
C SER B 110 -10.99 17.75 14.59
N ASN B 111 -9.73 18.12 14.72
CA ASN B 111 -8.96 17.81 15.93
C ASN B 111 -8.19 19.08 16.29
N THR B 112 -8.59 19.71 17.39
CA THR B 112 -8.04 20.99 17.77
C THR B 112 -7.66 21.07 19.24
N ASP B 113 -6.70 21.94 19.54
CA ASP B 113 -6.20 22.06 20.89
C ASP B 113 -6.72 23.33 21.53
N HIS B 114 -7.08 24.31 20.71
CA HIS B 114 -7.80 25.48 21.20
C HIS B 114 -8.84 25.93 20.19
N PHE B 115 -9.99 26.41 20.67
CA PHE B 115 -11.04 26.89 19.77
C PHE B 115 -11.89 27.89 20.54
N ARG B 116 -11.86 29.14 20.13
CA ARG B 116 -12.46 30.21 20.92
C ARG B 116 -13.09 31.24 20.01
N LYS B 117 -14.36 31.54 20.27
CA LYS B 117 -15.06 32.57 19.51
C LYS B 117 -14.72 33.96 20.02
N GLU B 118 -14.59 34.91 19.10
CA GLU B 118 -14.29 36.29 19.47
C GLU B 118 -14.93 37.22 18.46
N LYS B 119 -15.41 38.37 18.92
CA LYS B 119 -15.95 39.37 18.02
C LYS B 119 -14.81 40.02 17.24
N ILE B 120 -14.96 40.06 15.92
CA ILE B 120 -13.90 40.54 15.03
C ILE B 120 -14.23 41.94 14.51
N ILE B 121 -15.52 42.18 14.27
CA ILE B 121 -15.94 43.43 13.64
C ILE B 121 -16.99 44.16 14.46
N ASP B 122 -16.72 45.43 14.75
CA ASP B 122 -17.73 46.28 15.37
C ASP B 122 -18.61 46.83 14.24
N MET B 123 -19.79 46.25 14.10
CA MET B 123 -20.67 46.57 12.98
C MET B 123 -21.28 47.96 13.09
N THR B 124 -21.21 48.56 14.28
CA THR B 124 -21.76 49.91 14.48
C THR B 124 -20.93 51.01 13.79
N ARG B 125 -19.71 50.69 13.38
CA ARG B 125 -18.84 51.70 12.76
C ARG B 125 -19.28 52.06 11.34
N PHE B 126 -20.24 51.31 10.80
CA PHE B 126 -20.72 51.58 9.45
C PHE B 126 -21.96 52.44 9.48
N SER B 127 -22.00 53.45 8.62
CA SER B 127 -23.11 54.39 8.58
C SER B 127 -23.98 54.22 7.34
N ASP B 128 -25.23 54.66 7.43
CA ASP B 128 -26.18 54.60 6.33
C ASP B 128 -26.44 53.19 5.77
N VAL B 129 -26.35 52.20 6.63
CA VAL B 129 -26.76 50.83 6.30
C VAL B 129 -27.55 50.27 7.48
N THR B 130 -28.24 49.15 7.28
CA THR B 130 -28.83 48.44 8.40
C THR B 130 -28.01 47.17 8.66
N THR B 131 -27.91 46.77 9.92
CA THR B 131 -27.14 45.58 10.28
C THR B 131 -28.02 44.64 11.10
N ASN B 132 -27.47 43.47 11.43
CA ASN B 132 -28.19 42.46 12.21
C ASN B 132 -29.54 42.10 11.64
N ASN B 133 -29.64 42.08 10.31
CA ASN B 133 -30.89 41.71 9.67
C ASN B 133 -31.23 40.24 9.92
N VAL B 134 -32.53 39.94 9.87
CA VAL B 134 -33.02 38.61 10.23
C VAL B 134 -33.91 38.10 9.10
N ASP B 135 -34.31 36.83 9.20
CA ASP B 135 -35.12 36.20 8.16
C ASP B 135 -35.90 35.06 8.77
N SER B 136 -37.12 34.84 8.27
CA SER B 136 -38.01 33.85 8.87
C SER B 136 -37.53 32.43 8.62
N ALA B 137 -36.61 32.26 7.67
CA ALA B 137 -36.04 30.95 7.40
C ALA B 137 -35.04 30.54 8.48
N CYS B 138 -34.60 31.50 9.30
CA CYS B 138 -33.68 31.20 10.39
C CYS B 138 -34.25 31.63 11.75
N PRO B 139 -35.34 30.99 12.19
CA PRO B 139 -36.00 31.41 13.43
C PRO B 139 -35.35 30.80 14.67
N TYR B 140 -35.57 31.42 15.83
CA TYR B 140 -35.20 30.85 17.12
C TYR B 140 -36.11 29.65 17.37
N ASP B 141 -37.38 29.86 17.07
CA ASP B 141 -38.38 28.80 17.01
C ASP B 141 -39.53 29.30 16.16
N THR B 142 -40.57 28.49 16.05
CA THR B 142 -41.75 28.79 15.23
C THR B 142 -42.15 30.27 15.27
N ASN B 143 -42.16 30.88 14.08
CA ASN B 143 -42.65 32.24 13.84
C ASN B 143 -41.66 33.36 14.15
N GLY B 144 -40.52 33.01 14.73
CA GLY B 144 -39.49 34.01 14.93
C GLY B 144 -38.88 34.41 13.59
N ALA B 145 -38.02 35.42 13.65
CA ALA B 145 -37.14 35.73 12.54
C ALA B 145 -35.82 36.09 13.19
N SER B 146 -34.77 35.36 12.83
CA SER B 146 -33.46 35.60 13.42
C SER B 146 -32.41 35.35 12.34
N PHE B 147 -31.16 35.06 12.75
CA PHE B 147 -30.10 34.83 11.78
C PHE B 147 -28.95 34.16 12.48
N TYR B 148 -27.97 33.70 11.70
CA TYR B 148 -26.73 33.17 12.27
C TYR B 148 -26.12 34.20 13.21
N ARG B 149 -25.73 33.75 14.40
CA ARG B 149 -25.14 34.64 15.40
C ARG B 149 -23.83 35.24 14.93
N ASN B 150 -23.05 34.45 14.18
CA ASN B 150 -21.70 34.87 13.81
C ASN B 150 -21.64 35.70 12.53
N LEU B 151 -22.73 35.68 11.77
CA LEU B 151 -22.73 36.30 10.46
C LEU B 151 -23.72 37.46 10.44
N ASN B 152 -23.24 38.65 10.15
CA ASN B 152 -24.07 39.84 10.23
C ASN B 152 -24.51 40.31 8.85
N TRP B 153 -25.80 40.18 8.57
CA TRP B 153 -26.36 40.57 7.28
C TRP B 153 -26.56 42.08 7.17
N VAL B 154 -25.73 42.73 6.36
CA VAL B 154 -25.86 44.17 6.12
C VAL B 154 -26.74 44.45 4.91
N GLN B 155 -27.67 45.40 5.05
CA GLN B 155 -28.55 45.77 3.95
C GLN B 155 -28.56 47.28 3.73
N GLN B 156 -29.24 47.71 2.68
CA GLN B 156 -29.43 49.14 2.38
C GLN B 156 -28.13 49.90 2.11
N ASN B 157 -27.15 49.20 1.51
CA ASN B 157 -25.90 49.82 1.10
C ASN B 157 -26.12 50.98 0.14
N LYS B 158 -27.09 50.84 -0.75
CA LYS B 158 -27.33 51.80 -1.81
C LYS B 158 -26.05 52.05 -2.61
N GLY B 159 -25.31 50.98 -2.89
CA GLY B 159 -24.10 51.06 -3.67
C GLY B 159 -22.92 51.69 -2.95
N LYS B 160 -23.12 52.10 -1.70
CA LYS B 160 -22.06 52.71 -0.90
C LYS B 160 -20.97 51.68 -0.55
N GLN B 161 -19.72 52.12 -0.62
CA GLN B 161 -18.58 51.25 -0.33
C GLN B 161 -18.26 51.21 1.17
N LEU B 162 -18.33 50.02 1.76
CA LEU B 162 -17.90 49.84 3.14
C LEU B 162 -16.48 49.28 3.15
N ILE B 163 -15.64 49.79 4.06
CA ILE B 163 -14.24 49.40 4.10
C ILE B 163 -13.87 48.91 5.50
N PHE B 164 -13.19 47.78 5.57
CA PHE B 164 -12.81 47.24 6.87
C PHE B 164 -11.47 46.55 6.80
N HIS B 165 -10.66 46.69 7.85
CA HIS B 165 -9.37 46.04 7.94
C HIS B 165 -9.16 45.46 9.33
N TYR B 166 -8.49 44.32 9.41
CA TYR B 166 -8.27 43.67 10.68
C TYR B 166 -6.88 43.03 10.70
N GLN B 167 -6.23 43.08 11.86
CA GLN B 167 -4.92 42.48 11.98
C GLN B 167 -4.97 41.40 13.04
N ASN B 168 -4.53 40.20 12.69
CA ASN B 168 -4.46 39.10 13.64
C ASN B 168 -3.17 39.23 14.44
N SER B 169 -3.30 39.78 15.64
CA SER B 169 -2.15 40.01 16.51
C SER B 169 -2.04 38.92 17.57
N GLU B 170 -2.85 37.87 17.42
CA GLU B 170 -2.75 36.71 18.30
C GLU B 170 -1.81 35.69 17.68
N ASN B 171 -1.54 34.60 18.37
CA ASN B 171 -0.61 33.59 17.87
C ASN B 171 -1.31 32.38 17.26
N ASN B 172 -2.63 32.41 17.21
CA ASN B 172 -3.37 31.32 16.60
C ASN B 172 -4.06 31.81 15.34
N PRO B 173 -4.24 30.91 14.37
CA PRO B 173 -4.95 31.32 13.15
C PRO B 173 -6.40 31.68 13.47
N LEU B 174 -6.97 32.56 12.66
CA LEU B 174 -8.35 33.00 12.85
C LEU B 174 -9.22 32.49 11.72
N LEU B 175 -10.24 31.72 12.07
CA LEU B 175 -11.21 31.24 11.08
C LEU B 175 -12.39 32.22 10.97
N ILE B 176 -12.60 32.74 9.77
CA ILE B 176 -13.76 33.58 9.51
C ILE B 176 -14.63 33.00 8.39
N ILE B 177 -15.94 33.19 8.54
CA ILE B 177 -16.93 32.67 7.61
C ILE B 177 -17.86 33.80 7.21
N TRP B 178 -18.11 33.95 5.91
CA TRP B 178 -18.95 35.03 5.41
C TRP B 178 -19.96 34.51 4.42
N GLY B 179 -20.86 35.38 3.97
CA GLY B 179 -21.90 34.98 3.05
C GLY B 179 -22.06 35.99 1.94
N VAL B 180 -22.45 35.52 0.76
CA VAL B 180 -22.66 36.39 -0.39
C VAL B 180 -24.09 36.20 -0.92
N HIS B 181 -24.84 37.31 -0.97
CA HIS B 181 -26.24 37.25 -1.33
C HIS B 181 -26.46 37.28 -2.84
N GLN B 182 -26.97 36.17 -3.37
CA GLN B 182 -27.44 36.13 -4.75
C GLN B 182 -28.94 36.42 -4.74
N THR B 183 -29.33 37.59 -5.24
CA THR B 183 -30.75 37.98 -5.25
C THR B 183 -31.49 37.40 -6.45
N SER B 184 -32.82 37.32 -6.35
CA SER B 184 -33.65 36.65 -7.35
C SER B 184 -33.88 37.49 -8.60
N ASN B 185 -34.05 38.80 -8.42
CA ASN B 185 -34.39 39.72 -9.50
C ASN B 185 -34.09 41.15 -9.10
N ALA B 186 -34.15 42.08 -10.06
CA ALA B 186 -33.80 43.47 -9.83
C ALA B 186 -34.64 44.10 -8.71
N ALA B 187 -35.90 43.71 -8.65
CA ALA B 187 -36.81 44.25 -7.64
C ALA B 187 -36.37 43.87 -6.24
N GLU B 188 -36.07 42.60 -6.05
CA GLU B 188 -35.58 42.09 -4.77
C GLU B 188 -34.24 42.73 -4.42
N GLN B 189 -33.37 42.85 -5.42
CA GLN B 189 -32.08 43.54 -5.24
C GLN B 189 -32.31 44.96 -4.72
N ASN B 190 -33.33 45.62 -5.25
CA ASN B 190 -33.66 46.97 -4.82
C ASN B 190 -34.21 47.02 -3.40
N THR B 191 -35.16 46.13 -3.09
CA THR B 191 -35.74 46.04 -1.75
C THR B 191 -34.67 45.88 -0.68
N TYR B 192 -33.68 45.03 -0.95
CA TYR B 192 -32.67 44.73 0.06
C TYR B 192 -31.54 45.77 0.10
N TYR B 193 -31.15 46.28 -1.06
CA TYR B 193 -29.95 47.11 -1.13
C TYR B 193 -30.12 48.50 -1.73
N GLY B 194 -31.25 48.75 -2.39
CA GLY B 194 -31.56 50.08 -2.93
C GLY B 194 -30.62 50.52 -4.03
N SER B 195 -30.09 49.54 -4.76
CA SER B 195 -29.14 49.80 -5.84
C SER B 195 -28.89 48.52 -6.63
N GLN B 196 -28.67 48.66 -7.93
CA GLN B 196 -28.37 47.50 -8.76
C GLN B 196 -26.87 47.22 -8.76
N THR B 197 -26.25 47.44 -7.61
CA THR B 197 -24.86 47.09 -7.38
C THR B 197 -24.74 46.39 -6.02
N GLY B 198 -23.65 45.65 -5.85
CA GLY B 198 -23.40 44.93 -4.61
C GLY B 198 -22.32 43.89 -4.83
N SER B 199 -21.07 44.32 -4.84
CA SER B 199 -19.94 43.41 -5.01
C SER B 199 -19.05 43.50 -3.78
N THR B 200 -18.37 42.40 -3.47
CA THR B 200 -17.47 42.40 -2.32
C THR B 200 -16.14 41.76 -2.65
N THR B 201 -15.07 42.43 -2.23
CA THR B 201 -13.76 41.86 -2.34
C THR B 201 -13.24 41.64 -0.94
N ILE B 202 -12.89 40.40 -0.61
CA ILE B 202 -12.30 40.13 0.69
C ILE B 202 -10.90 39.56 0.49
N THR B 203 -9.94 40.18 1.18
CA THR B 203 -8.54 39.86 1.01
C THR B 203 -8.02 39.25 2.30
N ILE B 204 -7.40 38.08 2.20
CA ILE B 204 -6.80 37.41 3.34
C ILE B 204 -5.32 37.17 3.05
N GLY B 205 -4.45 37.83 3.80
CA GLY B 205 -3.03 37.82 3.48
C GLY B 205 -2.79 38.36 2.09
N GLU B 206 -2.22 37.54 1.21
CA GLU B 206 -1.93 37.96 -0.16
C GLU B 206 -3.01 37.46 -1.11
N GLU B 207 -4.08 36.88 -0.56
CA GLU B 207 -5.08 36.19 -1.37
C GLU B 207 -6.34 37.04 -1.52
N THR B 208 -6.71 37.32 -2.77
CA THR B 208 -7.88 38.14 -3.05
C THR B 208 -9.08 37.28 -3.48
N ASN B 209 -10.24 37.53 -2.88
CA ASN B 209 -11.47 36.85 -3.28
C ASN B 209 -12.51 37.89 -3.65
N THR B 210 -12.97 37.85 -4.89
CA THR B 210 -13.94 38.83 -5.36
C THR B 210 -15.28 38.15 -5.65
N TYR B 211 -16.36 38.76 -5.15
CA TYR B 211 -17.70 38.22 -5.31
C TYR B 211 -18.60 39.28 -5.96
N PRO B 212 -18.65 39.26 -7.30
CA PRO B 212 -19.45 40.23 -8.06
C PRO B 212 -20.94 40.02 -7.83
N LEU B 213 -21.73 41.07 -8.08
CA LEU B 213 -23.17 40.95 -7.99
C LEU B 213 -23.72 39.90 -8.96
N VAL B 214 -24.45 38.92 -8.43
CA VAL B 214 -25.15 37.95 -9.26
C VAL B 214 -26.64 38.02 -8.96
N ILE B 215 -27.43 38.31 -9.99
CA ILE B 215 -28.88 38.34 -9.86
C ILE B 215 -29.47 37.26 -10.77
N SER B 216 -30.17 36.31 -10.16
CA SER B 216 -30.68 35.16 -10.89
C SER B 216 -31.71 34.41 -10.07
N GLU B 217 -32.79 33.98 -10.73
CA GLU B 217 -33.84 33.20 -10.07
C GLU B 217 -33.36 31.77 -9.85
N SER B 218 -33.69 31.20 -8.71
CA SER B 218 -33.49 29.78 -8.48
C SER B 218 -34.80 29.18 -8.00
N SER B 219 -34.86 27.86 -7.86
CA SER B 219 -36.07 27.23 -7.36
C SER B 219 -36.28 27.63 -5.91
N ILE B 220 -37.51 27.55 -5.44
CA ILE B 220 -37.83 27.99 -4.09
C ILE B 220 -37.44 26.93 -3.06
N LEU B 221 -36.59 27.32 -2.10
CA LEU B 221 -36.22 26.46 -0.99
C LEU B 221 -36.46 27.20 0.31
N ASN B 222 -37.25 26.59 1.20
CA ASN B 222 -37.64 27.23 2.45
C ASN B 222 -38.15 28.64 2.25
N GLY B 223 -39.00 28.84 1.24
CA GLY B 223 -39.57 30.14 0.96
C GLY B 223 -38.61 31.11 0.30
N HIS B 224 -37.47 30.60 -0.18
CA HIS B 224 -36.47 31.46 -0.79
C HIS B 224 -36.10 31.05 -2.20
N SER B 225 -36.23 31.99 -3.12
CA SER B 225 -35.81 31.83 -4.49
C SER B 225 -34.42 32.45 -4.67
N ASP B 226 -34.01 33.25 -3.69
CA ASP B 226 -32.66 33.80 -3.65
C ASP B 226 -31.76 32.87 -2.86
N ARG B 227 -30.46 33.18 -2.83
CA ARG B 227 -29.52 32.36 -2.09
C ARG B 227 -28.48 33.20 -1.35
N ILE B 228 -28.03 32.69 -0.21
CA ILE B 228 -26.83 33.22 0.41
C ILE B 228 -25.80 32.09 0.46
N ASN B 229 -24.74 32.24 -0.31
CA ASN B 229 -23.70 31.23 -0.37
C ASN B 229 -22.59 31.54 0.61
N TYR B 230 -22.05 30.51 1.25
CA TYR B 230 -21.14 30.69 2.36
C TYR B 230 -19.71 30.35 1.97
N PHE B 231 -18.77 31.16 2.48
CA PHE B 231 -17.36 30.97 2.18
C PHE B 231 -16.57 31.19 3.47
N TRP B 232 -15.34 30.70 3.49
CA TRP B 232 -14.51 30.84 4.68
C TRP B 232 -13.04 31.05 4.33
N GLY B 233 -12.29 31.52 5.31
CA GLY B 233 -10.85 31.68 5.16
C GLY B 233 -10.14 31.66 6.50
N VAL B 234 -8.83 31.51 6.45
CA VAL B 234 -8.04 31.48 7.66
C VAL B 234 -7.02 32.61 7.64
N VAL B 235 -7.07 33.47 8.65
CA VAL B 235 -6.13 34.57 8.75
C VAL B 235 -5.02 34.13 9.69
N ASN B 236 -3.82 33.92 9.16
CA ASN B 236 -2.70 33.41 9.95
C ASN B 236 -2.23 34.41 11.00
N PRO B 237 -1.52 33.92 12.03
CA PRO B 237 -0.88 34.82 13.00
C PRO B 237 -0.07 35.89 12.28
N ASN B 238 -0.29 37.14 12.68
CA ASN B 238 0.39 38.30 12.08
C ASN B 238 0.00 38.61 10.63
N GLN B 239 -1.04 37.93 10.14
CA GLN B 239 -1.65 38.26 8.83
C GLN B 239 -2.80 39.24 9.01
N ASN B 240 -3.14 39.93 7.93
CA ASN B 240 -4.26 40.86 7.93
C ASN B 240 -5.36 40.34 7.03
N PHE B 241 -6.58 40.79 7.25
CA PHE B 241 -7.60 40.65 6.25
C PHE B 241 -8.36 41.95 6.09
N SER B 242 -8.95 42.16 4.91
CA SER B 242 -9.67 43.38 4.67
C SER B 242 -10.89 43.09 3.81
N ILE B 243 -11.89 43.94 3.94
CA ILE B 243 -13.11 43.78 3.18
C ILE B 243 -13.49 45.11 2.54
N VAL B 244 -13.84 45.05 1.26
CA VAL B 244 -14.42 46.18 0.55
C VAL B 244 -15.71 45.70 -0.09
N SER B 245 -16.83 46.30 0.31
CA SER B 245 -18.15 45.83 -0.12
C SER B 245 -19.10 46.97 -0.48
N THR B 246 -19.83 46.80 -1.58
CA THR B 246 -20.86 47.78 -1.96
C THR B 246 -22.27 47.22 -1.79
N GLY B 247 -22.38 46.02 -1.24
CA GLY B 247 -23.68 45.41 -1.01
C GLY B 247 -23.69 43.89 -1.09
N ASN B 248 -24.85 43.29 -0.83
CA ASN B 248 -25.04 41.85 -0.97
C ASN B 248 -24.07 41.02 -0.13
N PHE B 249 -23.69 41.53 1.04
CA PHE B 249 -22.67 40.84 1.82
C PHE B 249 -23.11 40.52 3.24
N ILE B 250 -22.74 39.33 3.69
CA ILE B 250 -23.04 38.90 5.04
C ILE B 250 -21.72 38.81 5.80
N TRP B 251 -21.52 39.70 6.76
CA TRP B 251 -20.20 39.95 7.32
C TRP B 251 -19.78 38.98 8.41
N PRO B 252 -18.48 38.66 8.46
CA PRO B 252 -17.96 37.78 9.51
C PRO B 252 -17.72 38.56 10.81
N GLU B 253 -18.82 38.93 11.48
CA GLU B 253 -18.74 39.72 12.71
C GLU B 253 -17.98 38.97 13.79
N TYR B 254 -18.26 37.67 13.91
CA TYR B 254 -17.55 36.81 14.85
C TYR B 254 -16.69 35.79 14.09
N GLY B 255 -15.59 35.38 14.70
CA GLY B 255 -14.74 34.35 14.13
C GLY B 255 -14.17 33.46 15.22
N TYR B 256 -13.39 32.45 14.83
CA TYR B 256 -12.81 31.55 15.81
C TYR B 256 -11.29 31.52 15.73
N PHE B 257 -10.62 31.82 16.84
CA PHE B 257 -9.21 31.55 16.94
C PHE B 257 -9.08 30.08 17.31
N PHE B 258 -8.18 29.38 16.64
CA PHE B 258 -8.06 27.96 16.85
C PHE B 258 -6.62 27.50 16.71
N GLN B 259 -6.30 26.42 17.40
CA GLN B 259 -4.96 25.87 17.34
C GLN B 259 -5.02 24.52 16.67
N LYS B 260 -4.37 24.45 15.52
CA LYS B 260 -4.29 23.22 14.73
C LYS B 260 -3.53 22.14 15.47
N THR B 261 -3.87 20.89 15.18
CA THR B 261 -3.09 19.76 15.68
C THR B 261 -2.43 19.09 14.48
N THR B 262 -1.51 18.17 14.74
CA THR B 262 -0.79 17.49 13.68
C THR B 262 -1.59 16.29 13.16
N ASN B 263 -2.47 15.77 14.02
CA ASN B 263 -3.17 14.52 13.74
C ASN B 263 -4.62 14.73 13.29
N ILE B 264 -4.88 14.58 12.01
CA ILE B 264 -6.22 14.78 11.49
C ILE B 264 -7.12 13.58 11.82
N SER B 265 -8.23 13.85 12.48
CA SER B 265 -9.16 12.79 12.85
C SER B 265 -10.31 12.78 11.85
N GLY B 266 -11.34 13.57 12.13
CA GLY B 266 -12.43 13.70 11.20
C GLY B 266 -13.77 13.72 11.90
N ILE B 267 -14.83 13.44 11.16
CA ILE B 267 -16.17 13.48 11.72
C ILE B 267 -16.69 12.07 11.92
N ILE B 268 -17.14 11.76 13.13
CA ILE B 268 -17.79 10.49 13.43
C ILE B 268 -19.30 10.70 13.30
N LYS B 269 -19.92 9.99 12.36
CA LYS B 269 -21.35 10.16 12.11
C LYS B 269 -22.11 9.09 12.86
N SER B 270 -22.90 9.51 13.84
CA SER B 270 -23.68 8.59 14.67
C SER B 270 -24.83 9.31 15.39
N SER B 271 -25.91 8.59 15.65
CA SER B 271 -26.99 9.12 16.48
C SER B 271 -26.69 8.93 17.97
N GLU B 272 -25.77 8.03 18.28
CA GLU B 272 -25.46 7.72 19.67
C GLU B 272 -24.89 8.93 20.40
N LYS B 273 -24.93 8.90 21.72
CA LYS B 273 -24.33 9.97 22.50
C LYS B 273 -22.90 9.64 22.89
N ILE B 274 -22.19 10.65 23.39
CA ILE B 274 -20.83 10.43 23.87
C ILE B 274 -20.92 9.80 25.25
N SER B 275 -20.37 8.61 25.41
CA SER B 275 -20.40 7.92 26.70
C SER B 275 -19.20 8.32 27.56
N ASP B 276 -19.23 7.90 28.83
CA ASP B 276 -18.15 8.19 29.75
C ASP B 276 -17.11 7.08 29.65
N CYS B 277 -16.32 7.16 28.59
CA CYS B 277 -15.31 6.14 28.30
C CYS B 277 -14.12 6.77 27.57
N ASP B 278 -13.05 5.99 27.43
CA ASP B 278 -11.82 6.47 26.82
C ASP B 278 -11.21 5.36 25.98
N THR B 279 -10.72 5.72 24.79
CA THR B 279 -10.19 4.73 23.86
C THR B 279 -9.00 5.29 23.09
N ILE B 280 -8.12 4.41 22.63
CA ILE B 280 -6.99 4.86 21.79
C ILE B 280 -7.37 4.87 20.32
N CYS B 281 -8.50 4.23 20.01
CA CYS B 281 -9.00 4.16 18.63
C CYS B 281 -10.53 4.14 18.61
N GLN B 282 -11.13 4.99 17.78
CA GLN B 282 -12.57 5.15 17.74
C GLN B 282 -13.15 4.94 16.35
N THR B 283 -14.29 4.25 16.26
CA THR B 283 -15.05 4.19 15.01
C THR B 283 -16.49 4.63 15.25
N LYS B 284 -17.25 4.79 14.15
CA LYS B 284 -18.62 5.26 14.25
C LYS B 284 -19.58 4.18 14.74
N ILE B 285 -19.11 2.94 14.81
CA ILE B 285 -19.94 1.87 15.37
C ILE B 285 -19.37 1.35 16.69
N GLY B 286 -18.36 2.03 17.22
CA GLY B 286 -17.80 1.66 18.50
C GLY B 286 -16.30 1.86 18.66
N ALA B 287 -15.84 1.79 19.90
CA ALA B 287 -14.44 1.99 20.20
C ALA B 287 -13.65 0.72 19.92
N ILE B 288 -12.42 0.90 19.45
CA ILE B 288 -11.48 -0.22 19.29
C ILE B 288 -10.35 0.04 20.26
N ASN B 289 -10.60 -0.29 21.52
CA ASN B 289 -9.73 0.02 22.64
C ASN B 289 -8.78 -1.15 22.84
N SER B 290 -7.80 -1.25 21.95
CA SER B 290 -7.01 -2.47 21.86
C SER B 290 -5.69 -2.21 21.14
N THR B 291 -4.62 -2.84 21.63
CA THR B 291 -3.32 -2.72 21.00
C THR B 291 -2.97 -3.92 20.12
N LEU B 292 -3.95 -4.80 19.88
CA LEU B 292 -3.75 -5.89 18.92
C LEU B 292 -3.44 -5.29 17.55
N PRO B 293 -2.62 -5.98 16.75
CA PRO B 293 -2.15 -5.38 15.48
C PRO B 293 -3.24 -5.31 14.41
N PHE B 294 -4.25 -6.17 14.51
CA PHE B 294 -5.29 -6.20 13.48
C PHE B 294 -6.70 -6.12 14.07
N GLN B 295 -7.64 -5.63 13.26
CA GLN B 295 -9.06 -5.56 13.62
C GLN B 295 -9.91 -5.79 12.38
N ASN B 296 -11.07 -6.41 12.56
CA ASN B 296 -11.96 -6.67 11.43
C ASN B 296 -13.28 -5.96 11.63
N ILE B 297 -13.25 -4.90 12.44
CA ILE B 297 -14.47 -4.23 12.88
C ILE B 297 -14.94 -3.15 11.90
N HIS B 298 -14.04 -2.29 11.44
CA HIS B 298 -14.45 -1.19 10.57
C HIS B 298 -13.31 -0.62 9.72
N GLN B 299 -13.59 -0.34 8.45
CA GLN B 299 -12.60 0.20 7.53
C GLN B 299 -12.09 1.58 7.98
N ASN B 300 -13.00 2.42 8.48
CA ASN B 300 -12.63 3.78 8.86
C ASN B 300 -12.57 3.97 10.37
N ALA B 301 -11.51 4.60 10.84
CA ALA B 301 -11.29 4.76 12.27
C ALA B 301 -10.42 5.97 12.52
N ILE B 302 -10.30 6.34 13.79
CA ILE B 302 -9.45 7.47 14.16
C ILE B 302 -8.58 7.11 15.35
N GLY B 303 -7.33 7.56 15.32
CA GLY B 303 -6.42 7.40 16.44
C GLY B 303 -5.31 6.39 16.22
N ASP B 304 -4.93 5.72 17.30
CA ASP B 304 -3.87 4.73 17.28
C ASP B 304 -4.53 3.38 17.12
N CYS B 305 -4.61 2.90 15.89
CA CYS B 305 -5.54 1.82 15.55
C CYS B 305 -4.86 0.59 14.96
N PRO B 306 -5.41 -0.60 15.23
CA PRO B 306 -4.94 -1.80 14.53
C PRO B 306 -5.27 -1.68 13.06
N LYS B 307 -4.63 -2.47 12.21
CA LYS B 307 -4.95 -2.43 10.78
C LYS B 307 -6.23 -3.18 10.45
N TYR B 308 -7.06 -2.62 9.58
CA TYR B 308 -8.28 -3.29 9.17
C TYR B 308 -7.98 -4.49 8.27
N VAL B 309 -8.54 -5.65 8.62
CA VAL B 309 -8.43 -6.85 7.80
C VAL B 309 -9.79 -7.51 7.67
N LYS B 310 -9.95 -8.40 6.70
CA LYS B 310 -11.23 -9.07 6.49
C LYS B 310 -11.26 -10.47 7.10
N ALA B 311 -10.16 -10.87 7.72
CA ALA B 311 -10.08 -12.15 8.44
C ALA B 311 -11.15 -12.32 9.51
N GLN B 312 -11.65 -13.54 9.64
CA GLN B 312 -12.60 -13.90 10.70
C GLN B 312 -11.89 -14.16 12.02
N GLU B 313 -10.65 -14.65 11.94
CA GLU B 313 -9.85 -14.87 13.13
C GLU B 313 -8.37 -14.95 12.81
N LEU B 314 -7.53 -14.56 13.76
CA LEU B 314 -6.09 -14.71 13.64
C LEU B 314 -5.54 -15.18 14.97
N VAL B 315 -5.40 -16.50 15.11
CA VAL B 315 -4.97 -17.09 16.38
C VAL B 315 -3.58 -17.70 16.29
N LEU B 316 -2.66 -17.13 17.06
CA LEU B 316 -1.30 -17.66 17.17
C LEU B 316 -1.25 -18.81 18.16
N ALA B 317 -0.58 -19.90 17.78
CA ALA B 317 -0.27 -20.95 18.73
C ALA B 317 0.72 -20.41 19.74
N THR B 318 0.53 -20.74 21.02
CA THR B 318 1.53 -20.44 22.03
C THR B 318 1.97 -21.74 22.68
N GLY B 319 1.00 -22.59 23.02
CA GLY B 319 1.30 -23.84 23.67
C GLY B 319 1.62 -24.99 22.72
N LEU B 320 1.51 -26.22 23.22
CA LEU B 320 1.94 -27.40 22.50
C LEU B 320 0.76 -28.09 21.82
N ARG B 321 1.06 -28.98 20.88
CA ARG B 321 0.02 -29.85 20.35
C ARG B 321 -0.64 -30.56 21.52
N ASN B 322 -1.96 -30.50 21.59
CA ASN B 322 -2.67 -31.14 22.68
C ASN B 322 -3.12 -32.52 22.25
N ASN B 323 -2.16 -33.45 22.23
CA ASN B 323 -2.39 -34.82 21.82
C ASN B 323 -1.97 -35.80 22.93
N PRO B 324 -2.69 -35.81 24.05
CA PRO B 324 -2.30 -36.64 25.19
C PRO B 324 -2.33 -38.13 24.86
N ILE B 325 -1.47 -38.91 25.52
CA ILE B 325 -1.42 -40.35 25.33
C ILE B 325 -2.69 -41.02 25.85
N ALA B 334 2.93 -49.01 33.22
CA ALA B 334 4.10 -48.19 32.88
C ALA B 334 3.73 -47.16 31.82
N ILE B 335 4.22 -45.93 31.98
CA ILE B 335 3.89 -44.86 31.03
C ILE B 335 4.98 -44.61 29.99
N ALA B 336 4.55 -44.27 28.78
CA ALA B 336 5.46 -43.97 27.67
C ALA B 336 5.76 -42.48 27.63
N GLY B 337 6.65 -42.07 26.72
CA GLY B 337 7.09 -40.68 26.65
C GLY B 337 6.59 -39.91 25.44
N PHE B 338 7.32 -38.88 25.07
CA PHE B 338 6.86 -37.90 24.08
C PHE B 338 6.50 -38.49 22.72
N ILE B 339 7.17 -39.57 22.34
CA ILE B 339 6.94 -40.23 21.06
C ILE B 339 5.47 -40.58 20.84
N GLU B 340 4.77 -40.88 21.94
CA GLU B 340 3.38 -41.33 21.85
C GLU B 340 2.36 -40.24 22.19
N GLY B 341 2.84 -39.07 22.58
CA GLY B 341 1.94 -37.95 22.88
C GLY B 341 2.32 -37.23 24.17
N GLY B 342 1.44 -36.33 24.61
CA GLY B 342 1.70 -35.53 25.79
C GLY B 342 1.19 -36.16 27.07
N TRP B 343 1.54 -35.55 28.20
CA TRP B 343 1.16 -36.04 29.51
C TRP B 343 0.18 -35.10 30.20
N GLN B 344 -1.04 -35.59 30.44
CA GLN B 344 -1.97 -34.86 31.28
C GLN B 344 -1.39 -34.74 32.69
N GLY B 345 -0.50 -35.68 33.03
CA GLY B 345 0.07 -35.73 34.37
C GLY B 345 1.15 -34.70 34.61
N LEU B 346 1.68 -34.12 33.53
CA LEU B 346 2.68 -33.06 33.66
C LEU B 346 1.97 -31.71 33.74
N ILE B 347 1.79 -31.21 34.97
CA ILE B 347 0.90 -30.07 35.21
C ILE B 347 1.60 -28.74 35.51
N ASP B 348 2.89 -28.80 35.81
CA ASP B 348 3.60 -27.60 36.27
C ASP B 348 4.69 -27.12 35.31
N GLY B 349 4.55 -27.43 34.02
CA GLY B 349 5.51 -26.98 33.04
C GLY B 349 5.16 -27.42 31.63
N TRP B 350 6.00 -27.09 30.66
CA TRP B 350 5.75 -27.45 29.28
C TRP B 350 6.42 -28.77 28.92
N TYR B 351 7.67 -28.92 29.35
CA TYR B 351 8.46 -30.11 29.07
C TYR B 351 8.96 -30.68 30.38
N GLY B 352 9.19 -31.99 30.44
CA GLY B 352 9.73 -32.58 31.65
C GLY B 352 9.94 -34.08 31.61
N TYR B 353 9.89 -34.69 32.78
CA TYR B 353 10.29 -36.07 32.93
C TYR B 353 9.31 -36.87 33.78
N HIS B 354 9.34 -38.18 33.59
CA HIS B 354 8.72 -39.11 34.50
C HIS B 354 9.73 -40.20 34.80
N HIS B 355 9.88 -40.53 36.08
CA HIS B 355 10.86 -41.51 36.49
C HIS B 355 10.20 -42.67 37.23
N GLN B 356 10.89 -43.80 37.25
CA GLN B 356 10.40 -45.00 37.91
C GLN B 356 11.58 -45.64 38.62
N ASN B 357 11.52 -45.76 39.95
CA ASN B 357 12.54 -46.51 40.67
C ASN B 357 12.03 -47.15 41.96
N SER B 358 12.95 -47.73 42.72
CA SER B 358 12.60 -48.48 43.93
C SER B 358 11.99 -47.59 45.00
N GLU B 359 12.40 -46.32 45.02
CA GLU B 359 11.92 -45.37 46.02
C GLU B 359 10.57 -44.76 45.66
N GLY B 360 10.11 -45.02 44.43
CA GLY B 360 8.84 -44.49 43.97
C GLY B 360 8.87 -43.94 42.56
N SER B 361 7.90 -43.09 42.22
CA SER B 361 7.75 -42.59 40.86
C SER B 361 7.03 -41.25 40.82
N GLY B 362 7.09 -40.57 39.68
CA GLY B 362 6.42 -39.29 39.54
C GLY B 362 6.86 -38.44 38.36
N TYR B 363 6.13 -37.34 38.16
CA TYR B 363 6.42 -36.38 37.10
C TYR B 363 7.23 -35.21 37.66
N ALA B 364 8.10 -34.67 36.83
CA ALA B 364 8.83 -33.45 37.19
C ALA B 364 9.05 -32.60 35.95
N ALA B 365 8.73 -31.32 36.06
CA ALA B 365 8.90 -30.38 34.96
C ALA B 365 10.36 -29.99 34.82
N ASP B 366 10.81 -29.78 33.59
CA ASP B 366 12.10 -29.11 33.39
C ASP B 366 11.82 -27.62 33.44
N LYS B 367 12.10 -27.01 34.59
CA LYS B 367 11.76 -25.60 34.79
C LYS B 367 12.55 -24.69 33.86
N GLU B 368 13.83 -24.99 33.69
CA GLU B 368 14.71 -24.14 32.90
C GLU B 368 14.33 -24.21 31.44
N ALA B 369 14.09 -25.41 30.93
CA ALA B 369 13.69 -25.57 29.54
C ALA B 369 12.32 -24.96 29.29
N THR B 370 11.43 -25.07 30.27
CA THR B 370 10.10 -24.49 30.15
C THR B 370 10.17 -22.96 30.13
N GLN B 371 10.88 -22.37 31.07
CA GLN B 371 11.00 -20.92 31.16
C GLN B 371 11.64 -20.32 29.91
N LYS B 372 12.65 -21.02 29.39
CA LYS B 372 13.34 -20.59 28.18
C LYS B 372 12.37 -20.53 27.00
N ALA B 373 11.51 -21.54 26.90
CA ALA B 373 10.55 -21.60 25.82
C ALA B 373 9.44 -20.55 26.01
N VAL B 374 9.04 -20.35 27.26
CA VAL B 374 8.01 -19.35 27.57
C VAL B 374 8.50 -17.97 27.19
N ASP B 375 9.76 -17.67 27.51
CA ASP B 375 10.34 -16.37 27.18
C ASP B 375 10.42 -16.18 25.67
N ALA B 376 10.73 -17.25 24.96
CA ALA B 376 10.85 -17.20 23.50
C ALA B 376 9.49 -16.94 22.84
N ILE B 377 8.47 -17.68 23.27
CA ILE B 377 7.13 -17.52 22.71
C ILE B 377 6.52 -16.19 23.10
N THR B 378 6.79 -15.74 24.32
CA THR B 378 6.31 -14.44 24.77
C THR B 378 6.94 -13.34 23.91
N THR B 379 8.23 -13.48 23.66
CA THR B 379 8.95 -12.56 22.78
C THR B 379 8.38 -12.57 21.36
N LYS B 380 8.05 -13.76 20.85
CA LYS B 380 7.48 -13.86 19.51
C LYS B 380 6.13 -13.15 19.41
N VAL B 381 5.22 -13.47 20.33
CA VAL B 381 3.91 -12.86 20.35
C VAL B 381 3.99 -11.33 20.49
N ASN B 382 4.79 -10.87 21.45
CA ASN B 382 4.98 -9.44 21.67
C ASN B 382 5.60 -8.69 20.49
N ASN B 383 6.49 -9.36 19.75
CA ASN B 383 7.06 -8.76 18.55
C ASN B 383 5.99 -8.57 17.48
N ILE B 384 5.20 -9.61 17.25
CA ILE B 384 4.13 -9.56 16.25
C ILE B 384 3.11 -8.48 16.58
N ILE B 385 2.90 -8.26 17.87
CA ILE B 385 1.96 -7.22 18.31
C ILE B 385 2.61 -5.83 18.32
N ASP B 386 3.75 -5.70 19.00
CA ASP B 386 4.33 -4.37 19.26
C ASP B 386 4.97 -3.72 18.04
N LYS B 387 5.34 -4.51 17.04
CA LYS B 387 5.96 -3.94 15.84
C LYS B 387 4.91 -3.21 15.00
N MET B 388 3.64 -3.49 15.26
CA MET B 388 2.57 -2.74 14.61
C MET B 388 2.46 -1.37 15.28
N ASN B 389 3.40 -0.49 14.92
CA ASN B 389 3.46 0.87 15.46
C ASN B 389 3.09 1.85 14.37
N THR B 390 1.84 2.32 14.40
CA THR B 390 1.23 2.89 13.21
C THR B 390 1.18 4.41 13.16
N GLN B 391 1.00 4.93 11.96
CA GLN B 391 0.70 6.36 11.80
C GLN B 391 -0.71 6.59 12.34
N PHE B 392 -0.95 7.81 12.83
CA PHE B 392 -2.27 8.21 13.29
C PHE B 392 -3.32 7.95 12.21
N GLU B 393 -4.38 7.25 12.59
CA GLU B 393 -5.43 6.87 11.64
C GLU B 393 -6.49 7.95 11.54
N SER B 394 -6.90 8.25 10.31
CA SER B 394 -7.87 9.32 10.04
C SER B 394 -9.12 8.80 9.33
N THR B 395 -10.26 9.47 9.55
CA THR B 395 -11.49 9.13 8.83
C THR B 395 -11.89 10.24 7.87
N ALA B 396 -11.00 11.22 7.69
CA ALA B 396 -11.28 12.29 6.74
C ALA B 396 -11.02 11.80 5.33
N LYS B 397 -12.07 11.29 4.70
CA LYS B 397 -11.99 10.70 3.37
C LYS B 397 -13.13 11.17 2.46
N GLU B 398 -13.50 12.45 2.60
CA GLU B 398 -14.61 13.00 1.82
C GLU B 398 -14.10 13.96 0.76
N PHE B 399 -14.85 14.06 -0.33
CA PHE B 399 -14.55 14.99 -1.40
C PHE B 399 -15.86 15.62 -1.84
N ASN B 400 -15.82 16.70 -2.58
CA ASN B 400 -17.09 17.34 -2.97
C ASN B 400 -17.89 16.46 -3.93
N LYS B 401 -19.16 16.80 -4.16
CA LYS B 401 -20.02 15.89 -4.90
C LYS B 401 -19.68 15.84 -6.38
N ILE B 402 -18.88 16.80 -6.85
CA ILE B 402 -18.42 16.76 -8.23
C ILE B 402 -17.01 16.14 -8.34
N GLU B 403 -16.61 15.40 -7.31
CA GLU B 403 -15.29 14.76 -7.30
C GLU B 403 -15.39 13.27 -7.00
N MET B 404 -16.39 12.61 -7.56
CA MET B 404 -16.63 11.18 -7.25
C MET B 404 -15.45 10.30 -7.68
N ARG B 405 -14.76 10.71 -8.74
CA ARG B 405 -13.56 10.00 -9.20
C ARG B 405 -12.45 10.01 -8.14
N ILE B 406 -12.37 11.07 -7.33
CA ILE B 406 -11.34 11.14 -6.30
C ILE B 406 -11.75 10.29 -5.11
N LYS B 407 -13.04 10.32 -4.77
CA LYS B 407 -13.56 9.45 -3.73
C LYS B 407 -13.35 7.99 -4.12
N HIS B 408 -13.55 7.68 -5.39
CA HIS B 408 -13.29 6.33 -5.85
C HIS B 408 -11.81 5.98 -5.69
N LEU B 409 -10.94 6.94 -5.98
CA LEU B 409 -9.51 6.71 -5.77
C LEU B 409 -9.24 6.42 -4.30
N SER B 410 -9.86 7.20 -3.42
CA SER B 410 -9.73 6.99 -1.99
C SER B 410 -10.24 5.61 -1.59
N ASP B 411 -11.37 5.18 -2.17
CA ASP B 411 -11.92 3.87 -1.87
C ASP B 411 -11.01 2.72 -2.30
N ARG B 412 -10.36 2.85 -3.46
CA ARG B 412 -9.55 1.73 -3.94
C ARG B 412 -8.19 1.71 -3.24
N VAL B 413 -7.74 2.87 -2.77
CA VAL B 413 -6.56 2.93 -1.92
C VAL B 413 -6.78 2.06 -0.68
N ASP B 414 -7.92 2.22 -0.03
CA ASP B 414 -8.22 1.46 1.18
C ASP B 414 -8.48 -0.02 0.86
N ASP B 415 -9.13 -0.28 -0.27
CA ASP B 415 -9.25 -1.66 -0.77
C ASP B 415 -7.89 -2.28 -0.96
N GLY B 416 -6.95 -1.48 -1.47
CA GLY B 416 -5.61 -1.94 -1.71
C GLY B 416 -4.89 -2.35 -0.44
N PHE B 417 -4.98 -1.49 0.59
CA PHE B 417 -4.34 -1.80 1.86
C PHE B 417 -5.04 -2.92 2.59
N LEU B 418 -6.37 -2.98 2.45
CA LEU B 418 -7.14 -4.06 3.06
C LEU B 418 -6.66 -5.41 2.54
N ASP B 419 -6.40 -5.50 1.24
CA ASP B 419 -5.94 -6.75 0.65
C ASP B 419 -4.52 -7.09 1.04
N VAL B 420 -3.67 -6.07 1.17
CA VAL B 420 -2.30 -6.27 1.63
C VAL B 420 -2.27 -6.81 3.05
N TRP B 421 -2.95 -6.11 3.95
CA TRP B 421 -2.93 -6.49 5.37
C TRP B 421 -3.62 -7.82 5.64
N SER B 422 -4.73 -8.07 4.94
CA SER B 422 -5.44 -9.32 5.14
C SER B 422 -4.60 -10.52 4.75
N TYR B 423 -3.99 -10.47 3.56
CA TYR B 423 -3.20 -11.60 3.07
C TYR B 423 -1.95 -11.83 3.92
N ASN B 424 -1.26 -10.74 4.27
CA ASN B 424 -0.03 -10.86 5.05
C ASN B 424 -0.26 -11.32 6.50
N ALA B 425 -1.31 -10.81 7.15
CA ALA B 425 -1.62 -11.24 8.50
C ALA B 425 -1.99 -12.73 8.52
N GLU B 426 -2.84 -13.12 7.57
CA GLU B 426 -3.27 -14.50 7.44
C GLU B 426 -2.09 -15.46 7.23
N LEU B 427 -1.17 -15.11 6.33
CA LEU B 427 -0.01 -15.95 6.08
C LEU B 427 0.98 -15.93 7.24
N LEU B 428 1.11 -14.76 7.87
CA LEU B 428 1.97 -14.64 9.05
C LEU B 428 1.54 -15.65 10.11
N VAL B 429 0.25 -15.72 10.37
CA VAL B 429 -0.28 -16.60 11.40
C VAL B 429 -0.03 -18.08 11.06
N LEU B 430 -0.29 -18.44 9.80
CA LEU B 430 -0.11 -19.82 9.36
C LEU B 430 1.35 -20.26 9.44
N LEU B 431 2.24 -19.40 8.99
CA LEU B 431 3.67 -19.69 9.03
C LEU B 431 4.16 -19.78 10.48
N GLU B 432 3.84 -18.77 11.28
CA GLU B 432 4.34 -18.73 12.66
C GLU B 432 3.77 -19.86 13.50
N ASN B 433 2.54 -20.28 13.21
CA ASN B 433 1.97 -21.42 13.93
C ASN B 433 2.72 -22.72 13.62
N GLU B 434 3.08 -22.91 12.36
CA GLU B 434 3.86 -24.08 11.95
C GLU B 434 5.18 -24.11 12.70
N ARG B 435 5.83 -22.95 12.78
CA ARG B 435 7.14 -22.88 13.40
C ARG B 435 7.07 -23.04 14.92
N THR B 436 6.01 -22.52 15.52
CA THR B 436 5.83 -22.64 16.96
C THR B 436 5.69 -24.11 17.37
N LEU B 437 4.93 -24.88 16.59
CA LEU B 437 4.78 -26.31 16.86
C LEU B 437 6.09 -27.07 16.68
N ASP B 438 6.84 -26.75 15.63
CA ASP B 438 8.15 -27.35 15.42
C ASP B 438 9.13 -26.94 16.52
N PHE B 439 8.98 -25.72 17.00
CA PHE B 439 9.84 -25.21 18.06
C PHE B 439 9.67 -26.07 19.31
N HIS B 440 8.42 -26.43 19.61
CA HIS B 440 8.13 -27.29 20.75
C HIS B 440 8.70 -28.70 20.58
N ASP B 441 8.53 -29.27 19.39
CA ASP B 441 9.12 -30.57 19.07
C ASP B 441 10.63 -30.56 19.24
N ALA B 442 11.28 -29.48 18.79
CA ALA B 442 12.73 -29.38 18.89
C ALA B 442 13.20 -29.29 20.34
N ASN B 443 12.44 -28.58 21.16
CA ASN B 443 12.79 -28.46 22.58
C ASN B 443 12.65 -29.78 23.31
N VAL B 444 11.59 -30.51 23.00
CA VAL B 444 11.39 -31.83 23.59
C VAL B 444 12.51 -32.76 23.15
N ASN B 445 12.82 -32.73 21.85
CA ASN B 445 13.88 -33.58 21.32
C ASN B 445 15.24 -33.29 21.96
N ASN B 446 15.47 -32.03 22.30
CA ASN B 446 16.72 -31.64 22.92
C ASN B 446 16.88 -32.28 24.29
N LEU B 447 15.81 -32.30 25.08
CA LEU B 447 15.86 -32.94 26.39
C LEU B 447 16.09 -34.44 26.25
N TYR B 448 15.47 -35.03 25.23
CA TYR B 448 15.64 -36.44 24.91
C TYR B 448 17.11 -36.76 24.60
N GLN B 449 17.71 -35.97 23.71
CA GLN B 449 19.10 -36.19 23.33
C GLN B 449 20.03 -36.01 24.52
N LYS B 450 19.72 -35.04 25.38
CA LYS B 450 20.57 -34.73 26.52
C LYS B 450 20.60 -35.87 27.53
N VAL B 451 19.46 -36.53 27.70
CA VAL B 451 19.39 -37.73 28.54
C VAL B 451 20.11 -38.90 27.86
N LYS B 452 19.81 -39.08 26.57
CA LYS B 452 20.38 -40.17 25.77
C LYS B 452 21.90 -40.23 25.83
N VAL B 453 22.54 -39.09 25.56
CA VAL B 453 24.00 -39.04 25.47
C VAL B 453 24.69 -39.14 26.85
N GLN B 454 23.95 -38.86 27.92
CA GLN B 454 24.47 -39.07 29.27
C GLN B 454 24.50 -40.55 29.61
N LEU B 455 23.38 -41.22 29.36
CA LEU B 455 23.21 -42.63 29.72
C LEU B 455 24.03 -43.56 28.83
N LYS B 456 24.11 -43.23 27.54
CA LYS B 456 24.80 -44.07 26.55
C LYS B 456 24.31 -45.52 26.62
N ASP B 457 25.24 -46.47 26.68
CA ASP B 457 24.84 -47.88 26.76
C ASP B 457 24.59 -48.37 28.20
N ASN B 458 24.50 -47.44 29.15
CA ASN B 458 24.03 -47.79 30.50
C ASN B 458 22.51 -47.91 30.55
N ALA B 459 21.88 -47.75 29.39
CA ALA B 459 20.43 -47.81 29.27
C ALA B 459 20.02 -48.30 27.89
N ILE B 460 18.79 -48.83 27.78
CA ILE B 460 18.23 -49.21 26.50
C ILE B 460 17.24 -48.14 26.08
N ASP B 461 17.42 -47.58 24.89
CA ASP B 461 16.42 -46.66 24.34
C ASP B 461 15.22 -47.48 23.89
N MET B 462 14.10 -47.31 24.58
CA MET B 462 12.92 -48.13 24.33
C MET B 462 12.15 -47.70 23.09
N GLY B 463 12.52 -46.54 22.56
CA GLY B 463 11.92 -46.05 21.31
C GLY B 463 10.62 -45.32 21.50
N ASN B 464 10.17 -45.19 22.75
CA ASN B 464 8.92 -44.51 23.05
C ASN B 464 9.13 -43.20 23.82
N GLY B 465 10.37 -42.71 23.84
CA GLY B 465 10.69 -41.52 24.61
C GLY B 465 11.14 -41.85 26.02
N CYS B 466 11.28 -43.15 26.31
CA CYS B 466 11.72 -43.59 27.63
C CYS B 466 12.99 -44.42 27.54
N PHE B 467 13.73 -44.46 28.64
CA PHE B 467 14.94 -45.27 28.72
C PHE B 467 14.81 -46.35 29.79
N LYS B 468 15.17 -47.58 29.44
CA LYS B 468 15.29 -48.64 30.45
C LYS B 468 16.73 -48.65 30.99
N ILE B 469 16.89 -48.23 32.23
CA ILE B 469 18.20 -48.10 32.85
C ILE B 469 18.72 -49.46 33.33
N LEU B 470 19.97 -49.78 32.98
CA LEU B 470 20.54 -51.08 33.26
C LEU B 470 21.22 -51.18 34.64
N HIS B 471 20.85 -50.26 35.54
CA HIS B 471 21.40 -50.26 36.88
C HIS B 471 20.43 -49.61 37.85
N LYS B 472 20.63 -49.82 39.15
CA LYS B 472 19.75 -49.19 40.13
C LYS B 472 20.01 -47.70 40.09
N CYS B 473 18.97 -46.93 39.84
CA CYS B 473 19.09 -45.50 39.72
C CYS B 473 18.17 -44.84 40.73
N ASN B 474 18.76 -44.43 41.84
CA ASN B 474 18.01 -43.81 42.93
C ASN B 474 17.68 -42.35 42.63
N ASN B 475 17.10 -41.65 43.60
CA ASN B 475 16.66 -40.28 43.39
C ASN B 475 17.83 -39.34 43.10
N THR B 476 18.99 -39.64 43.68
CA THR B 476 20.21 -38.89 43.42
C THR B 476 20.62 -39.09 41.97
N CYS B 477 20.55 -40.34 41.53
CA CYS B 477 20.86 -40.71 40.15
C CYS B 477 19.88 -40.06 39.17
N MET B 478 18.58 -40.14 39.48
CA MET B 478 17.56 -39.54 38.66
C MET B 478 17.75 -38.02 38.55
N ASP B 479 18.02 -37.38 39.69
CA ASP B 479 18.29 -35.95 39.72
C ASP B 479 19.52 -35.58 38.89
N ASP B 480 20.55 -36.44 38.92
CA ASP B 480 21.77 -36.18 38.17
C ASP B 480 21.50 -36.20 36.67
N ILE B 481 20.70 -37.17 36.23
CA ILE B 481 20.30 -37.26 34.83
C ILE B 481 19.57 -36.00 34.37
N LYS B 482 18.56 -35.60 35.15
CA LYS B 482 17.78 -34.41 34.83
C LYS B 482 18.60 -33.12 34.91
N ASN B 483 19.67 -33.15 35.71
CA ASN B 483 20.50 -31.97 35.92
C ASN B 483 21.75 -31.99 35.03
N GLY B 484 21.93 -33.07 34.27
CA GLY B 484 23.07 -33.17 33.37
C GLY B 484 24.39 -33.53 34.02
N THR B 485 24.32 -34.11 35.22
CA THR B 485 25.54 -34.47 35.95
C THR B 485 25.67 -35.98 36.18
N TYR B 486 24.97 -36.77 35.39
CA TYR B 486 25.02 -38.23 35.52
C TYR B 486 26.42 -38.75 35.15
N ASN B 487 26.97 -39.62 35.99
CA ASN B 487 28.28 -40.20 35.74
C ASN B 487 28.16 -41.57 35.09
N TYR B 488 28.48 -41.62 33.80
CA TYR B 488 28.40 -42.85 33.02
C TYR B 488 29.32 -43.94 33.58
N TYR B 489 30.53 -43.55 33.97
CA TYR B 489 31.52 -44.52 34.42
C TYR B 489 31.17 -45.13 35.78
N GLU B 490 30.48 -44.36 36.61
CA GLU B 490 30.07 -44.82 37.94
C GLU B 490 29.17 -46.06 37.89
N TYR B 491 28.41 -46.20 36.80
CA TYR B 491 27.47 -47.31 36.69
C TYR B 491 27.83 -48.27 35.56
N ARG B 492 29.00 -48.09 34.97
CA ARG B 492 29.41 -48.90 33.81
C ARG B 492 29.41 -50.39 34.10
N LYS B 493 30.08 -50.78 35.19
CA LYS B 493 30.24 -52.19 35.52
C LYS B 493 28.91 -52.89 35.77
N GLU B 494 28.10 -52.32 36.66
CA GLU B 494 26.76 -52.88 36.93
C GLU B 494 25.92 -52.96 35.67
N SER B 495 26.00 -51.94 34.83
CA SER B 495 25.21 -51.89 33.60
C SER B 495 25.67 -52.99 32.65
N HIS B 496 26.98 -53.12 32.49
CA HIS B 496 27.54 -54.16 31.64
C HIS B 496 27.10 -55.56 32.02
N LEU B 497 26.97 -55.81 33.33
CA LEU B 497 26.56 -57.14 33.81
C LEU B 497 25.13 -57.43 33.42
N GLU B 498 24.26 -56.44 33.56
CA GLU B 498 22.86 -56.59 33.20
C GLU B 498 22.73 -56.80 31.69
N LYS B 499 23.62 -56.15 30.96
CA LYS B 499 23.63 -56.27 29.50
C LYS B 499 24.04 -57.67 29.06
N GLN B 500 25.03 -58.26 29.74
CA GLN B 500 25.44 -59.64 29.47
C GLN B 500 24.29 -60.62 29.59
N LYS B 501 23.50 -60.46 30.65
CA LYS B 501 22.32 -61.30 30.86
C LYS B 501 21.36 -61.11 29.70
N ILE B 502 21.27 -59.87 29.22
CA ILE B 502 20.42 -59.55 28.07
C ILE B 502 20.97 -60.15 26.78
N ASP B 503 22.28 -60.04 26.57
CA ASP B 503 22.90 -60.52 25.33
C ASP B 503 22.87 -62.04 25.17
N SER B 504 22.31 -62.75 26.14
CA SER B 504 22.13 -64.19 26.04
C SER B 504 20.67 -64.60 26.30
N GLY B 505 20.15 -64.17 27.45
CA GLY B 505 18.82 -64.54 27.94
C GLY B 505 17.70 -64.62 26.92
N GLY C 4 43.73 -40.54 26.52
CA GLY C 4 42.70 -40.85 25.54
C GLY C 4 42.58 -39.78 24.46
N ASP C 5 42.74 -40.19 23.21
CA ASP C 5 42.59 -39.27 22.08
C ASP C 5 41.15 -38.76 21.92
N GLN C 6 41.01 -37.51 21.49
CA GLN C 6 39.70 -36.87 21.37
C GLN C 6 39.54 -36.11 20.04
N ILE C 7 38.32 -36.10 19.51
CA ILE C 7 37.97 -35.18 18.43
C ILE C 7 36.65 -34.46 18.74
N CYS C 8 36.66 -33.14 18.58
CA CYS C 8 35.52 -32.30 18.93
C CYS C 8 34.97 -31.58 17.71
N ILE C 9 33.66 -31.33 17.71
CA ILE C 9 33.05 -30.50 16.69
C ILE C 9 32.69 -29.16 17.34
N GLY C 10 33.01 -28.06 16.67
CA GLY C 10 32.77 -26.75 17.23
C GLY C 10 32.60 -25.68 16.18
N TYR C 11 32.51 -24.43 16.63
CA TYR C 11 32.26 -23.32 15.71
C TYR C 11 33.02 -22.04 16.07
N HIS C 12 33.02 -21.09 15.15
CA HIS C 12 33.80 -19.86 15.28
C HIS C 12 33.23 -18.88 16.30
N SER C 13 34.11 -18.37 17.18
CA SER C 13 33.81 -17.20 18.00
C SER C 13 34.82 -16.10 17.68
N ASN C 14 34.50 -14.86 18.06
CA ASN C 14 35.45 -13.76 17.90
C ASN C 14 35.23 -12.65 18.94
N ASN C 15 35.83 -11.49 18.69
CA ASN C 15 35.76 -10.38 19.65
C ASN C 15 34.65 -9.39 19.35
N SER C 16 33.79 -9.72 18.38
CA SER C 16 32.68 -8.86 17.99
C SER C 16 31.76 -8.48 19.16
N THR C 17 31.31 -7.24 19.17
CA THR C 17 30.32 -6.78 20.13
C THR C 17 28.93 -6.61 19.50
N GLN C 18 28.83 -6.95 18.22
CA GLN C 18 27.56 -6.83 17.50
C GLN C 18 26.49 -7.77 18.07
N THR C 19 25.26 -7.26 18.18
CA THR C 19 24.11 -8.09 18.58
C THR C 19 22.99 -7.98 17.56
N VAL C 20 22.09 -8.96 17.56
CA VAL C 20 20.90 -8.90 16.71
C VAL C 20 19.67 -9.30 17.50
N ASN C 21 18.50 -8.96 16.97
CA ASN C 21 17.24 -9.43 17.55
C ASN C 21 16.62 -10.48 16.64
N THR C 22 15.95 -11.46 17.24
CA THR C 22 15.18 -12.45 16.50
C THR C 22 13.76 -12.43 17.04
N LEU C 23 12.86 -13.17 16.42
CA LEU C 23 11.50 -13.28 16.92
C LEU C 23 11.46 -13.82 18.36
N LEU C 24 12.44 -14.66 18.70
CA LEU C 24 12.44 -15.38 19.98
C LEU C 24 13.31 -14.72 21.06
N GLU C 25 14.38 -14.04 20.63
CA GLU C 25 15.39 -13.56 21.56
C GLU C 25 15.82 -12.14 21.19
N SER C 26 16.25 -11.39 22.19
CA SER C 26 16.69 -10.02 21.96
C SER C 26 18.16 -9.84 22.28
N ASN C 27 18.83 -9.00 21.49
CA ASN C 27 20.22 -8.64 21.74
C ASN C 27 21.14 -9.86 21.85
N VAL C 28 21.05 -10.75 20.86
CA VAL C 28 21.92 -11.93 20.81
C VAL C 28 23.26 -11.56 20.19
N PRO C 29 24.35 -11.73 20.95
CA PRO C 29 25.68 -11.46 20.41
C PRO C 29 26.00 -12.40 19.24
N VAL C 30 26.50 -11.83 18.15
CA VAL C 30 26.85 -12.65 16.98
C VAL C 30 28.22 -12.24 16.45
N THR C 31 28.86 -13.14 15.71
CA THR C 31 30.22 -12.90 15.23
C THR C 31 30.25 -11.91 14.07
N SER C 32 29.16 -11.83 13.32
CA SER C 32 29.05 -10.88 12.22
C SER C 32 27.58 -10.64 11.85
N SER C 33 27.33 -9.50 11.21
CA SER C 33 25.98 -9.13 10.82
C SER C 33 26.02 -8.13 9.68
N HIS C 34 24.86 -7.81 9.12
CA HIS C 34 24.77 -6.94 7.96
C HIS C 34 23.48 -6.11 7.97
N SER C 35 23.64 -4.79 7.93
CA SER C 35 22.50 -3.87 7.94
C SER C 35 21.82 -3.80 6.58
N ILE C 36 20.50 -3.80 6.56
CA ILE C 36 19.76 -3.59 5.32
C ILE C 36 18.99 -2.27 5.33
N LEU C 37 19.41 -1.37 6.21
CA LEU C 37 18.77 -0.07 6.37
C LEU C 37 19.77 1.06 6.11
N GLU C 38 19.51 1.86 5.08
CA GLU C 38 20.33 3.04 4.83
C GLU C 38 19.93 4.17 5.77
N LYS C 39 20.88 4.67 6.55
CA LYS C 39 20.57 5.67 7.58
C LYS C 39 21.37 6.97 7.45
N GLU C 40 22.32 7.01 6.51
CA GLU C 40 23.25 8.14 6.42
C GLU C 40 22.62 9.44 5.91
N HIS C 41 22.78 10.51 6.68
CA HIS C 41 22.43 11.85 6.24
C HIS C 41 23.73 12.48 5.76
N ASN C 42 23.77 12.98 4.52
CA ASN C 42 24.97 13.64 4.03
C ASN C 42 24.73 15.07 3.58
N GLY C 43 23.45 15.44 3.42
CA GLY C 43 23.07 16.78 3.00
C GLY C 43 23.55 17.15 1.60
N LEU C 44 24.01 16.17 0.84
CA LEU C 44 24.52 16.42 -0.50
C LEU C 44 23.41 16.44 -1.55
N LEU C 45 23.52 17.37 -2.49
CA LEU C 45 22.66 17.39 -3.66
C LEU C 45 23.53 16.99 -4.83
N CYS C 46 23.12 15.93 -5.53
CA CYS C 46 23.99 15.34 -6.55
C CYS C 46 23.31 15.23 -7.90
N LYS C 47 24.07 14.78 -8.88
CA LYS C 47 23.49 14.35 -10.15
C LYS C 47 22.68 13.10 -9.87
N LEU C 48 21.68 12.85 -10.70
CA LEU C 48 20.86 11.66 -10.54
C LEU C 48 21.13 10.70 -11.69
N LYS C 49 21.79 9.59 -11.38
CA LYS C 49 22.21 8.61 -12.37
C LYS C 49 22.99 9.28 -13.51
N GLY C 50 23.99 10.08 -13.13
CA GLY C 50 24.84 10.78 -14.08
C GLY C 50 24.19 11.97 -14.76
N LYS C 51 22.95 12.28 -14.40
CA LYS C 51 22.25 13.39 -15.03
C LYS C 51 22.09 14.55 -14.04
N ALA C 52 22.58 15.72 -14.44
CA ALA C 52 22.60 16.89 -13.56
C ALA C 52 21.19 17.46 -13.33
N PRO C 53 20.97 18.06 -12.15
CA PRO C 53 19.71 18.76 -11.92
C PRO C 53 19.72 20.17 -12.50
N LEU C 54 18.55 20.81 -12.57
CA LEU C 54 18.47 22.22 -12.93
C LEU C 54 18.57 23.03 -11.65
N ASP C 55 19.60 23.86 -11.55
CA ASP C 55 19.77 24.71 -10.37
C ASP C 55 19.16 26.08 -10.66
N LEU C 56 18.08 26.40 -9.96
CA LEU C 56 17.37 27.66 -10.16
C LEU C 56 18.03 28.81 -9.42
N ILE C 57 19.10 28.50 -8.70
CA ILE C 57 19.82 29.49 -7.88
C ILE C 57 18.85 30.11 -6.86
N ASP C 58 18.61 31.41 -6.98
CA ASP C 58 17.70 32.07 -6.04
C ASP C 58 16.36 32.43 -6.68
N CYS C 59 16.02 31.73 -7.76
CA CYS C 59 14.77 32.01 -8.47
C CYS C 59 13.73 30.92 -8.26
N SER C 60 12.46 31.29 -8.32
CA SER C 60 11.39 30.31 -8.31
C SER C 60 11.27 29.72 -9.70
N LEU C 61 10.63 28.55 -9.81
CA LEU C 61 10.43 27.94 -11.12
C LEU C 61 9.62 28.82 -12.10
N PRO C 62 8.52 29.43 -11.63
CA PRO C 62 7.84 30.36 -12.54
C PRO C 62 8.70 31.55 -12.97
N ALA C 63 9.43 32.15 -12.04
CA ALA C 63 10.29 33.27 -12.37
C ALA C 63 11.34 32.89 -13.40
N TRP C 64 11.93 31.71 -13.24
CA TRP C 64 12.94 31.21 -14.17
C TRP C 64 12.35 30.92 -15.55
N LEU C 65 11.19 30.26 -15.57
CA LEU C 65 10.53 29.91 -16.82
C LEU C 65 10.14 31.15 -17.63
N MET C 66 9.56 32.14 -16.95
CA MET C 66 9.06 33.32 -17.62
C MET C 66 10.17 34.34 -17.90
N GLY C 67 11.28 34.19 -17.20
CA GLY C 67 12.43 35.05 -17.40
C GLY C 67 12.40 36.36 -16.62
N ASN C 68 12.11 36.28 -15.32
CA ASN C 68 12.41 37.38 -14.41
C ASN C 68 13.83 37.87 -14.68
N PRO C 69 14.00 39.18 -14.94
CA PRO C 69 15.30 39.75 -15.30
C PRO C 69 16.41 39.41 -14.31
N LYS C 70 16.06 39.20 -13.04
CA LYS C 70 17.06 38.86 -12.04
C LYS C 70 17.45 37.38 -12.08
N CYS C 71 16.84 36.63 -12.99
CA CYS C 71 17.12 35.20 -13.12
C CYS C 71 17.95 34.95 -14.37
N ASP C 72 18.89 34.01 -14.28
CA ASP C 72 19.71 33.67 -15.42
C ASP C 72 18.87 33.12 -16.58
N GLU C 73 19.15 33.62 -17.78
CA GLU C 73 18.44 33.18 -18.97
C GLU C 73 19.00 31.82 -19.42
N LEU C 74 18.13 30.97 -19.96
CA LEU C 74 18.60 29.73 -20.57
C LEU C 74 19.17 30.06 -21.93
N LEU C 75 20.49 30.02 -22.03
CA LEU C 75 21.18 30.42 -23.25
C LEU C 75 21.36 29.29 -24.25
N THR C 76 21.54 28.07 -23.75
CA THR C 76 21.74 26.91 -24.62
C THR C 76 20.79 25.77 -24.30
N ALA C 77 20.59 24.88 -25.28
CA ALA C 77 19.81 23.67 -25.07
C ALA C 77 20.38 22.91 -23.88
N SER C 78 19.51 22.37 -23.04
CA SER C 78 19.95 21.72 -21.82
C SER C 78 19.10 20.50 -21.46
N GLU C 79 19.39 19.90 -20.31
CA GLU C 79 18.64 18.77 -19.82
C GLU C 79 18.83 18.71 -18.32
N TRP C 80 17.94 18.00 -17.62
CA TRP C 80 18.09 17.83 -16.17
C TRP C 80 17.30 16.65 -15.62
N ALA C 81 17.77 16.11 -14.50
CA ALA C 81 17.16 14.93 -13.90
C ALA C 81 16.06 15.32 -12.91
N TYR C 82 16.26 16.46 -12.27
CA TYR C 82 15.27 17.04 -11.38
C TYR C 82 15.50 18.54 -11.25
N ILE C 83 14.62 19.23 -10.53
CA ILE C 83 14.74 20.67 -10.38
C ILE C 83 15.08 21.00 -8.92
N LYS C 84 16.10 21.83 -8.74
CA LYS C 84 16.51 22.22 -7.40
C LYS C 84 16.15 23.68 -7.16
N GLU C 85 15.31 23.91 -6.16
CA GLU C 85 14.75 25.23 -5.90
C GLU C 85 14.98 25.59 -4.44
N ASP C 86 15.29 26.87 -4.18
CA ASP C 86 15.41 27.35 -2.81
C ASP C 86 14.05 27.26 -2.10
N PRO C 87 14.05 26.97 -0.79
CA PRO C 87 12.80 26.88 -0.04
C PRO C 87 12.05 28.22 -0.06
N GLU C 88 12.80 29.31 -0.06
CA GLU C 88 12.20 30.64 -0.14
C GLU C 88 13.01 31.51 -1.09
N PRO C 89 12.73 31.39 -2.40
CA PRO C 89 13.50 32.07 -3.45
C PRO C 89 13.40 33.58 -3.32
N GLU C 90 14.51 34.28 -3.51
CA GLU C 90 14.48 35.74 -3.42
C GLU C 90 13.75 36.31 -4.64
N ASN C 91 13.93 35.66 -5.78
CA ASN C 91 13.35 36.14 -7.03
C ASN C 91 12.21 35.24 -7.51
N GLY C 92 10.99 35.71 -7.33
CA GLY C 92 9.81 34.99 -7.77
C GLY C 92 9.03 35.78 -8.79
N ILE C 93 7.70 35.73 -8.67
CA ILE C 93 6.81 36.50 -9.53
C ILE C 93 6.90 37.98 -9.16
N CYS C 94 7.46 38.79 -10.06
CA CYS C 94 7.68 40.21 -9.76
C CYS C 94 6.43 41.08 -9.97
N PHE C 95 5.72 40.87 -11.08
CA PHE C 95 4.43 41.54 -11.25
C PHE C 95 3.36 40.61 -10.67
N PRO C 96 2.69 41.05 -9.58
CA PRO C 96 1.82 40.17 -8.80
C PRO C 96 0.69 39.55 -9.63
N GLY C 97 0.41 38.29 -9.34
CA GLY C 97 -0.63 37.53 -10.04
C GLY C 97 -0.44 36.04 -9.74
N ASP C 98 -1.44 35.23 -10.06
CA ASP C 98 -1.34 33.79 -9.80
C ASP C 98 -0.74 33.06 -10.98
N PHE C 99 0.13 32.09 -10.71
CA PHE C 99 0.63 31.21 -11.78
C PHE C 99 -0.21 29.94 -11.82
N ASP C 100 -0.96 29.77 -12.90
CA ASP C 100 -1.95 28.71 -13.01
C ASP C 100 -1.34 27.32 -13.16
N SER C 101 -1.91 26.36 -12.43
CA SER C 101 -1.58 24.93 -12.54
C SER C 101 -0.09 24.61 -12.53
N LEU C 102 0.61 25.11 -11.52
CA LEU C 102 2.05 24.87 -11.41
C LEU C 102 2.34 23.40 -11.13
N GLU C 103 1.46 22.74 -10.38
CA GLU C 103 1.66 21.35 -10.00
C GLU C 103 1.69 20.43 -11.22
N ASP C 104 0.71 20.61 -12.11
CA ASP C 104 0.68 19.86 -13.37
C ASP C 104 1.90 20.15 -14.26
N LEU C 105 2.34 21.40 -14.27
CA LEU C 105 3.49 21.79 -15.09
C LEU C 105 4.74 21.05 -14.64
N ILE C 106 4.90 20.97 -13.32
CA ILE C 106 6.03 20.27 -12.73
C ILE C 106 6.12 18.83 -13.23
N LEU C 107 4.97 18.16 -13.34
CA LEU C 107 4.92 16.80 -13.87
C LEU C 107 5.55 16.71 -15.27
N LEU C 108 5.44 17.79 -16.04
CA LEU C 108 5.92 17.81 -17.42
C LEU C 108 7.40 18.17 -17.57
N VAL C 109 7.91 19.05 -16.70
CA VAL C 109 9.25 19.59 -16.89
C VAL C 109 10.23 19.26 -15.77
N SER C 110 9.86 18.34 -14.88
CA SER C 110 10.75 18.00 -13.77
C SER C 110 11.95 17.20 -14.25
N ASN C 111 11.76 16.42 -15.32
CA ASN C 111 12.82 15.61 -15.91
C ASN C 111 12.70 15.70 -17.43
N THR C 112 13.68 16.35 -18.06
CA THR C 112 13.61 16.61 -19.50
C THR C 112 14.92 16.22 -20.18
N ASP C 113 14.87 15.91 -21.47
CA ASP C 113 16.05 15.41 -22.18
C ASP C 113 16.62 16.41 -23.18
N HIS C 114 15.75 17.27 -23.70
CA HIS C 114 16.19 18.43 -24.45
C HIS C 114 15.29 19.54 -23.97
N PHE C 115 15.85 20.75 -23.85
CA PHE C 115 15.08 21.88 -23.38
C PHE C 115 15.73 23.12 -23.96
N ARG C 116 14.99 23.80 -24.83
CA ARG C 116 15.57 24.84 -25.65
C ARG C 116 14.61 26.01 -25.75
N LYS C 117 15.11 27.21 -25.43
CA LYS C 117 14.31 28.40 -25.59
C LYS C 117 14.38 28.83 -27.04
N GLU C 118 13.25 29.30 -27.57
CA GLU C 118 13.20 29.78 -28.94
C GLU C 118 12.17 30.90 -29.06
N LYS C 119 12.47 31.88 -29.90
CA LYS C 119 11.51 32.92 -30.21
C LYS C 119 10.40 32.36 -31.07
N ILE C 120 9.16 32.58 -30.63
CA ILE C 120 7.98 31.99 -31.26
C ILE C 120 7.20 33.00 -32.09
N ILE C 121 7.19 34.25 -31.64
CA ILE C 121 6.36 35.27 -32.28
C ILE C 121 7.17 36.51 -32.64
N ASP C 122 7.05 36.95 -33.89
CA ASP C 122 7.61 38.23 -34.30
C ASP C 122 6.61 39.30 -33.91
N MET C 123 6.90 40.00 -32.82
CA MET C 123 5.93 40.95 -32.26
C MET C 123 5.74 42.20 -33.13
N THR C 124 6.66 42.44 -34.05
CA THR C 124 6.58 43.62 -34.93
C THR C 124 5.42 43.51 -35.93
N ARG C 125 4.85 42.31 -36.06
CA ARG C 125 3.76 42.10 -37.01
C ARG C 125 2.46 42.76 -36.60
N PHE C 126 2.40 43.25 -35.37
CA PHE C 126 1.18 43.89 -34.89
C PHE C 126 1.35 45.40 -35.00
N SER C 127 0.36 46.08 -35.54
CA SER C 127 0.48 47.51 -35.79
C SER C 127 -0.39 48.30 -34.81
N ASP C 128 -0.04 49.57 -34.63
CA ASP C 128 -0.79 50.49 -33.77
C ASP C 128 -0.89 50.02 -32.31
N VAL C 129 0.13 49.32 -31.83
CA VAL C 129 0.22 48.95 -30.42
C VAL C 129 1.65 49.18 -29.93
N THR C 130 1.85 49.19 -28.61
CA THR C 130 3.20 49.23 -28.09
C THR C 130 3.56 47.85 -27.56
N THR C 131 4.82 47.48 -27.70
CA THR C 131 5.29 46.18 -27.25
C THR C 131 6.47 46.35 -26.31
N ASN C 132 6.94 45.24 -25.75
CA ASN C 132 8.09 45.24 -24.84
C ASN C 132 7.93 46.22 -23.68
N ASN C 133 6.71 46.36 -23.18
CA ASN C 133 6.45 47.24 -22.05
C ASN C 133 7.11 46.75 -20.77
N VAL C 134 7.42 47.68 -19.88
CA VAL C 134 8.17 47.39 -18.67
C VAL C 134 7.47 47.94 -17.42
N ASP C 135 8.00 47.58 -16.26
CA ASP C 135 7.39 48.01 -14.99
C ASP C 135 8.42 48.01 -13.88
N SER C 136 8.28 48.95 -12.96
CA SER C 136 9.28 49.12 -11.90
C SER C 136 9.28 47.95 -10.91
N ALA C 137 8.21 47.15 -10.93
CA ALA C 137 8.14 45.97 -10.08
C ALA C 137 9.02 44.82 -10.58
N CYS C 138 9.44 44.90 -11.84
CA CYS C 138 10.30 43.85 -12.41
C CYS C 138 11.60 44.41 -12.97
N PRO C 139 12.45 44.98 -12.08
CA PRO C 139 13.68 45.64 -12.55
C PRO C 139 14.86 44.67 -12.71
N TYR C 140 15.83 45.06 -13.53
CA TYR C 140 17.13 44.37 -13.59
C TYR C 140 17.96 44.67 -12.35
N ASP C 141 17.94 45.93 -11.92
CA ASP C 141 18.54 46.33 -10.66
C ASP C 141 17.93 47.62 -10.12
N THR C 142 18.44 48.05 -8.96
CA THR C 142 17.89 49.19 -8.20
C THR C 142 17.35 50.34 -9.05
N ASN C 143 16.06 50.63 -8.87
CA ASN C 143 15.42 51.81 -9.45
C ASN C 143 15.08 51.66 -10.95
N GLY C 144 15.49 50.54 -11.54
CA GLY C 144 15.18 50.23 -12.91
C GLY C 144 13.71 49.89 -13.20
N ALA C 145 13.42 49.66 -14.48
CA ALA C 145 12.14 49.07 -14.89
C ALA C 145 12.37 48.12 -16.05
N SER C 146 11.90 46.88 -15.92
CA SER C 146 12.06 45.88 -16.97
C SER C 146 10.86 44.92 -16.98
N PHE C 147 11.02 43.71 -17.51
CA PHE C 147 9.92 42.75 -17.57
C PHE C 147 10.45 41.35 -17.85
N TYR C 148 9.57 40.35 -17.71
CA TYR C 148 9.91 38.97 -18.04
C TYR C 148 10.44 38.91 -19.48
N ARG C 149 11.58 38.25 -19.67
CA ARG C 149 12.20 38.17 -20.99
C ARG C 149 11.32 37.42 -22.00
N ASN C 150 10.64 36.38 -21.54
CA ASN C 150 9.91 35.52 -22.46
C ASN C 150 8.52 36.02 -22.79
N LEU C 151 8.04 36.98 -21.99
CA LEU C 151 6.66 37.43 -22.09
C LEU C 151 6.60 38.89 -22.51
N ASN C 152 5.88 39.15 -23.61
CA ASN C 152 5.85 40.49 -24.18
C ASN C 152 4.55 41.22 -23.88
N TRP C 153 4.64 42.23 -23.02
CA TRP C 153 3.45 43.00 -22.64
C TRP C 153 3.07 44.01 -23.71
N VAL C 154 1.97 43.72 -24.41
CA VAL C 154 1.43 44.62 -25.42
C VAL C 154 0.41 45.56 -24.79
N GLN C 155 0.52 46.85 -25.12
CA GLN C 155 -0.42 47.86 -24.62
C GLN C 155 -0.95 48.70 -25.78
N GLN C 156 -1.89 49.60 -25.47
CA GLN C 156 -2.45 50.53 -26.46
C GLN C 156 -3.18 49.85 -27.62
N ASN C 157 -3.82 48.73 -27.33
CA ASN C 157 -4.66 48.06 -28.33
C ASN C 157 -5.77 48.97 -28.85
N LYS C 158 -6.31 49.81 -27.96
CA LYS C 158 -7.47 50.65 -28.27
C LYS C 158 -8.62 49.83 -28.84
N GLY C 159 -8.84 48.64 -28.27
CA GLY C 159 -9.92 47.77 -28.69
C GLY C 159 -9.69 47.06 -30.01
N LYS C 160 -8.53 47.30 -30.63
CA LYS C 160 -8.17 46.67 -31.89
C LYS C 160 -7.89 45.17 -31.73
N GLN C 161 -8.39 44.37 -32.66
CA GLN C 161 -8.20 42.92 -32.62
C GLN C 161 -6.88 42.49 -33.29
N LEU C 162 -6.02 41.84 -32.52
CA LEU C 162 -4.80 41.23 -33.06
C LEU C 162 -5.03 39.75 -33.31
N ILE C 163 -4.50 39.26 -34.43
CA ILE C 163 -4.69 37.85 -34.81
C ILE C 163 -3.35 37.16 -35.08
N PHE C 164 -3.18 35.97 -34.52
CA PHE C 164 -1.94 35.23 -34.70
C PHE C 164 -2.23 33.75 -34.79
N HIS C 165 -1.51 33.07 -35.67
CA HIS C 165 -1.66 31.63 -35.81
C HIS C 165 -0.26 31.05 -35.92
N TYR C 166 -0.06 29.87 -35.36
CA TYR C 166 1.25 29.25 -35.33
C TYR C 166 1.10 27.75 -35.47
N GLN C 167 2.07 27.13 -36.14
CA GLN C 167 2.13 25.67 -36.23
C GLN C 167 3.47 25.18 -35.71
N ASN C 168 3.44 24.19 -34.83
CA ASN C 168 4.67 23.58 -34.34
C ASN C 168 5.17 22.57 -35.38
N SER C 169 6.17 22.99 -36.15
CA SER C 169 6.69 22.16 -37.22
C SER C 169 7.96 21.44 -36.79
N GLU C 170 8.28 21.51 -35.51
CA GLU C 170 9.40 20.76 -34.95
C GLU C 170 9.00 19.40 -34.40
N ASN C 171 9.98 18.66 -33.88
CA ASN C 171 9.79 17.28 -33.45
C ASN C 171 9.51 17.12 -31.96
N ASN C 172 9.56 18.22 -31.23
CA ASN C 172 9.32 18.19 -29.79
C ASN C 172 8.14 19.10 -29.44
N PRO C 173 7.44 18.80 -28.33
CA PRO C 173 6.35 19.67 -27.90
C PRO C 173 6.85 21.06 -27.49
N LEU C 174 5.98 22.07 -27.62
CA LEU C 174 6.33 23.44 -27.30
C LEU C 174 5.57 23.93 -26.06
N LEU C 175 6.31 24.35 -25.04
CA LEU C 175 5.70 24.96 -23.87
C LEU C 175 5.63 26.47 -24.04
N ILE C 176 4.42 27.04 -23.98
CA ILE C 176 4.26 28.49 -24.00
C ILE C 176 3.57 28.99 -22.74
N ILE C 177 3.97 30.18 -22.30
CA ILE C 177 3.44 30.79 -21.09
C ILE C 177 3.02 32.22 -21.41
N TRP C 178 1.82 32.61 -20.99
CA TRP C 178 1.29 33.93 -21.28
C TRP C 178 0.68 34.59 -20.04
N GLY C 179 0.29 35.85 -20.19
CA GLY C 179 -0.27 36.60 -19.08
C GLY C 179 -1.53 37.36 -19.46
N VAL C 180 -2.43 37.54 -18.49
CA VAL C 180 -3.67 38.27 -18.69
C VAL C 180 -3.76 39.40 -17.68
N HIS C 181 -3.91 40.63 -18.19
CA HIS C 181 -3.89 41.81 -17.33
C HIS C 181 -5.27 42.09 -16.74
N GLN C 182 -5.36 41.97 -15.42
CA GLN C 182 -6.54 42.47 -14.70
C GLN C 182 -6.25 43.86 -14.17
N THR C 183 -6.89 44.87 -14.76
CA THR C 183 -6.66 46.25 -14.35
C THR C 183 -7.48 46.65 -13.12
N SER C 184 -7.02 47.69 -12.42
CA SER C 184 -7.63 48.10 -11.16
C SER C 184 -8.94 48.84 -11.34
N ASN C 185 -8.97 49.72 -12.35
CA ASN C 185 -10.12 50.60 -12.58
C ASN C 185 -10.16 51.11 -14.01
N ALA C 186 -11.28 51.74 -14.39
CA ALA C 186 -11.49 52.21 -15.75
C ALA C 186 -10.39 53.18 -16.19
N ALA C 187 -9.92 53.99 -15.24
CA ALA C 187 -8.88 54.96 -15.53
C ALA C 187 -7.58 54.27 -15.93
N GLU C 188 -7.18 53.27 -15.13
CA GLU C 188 -6.00 52.50 -15.43
C GLU C 188 -6.17 51.73 -16.74
N GLN C 189 -7.34 51.14 -16.94
CA GLN C 189 -7.65 50.43 -18.19
C GLN C 189 -7.44 51.34 -19.38
N ASN C 190 -7.87 52.59 -19.24
CA ASN C 190 -7.71 53.57 -20.32
C ASN C 190 -6.24 53.95 -20.54
N THR C 191 -5.54 54.23 -19.46
CA THR C 191 -4.11 54.56 -19.52
C THR C 191 -3.31 53.51 -20.29
N TYR C 192 -3.59 52.24 -20.01
CA TYR C 192 -2.84 51.13 -20.57
C TYR C 192 -3.28 50.70 -21.98
N TYR C 193 -4.58 50.76 -22.25
CA TYR C 193 -5.09 50.19 -23.50
C TYR C 193 -5.92 51.17 -24.33
N GLY C 194 -6.30 52.30 -23.75
CA GLY C 194 -7.03 53.33 -24.48
C GLY C 194 -8.41 52.88 -24.92
N SER C 195 -8.99 51.96 -24.16
CA SER C 195 -10.31 51.42 -24.45
C SER C 195 -10.76 50.55 -23.29
N GLN C 196 -12.06 50.55 -23.03
CA GLN C 196 -12.63 49.70 -21.98
C GLN C 196 -12.98 48.32 -22.53
N THR C 197 -12.12 47.82 -23.41
CA THR C 197 -12.22 46.46 -23.92
C THR C 197 -10.84 45.82 -23.84
N GLY C 198 -10.81 44.49 -23.84
CA GLY C 198 -9.55 43.76 -23.76
C GLY C 198 -9.78 42.33 -23.36
N SER C 199 -10.18 41.51 -24.33
CA SER C 199 -10.39 40.08 -24.11
C SER C 199 -9.48 39.31 -25.02
N THR C 200 -9.06 38.13 -24.58
CA THR C 200 -8.19 37.31 -25.41
C THR C 200 -8.66 35.87 -25.45
N THR C 201 -8.70 35.31 -26.64
CA THR C 201 -8.99 33.89 -26.79
C THR C 201 -7.76 33.22 -27.36
N ILE C 202 -7.25 32.23 -26.62
CA ILE C 202 -6.11 31.46 -27.09
C ILE C 202 -6.50 29.98 -27.24
N THR C 203 -6.23 29.45 -28.43
CA THR C 203 -6.64 28.10 -28.78
C THR C 203 -5.41 27.22 -28.98
N ILE C 204 -5.38 26.07 -28.32
CA ILE C 204 -4.30 25.12 -28.52
C ILE C 204 -4.93 23.79 -28.96
N GLY C 205 -4.63 23.41 -30.20
CA GLY C 205 -5.31 22.28 -30.83
C GLY C 205 -6.81 22.56 -30.85
N GLU C 206 -7.58 21.69 -30.21
CA GLU C 206 -9.02 21.85 -30.14
C GLU C 206 -9.47 22.44 -28.80
N GLU C 207 -8.51 22.92 -28.02
CA GLU C 207 -8.82 23.40 -26.67
C GLU C 207 -8.85 24.93 -26.67
N THR C 208 -10.00 25.48 -26.32
CA THR C 208 -10.20 26.93 -26.31
C THR C 208 -10.15 27.53 -24.89
N ASN C 209 -9.37 28.59 -24.75
CA ASN C 209 -9.28 29.34 -23.50
C ASN C 209 -9.65 30.81 -23.73
N THR C 210 -10.69 31.29 -23.06
CA THR C 210 -11.14 32.67 -23.22
C THR C 210 -10.90 33.46 -21.93
N TYR C 211 -10.30 34.64 -22.07
CA TYR C 211 -9.99 35.47 -20.93
C TYR C 211 -10.64 36.82 -21.09
N PRO C 212 -11.88 36.95 -20.59
CA PRO C 212 -12.64 38.20 -20.73
C PRO C 212 -12.00 39.32 -19.94
N LEU C 213 -12.28 40.55 -20.34
CA LEU C 213 -11.79 41.71 -19.61
C LEU C 213 -12.34 41.70 -18.20
N VAL C 214 -11.46 41.77 -17.22
CA VAL C 214 -11.89 41.93 -15.84
C VAL C 214 -11.25 43.20 -15.29
N ILE C 215 -12.09 44.10 -14.80
CA ILE C 215 -11.61 45.30 -14.14
C ILE C 215 -12.05 45.24 -12.69
N SER C 216 -11.10 45.23 -11.77
CA SER C 216 -11.39 45.06 -10.34
C SER C 216 -10.19 45.43 -9.49
N GLU C 217 -10.44 46.16 -8.40
CA GLU C 217 -9.39 46.57 -7.48
C GLU C 217 -8.94 45.41 -6.63
N SER C 218 -7.63 45.34 -6.36
CA SER C 218 -7.12 44.40 -5.38
C SER C 218 -6.22 45.15 -4.41
N SER C 219 -5.78 44.45 -3.36
CA SER C 219 -4.85 45.02 -2.40
C SER C 219 -3.50 45.26 -3.07
N ILE C 220 -2.71 46.15 -2.48
CA ILE C 220 -1.43 46.50 -3.06
C ILE C 220 -0.36 45.47 -2.73
N LEU C 221 0.25 44.90 -3.77
CA LEU C 221 1.38 43.98 -3.63
C LEU C 221 2.49 44.46 -4.56
N ASN C 222 3.68 44.65 -4.01
CA ASN C 222 4.80 45.21 -4.77
C ASN C 222 4.41 46.47 -5.52
N GLY C 223 3.66 47.35 -4.86
CA GLY C 223 3.24 48.60 -5.47
C GLY C 223 2.13 48.46 -6.50
N HIS C 224 1.48 47.30 -6.54
CA HIS C 224 0.44 47.05 -7.53
C HIS C 224 -0.89 46.63 -6.93
N SER C 225 -1.94 47.34 -7.31
CA SER C 225 -3.30 46.99 -6.95
C SER C 225 -3.94 46.22 -8.11
N ASP C 226 -3.28 46.24 -9.26
CA ASP C 226 -3.71 45.44 -10.41
C ASP C 226 -2.98 44.10 -10.43
N ARG C 227 -3.35 43.23 -11.36
CA ARG C 227 -2.73 41.90 -11.45
C ARG C 227 -2.46 41.46 -12.88
N ILE C 228 -1.40 40.68 -13.05
CA ILE C 228 -1.20 39.91 -14.28
C ILE C 228 -1.17 38.44 -13.90
N ASN C 229 -2.18 37.69 -14.35
CA ASN C 229 -2.27 36.27 -14.04
C ASN C 229 -1.68 35.42 -15.17
N TYR C 230 -0.95 34.38 -14.79
CA TYR C 230 -0.16 33.63 -15.77
C TYR C 230 -0.77 32.28 -16.06
N PHE C 231 -0.71 31.87 -17.32
CA PHE C 231 -1.26 30.61 -17.77
C PHE C 231 -0.27 30.00 -18.73
N TRP C 232 -0.38 28.69 -18.96
CA TRP C 232 0.54 28.00 -19.86
C TRP C 232 -0.20 26.89 -20.64
N GLY C 233 0.43 26.43 -21.71
CA GLY C 233 -0.10 25.34 -22.49
C GLY C 233 1.03 24.66 -23.25
N VAL C 234 0.74 23.48 -23.79
CA VAL C 234 1.73 22.71 -24.53
C VAL C 234 1.23 22.46 -25.95
N VAL C 235 2.00 22.89 -26.94
CA VAL C 235 1.63 22.67 -28.33
C VAL C 235 2.42 21.47 -28.87
N ASN C 236 1.72 20.38 -29.15
CA ASN C 236 2.39 19.15 -29.60
C ASN C 236 2.95 19.29 -31.02
N PRO C 237 3.92 18.42 -31.39
CA PRO C 237 4.40 18.39 -32.78
C PRO C 237 3.24 18.33 -33.77
N ASN C 238 3.28 19.22 -34.77
CA ASN C 238 2.23 19.35 -35.79
C ASN C 238 0.90 19.92 -35.31
N GLN C 239 0.82 20.35 -34.06
CA GLN C 239 -0.37 21.05 -33.57
C GLN C 239 -0.27 22.54 -33.85
N ASN C 240 -1.42 23.19 -33.90
CA ASN C 240 -1.44 24.62 -34.11
C ASN C 240 -1.91 25.29 -32.82
N PHE C 241 -1.53 26.55 -32.63
CA PHE C 241 -2.21 27.38 -31.65
C PHE C 241 -2.47 28.76 -32.24
N SER C 242 -3.46 29.45 -31.69
CA SER C 242 -3.80 30.77 -32.20
C SER C 242 -4.19 31.71 -31.08
N ILE C 243 -4.02 33.00 -31.31
CA ILE C 243 -4.38 34.00 -30.32
C ILE C 243 -5.19 35.10 -31.00
N VAL C 244 -6.30 35.48 -30.37
CA VAL C 244 -7.09 36.61 -30.81
C VAL C 244 -7.28 37.53 -29.61
N SER C 245 -6.76 38.75 -29.69
CA SER C 245 -6.77 39.64 -28.53
C SER C 245 -7.13 41.07 -28.88
N THR C 246 -7.95 41.68 -28.02
CA THR C 246 -8.30 43.09 -28.19
C THR C 246 -7.68 43.94 -27.08
N GLY C 247 -6.85 43.33 -26.24
CA GLY C 247 -6.19 44.05 -25.17
C GLY C 247 -5.88 43.22 -23.93
N ASN C 248 -5.22 43.86 -22.96
CA ASN C 248 -4.94 43.24 -21.66
C ASN C 248 -4.18 41.92 -21.76
N PHE C 249 -3.30 41.78 -22.76
CA PHE C 249 -2.63 40.51 -22.97
C PHE C 249 -1.11 40.60 -22.96
N ILE C 250 -0.49 39.61 -22.34
CA ILE C 250 0.96 39.51 -22.30
C ILE C 250 1.33 38.27 -23.10
N TRP C 251 2.01 38.47 -24.22
CA TRP C 251 2.18 37.47 -25.26
C TRP C 251 3.34 36.49 -25.04
N PRO C 252 3.16 35.24 -25.49
CA PRO C 252 4.22 34.23 -25.40
C PRO C 252 5.21 34.38 -26.55
N GLU C 253 6.00 35.45 -26.52
CA GLU C 253 6.96 35.73 -27.56
C GLU C 253 8.00 34.62 -27.65
N TYR C 254 8.49 34.18 -26.50
CA TYR C 254 9.44 33.06 -26.44
C TYR C 254 8.76 31.86 -25.81
N GLY C 255 9.19 30.67 -26.22
CA GLY C 255 8.67 29.43 -25.65
C GLY C 255 9.79 28.42 -25.53
N TYR C 256 9.49 27.26 -24.97
CA TYR C 256 10.50 26.22 -24.81
C TYR C 256 10.11 24.94 -25.54
N PHE C 257 10.99 24.49 -26.42
CA PHE C 257 10.88 23.15 -26.98
C PHE C 257 11.55 22.19 -26.01
N PHE C 258 10.89 21.07 -25.75
CA PHE C 258 11.38 20.13 -24.76
C PHE C 258 10.98 18.69 -25.08
N GLN C 259 11.78 17.74 -24.59
CA GLN C 259 11.47 16.32 -24.78
C GLN C 259 11.11 15.68 -23.45
N LYS C 260 9.88 15.18 -23.37
CA LYS C 260 9.42 14.49 -22.17
C LYS C 260 10.22 13.23 -21.89
N THR C 261 10.33 12.88 -20.61
CA THR C 261 10.89 11.61 -20.20
C THR C 261 9.79 10.80 -19.55
N THR C 262 10.07 9.53 -19.26
CA THR C 262 9.05 8.67 -18.66
C THR C 262 9.01 8.76 -17.14
N ASN C 263 10.13 9.14 -16.54
CA ASN C 263 10.27 9.09 -15.08
C ASN C 263 10.12 10.47 -14.42
N ILE C 264 8.98 10.69 -13.79
CA ILE C 264 8.73 11.99 -13.15
C ILE C 264 9.48 12.08 -11.82
N SER C 265 10.32 13.09 -11.70
CA SER C 265 11.11 13.27 -10.48
C SER C 265 10.42 14.30 -9.61
N GLY C 266 10.74 15.57 -9.82
CA GLY C 266 10.06 16.64 -9.11
C GLY C 266 11.01 17.75 -8.69
N ILE C 267 10.60 18.52 -7.69
CA ILE C 267 11.42 19.63 -7.22
C ILE C 267 12.04 19.30 -5.86
N ILE C 268 13.36 19.41 -5.78
CA ILE C 268 14.04 19.24 -4.51
C ILE C 268 14.26 20.62 -3.89
N LYS C 269 13.67 20.83 -2.72
CA LYS C 269 13.73 22.14 -2.06
C LYS C 269 14.85 22.17 -1.03
N SER C 270 15.88 22.98 -1.30
CA SER C 270 17.05 23.07 -0.41
C SER C 270 17.82 24.38 -0.60
N SER C 271 18.47 24.83 0.47
CA SER C 271 19.35 25.99 0.41
C SER C 271 20.74 25.62 -0.11
N GLU C 272 21.09 24.35 0.00
CA GLU C 272 22.42 23.87 -0.38
C GLU C 272 22.68 24.06 -1.87
N LYS C 273 23.95 24.03 -2.26
CA LYS C 273 24.30 24.07 -3.67
C LYS C 273 24.49 22.67 -4.21
N ILE C 274 24.58 22.54 -5.53
CA ILE C 274 24.79 21.25 -6.16
C ILE C 274 26.25 20.86 -6.04
N SER C 275 26.53 19.71 -5.42
CA SER C 275 27.90 19.24 -5.30
C SER C 275 28.30 18.40 -6.51
N ASP C 276 29.59 18.11 -6.63
CA ASP C 276 30.09 17.29 -7.73
C ASP C 276 30.05 15.83 -7.31
N CYS C 277 28.85 15.26 -7.34
CA CYS C 277 28.64 13.90 -6.91
C CYS C 277 27.54 13.27 -7.74
N ASP C 278 27.34 11.97 -7.56
CA ASP C 278 26.34 11.24 -8.35
C ASP C 278 25.64 10.25 -7.43
N THR C 279 24.32 10.14 -7.58
CA THR C 279 23.54 9.27 -6.73
C THR C 279 22.41 8.60 -7.54
N ILE C 280 21.98 7.43 -7.10
CA ILE C 280 20.87 6.75 -7.75
C ILE C 280 19.54 7.16 -7.13
N CYS C 281 19.62 7.81 -5.97
CA CYS C 281 18.44 8.27 -5.24
C CYS C 281 18.78 9.54 -4.47
N GLN C 282 17.91 10.55 -4.58
CA GLN C 282 18.15 11.86 -3.97
C GLN C 282 16.99 12.32 -3.09
N THR C 283 17.31 12.92 -1.95
CA THR C 283 16.29 13.58 -1.13
C THR C 283 16.71 15.02 -0.87
N LYS C 284 15.81 15.81 -0.30
CA LYS C 284 16.09 17.22 -0.04
C LYS C 284 17.02 17.41 1.16
N ILE C 285 17.28 16.34 1.90
CA ILE C 285 18.24 16.40 3.01
C ILE C 285 19.49 15.57 2.76
N GLY C 286 19.68 15.09 1.54
CA GLY C 286 20.89 14.37 1.20
C GLY C 286 20.72 13.22 0.22
N ALA C 287 21.85 12.75 -0.31
CA ALA C 287 21.81 11.67 -1.29
C ALA C 287 21.63 10.34 -0.58
N ILE C 288 20.88 9.44 -1.22
CA ILE C 288 20.77 8.07 -0.72
C ILE C 288 21.40 7.18 -1.79
N ASN C 289 22.72 7.12 -1.75
CA ASN C 289 23.51 6.45 -2.78
C ASN C 289 23.75 5.02 -2.30
N SER C 290 22.70 4.20 -2.39
CA SER C 290 22.69 2.90 -1.76
C SER C 290 21.63 1.99 -2.37
N THR C 291 21.96 0.71 -2.52
CA THR C 291 21.01 -0.27 -3.02
C THR C 291 20.38 -1.10 -1.90
N LEU C 292 20.62 -0.69 -0.66
CA LEU C 292 19.95 -1.35 0.47
C LEU C 292 18.43 -1.20 0.27
N PRO C 293 17.65 -2.20 0.71
CA PRO C 293 16.22 -2.21 0.40
C PRO C 293 15.40 -1.18 1.17
N PHE C 294 15.90 -0.74 2.32
CA PHE C 294 15.15 0.20 3.15
C PHE C 294 15.97 1.42 3.56
N GLN C 295 15.28 2.51 3.86
CA GLN C 295 15.90 3.73 4.38
C GLN C 295 14.96 4.44 5.35
N ASN C 296 15.53 5.09 6.37
CA ASN C 296 14.72 5.83 7.33
C ASN C 296 15.04 7.32 7.29
N ILE C 297 15.55 7.77 6.16
CA ILE C 297 16.08 9.12 6.03
C ILE C 297 15.00 10.16 5.71
N HIS C 298 14.14 9.85 4.73
CA HIS C 298 13.10 10.81 4.32
C HIS C 298 11.95 10.14 3.57
N GLN C 299 10.72 10.59 3.86
CA GLN C 299 9.51 10.10 3.21
C GLN C 299 9.51 10.34 1.70
N ASN C 300 10.03 11.49 1.30
CA ASN C 300 10.04 11.87 -0.11
C ASN C 300 11.43 11.79 -0.74
N ALA C 301 11.49 11.23 -1.94
CA ALA C 301 12.75 11.04 -2.65
C ALA C 301 12.51 10.89 -4.15
N ILE C 302 13.59 10.87 -4.92
CA ILE C 302 13.52 10.69 -6.36
C ILE C 302 14.55 9.67 -6.85
N GLY C 303 14.16 8.85 -7.83
CA GLY C 303 15.11 7.94 -8.45
C GLY C 303 14.90 6.48 -8.10
N ASP C 304 16.01 5.74 -8.05
CA ASP C 304 15.98 4.32 -7.73
C ASP C 304 16.26 4.19 -6.24
N CYS C 305 15.21 4.08 -5.45
CA CYS C 305 15.29 4.34 -4.01
C CYS C 305 14.86 3.15 -3.16
N PRO C 306 15.48 3.00 -1.97
CA PRO C 306 14.99 2.04 -0.98
C PRO C 306 13.62 2.50 -0.47
N LYS C 307 12.86 1.59 0.15
CA LYS C 307 11.57 1.97 0.70
C LYS C 307 11.74 2.69 2.03
N TYR C 308 10.98 3.76 2.21
CA TYR C 308 11.01 4.52 3.46
C TYR C 308 10.36 3.72 4.57
N VAL C 309 11.06 3.59 5.70
CA VAL C 309 10.53 2.94 6.90
C VAL C 309 10.88 3.77 8.13
N LYS C 310 10.21 3.48 9.25
CA LYS C 310 10.44 4.22 10.49
C LYS C 310 11.34 3.47 11.48
N ALA C 311 11.79 2.27 11.10
CA ALA C 311 12.74 1.51 11.90
C ALA C 311 14.01 2.29 12.21
N GLN C 312 14.54 2.11 13.43
CA GLN C 312 15.82 2.71 13.81
C GLN C 312 16.97 1.88 13.25
N GLU C 313 16.75 0.57 13.10
CA GLU C 313 17.76 -0.31 12.54
C GLU C 313 17.16 -1.61 12.01
N LEU C 314 17.80 -2.18 11.00
CA LEU C 314 17.40 -3.49 10.49
C LEU C 314 18.68 -4.27 10.21
N VAL C 315 19.11 -5.06 11.19
CA VAL C 315 20.38 -5.77 11.09
C VAL C 315 20.15 -7.27 10.96
N LEU C 316 20.56 -7.82 9.82
CA LEU C 316 20.48 -9.25 9.59
C LEU C 316 21.67 -9.94 10.24
N ALA C 317 21.41 -11.02 10.97
CA ALA C 317 22.50 -11.89 11.41
C ALA C 317 23.12 -12.55 10.18
N THR C 318 24.44 -12.63 10.13
CA THR C 318 25.11 -13.46 9.13
C THR C 318 25.97 -14.53 9.82
N GLY C 319 26.69 -14.13 10.86
CA GLY C 319 27.57 -15.04 11.56
C GLY C 319 26.88 -15.86 12.64
N LEU C 320 27.66 -16.41 13.57
CA LEU C 320 27.15 -17.33 14.57
C LEU C 320 26.88 -16.64 15.89
N ARG C 321 26.14 -17.30 16.77
CA ARG C 321 26.02 -16.81 18.14
C ARG C 321 27.43 -16.69 18.68
N ASN C 322 27.77 -15.52 19.21
CA ASN C 322 29.10 -15.31 19.74
C ASN C 322 29.12 -15.64 21.22
N ASN C 323 29.11 -16.93 21.52
CA ASN C 323 29.09 -17.41 22.90
C ASN C 323 30.28 -18.32 23.19
N PRO C 324 31.49 -17.74 23.17
CA PRO C 324 32.71 -18.56 23.33
C PRO C 324 32.78 -19.30 24.66
N ILE C 325 33.43 -20.46 24.65
CA ILE C 325 33.68 -21.24 25.87
C ILE C 325 34.68 -20.50 26.75
N LYS C 326 34.48 -20.56 28.07
CA LYS C 326 35.35 -19.92 29.06
C LYS C 326 36.84 -19.99 28.73
N PHE C 332 46.92 -24.73 27.95
CA PHE C 332 46.48 -26.12 27.86
C PHE C 332 45.42 -26.43 28.92
N GLY C 333 44.57 -27.40 28.60
CA GLY C 333 43.41 -27.73 29.39
C GLY C 333 42.45 -28.41 28.43
N ALA C 334 41.63 -29.33 28.92
CA ALA C 334 40.73 -30.05 28.02
C ALA C 334 39.73 -29.08 27.40
N ILE C 335 39.54 -29.15 26.09
CA ILE C 335 38.56 -28.26 25.50
C ILE C 335 37.30 -29.05 25.13
N ALA C 336 36.15 -28.41 25.34
CA ALA C 336 34.86 -28.99 25.01
C ALA C 336 34.45 -28.54 23.62
N GLY C 337 33.31 -29.06 23.14
CA GLY C 337 32.86 -28.74 21.80
C GLY C 337 31.62 -27.87 21.77
N PHE C 338 30.87 -27.95 20.67
CA PHE C 338 29.78 -27.02 20.38
C PHE C 338 28.71 -26.91 21.46
N ILE C 339 28.48 -27.99 22.19
CA ILE C 339 27.47 -28.02 23.25
C ILE C 339 27.69 -26.91 24.28
N GLU C 340 28.94 -26.55 24.53
CA GLU C 340 29.25 -25.58 25.58
C GLU C 340 29.53 -24.17 25.05
N GLY C 341 29.56 -24.02 23.73
CA GLY C 341 29.80 -22.71 23.15
C GLY C 341 30.79 -22.72 21.99
N GLY C 342 31.19 -21.53 21.55
CA GLY C 342 32.07 -21.40 20.40
C GLY C 342 33.56 -21.42 20.74
N TRP C 343 34.38 -21.43 19.70
CA TRP C 343 35.83 -21.47 19.84
C TRP C 343 36.50 -20.18 19.35
N GLN C 344 37.16 -19.45 20.26
CA GLN C 344 38.01 -18.34 19.83
C GLN C 344 39.16 -18.88 18.97
N GLY C 345 39.52 -20.15 19.19
CA GLY C 345 40.64 -20.77 18.51
C GLY C 345 40.39 -21.23 17.09
N LEU C 346 39.12 -21.30 16.68
CA LEU C 346 38.79 -21.64 15.31
C LEU C 346 38.74 -20.37 14.46
N ILE C 347 39.83 -20.09 13.74
CA ILE C 347 40.01 -18.80 13.09
C ILE C 347 39.86 -18.82 11.56
N ASP C 348 39.84 -20.02 10.97
CA ASP C 348 39.86 -20.16 9.52
C ASP C 348 38.57 -20.73 8.94
N GLY C 349 37.47 -20.58 9.66
CA GLY C 349 36.17 -21.05 9.18
C GLY C 349 35.04 -20.79 10.17
N TRP C 350 33.84 -21.23 9.82
CA TRP C 350 32.67 -21.07 10.69
C TRP C 350 32.49 -22.29 11.57
N TYR C 351 32.64 -23.47 10.99
CA TYR C 351 32.47 -24.74 11.68
C TYR C 351 33.75 -25.53 11.47
N GLY C 352 34.08 -26.40 12.42
CA GLY C 352 35.27 -27.21 12.27
C GLY C 352 35.50 -28.14 13.45
N TYR C 353 36.77 -28.45 13.67
CA TYR C 353 37.12 -29.51 14.59
C TYR C 353 38.25 -29.12 15.52
N HIS C 354 38.32 -29.81 16.66
CA HIS C 354 39.49 -29.77 17.50
C HIS C 354 39.83 -31.20 17.87
N HIS C 355 41.12 -31.54 17.76
CA HIS C 355 41.57 -32.88 18.05
C HIS C 355 42.69 -32.86 19.09
N GLN C 356 42.86 -33.99 19.75
CA GLN C 356 43.97 -34.19 20.68
C GLN C 356 44.45 -35.62 20.60
N ASN C 357 45.74 -35.77 20.31
CA ASN C 357 46.37 -37.08 20.31
C ASN C 357 47.83 -36.98 20.72
N SER C 358 48.55 -38.09 20.60
CA SER C 358 49.95 -38.16 21.04
C SER C 358 50.86 -37.23 20.26
N GLU C 359 50.46 -36.92 19.03
CA GLU C 359 51.25 -36.04 18.17
C GLU C 359 50.98 -34.55 18.40
N GLY C 360 49.97 -34.24 19.22
CA GLY C 360 49.65 -32.85 19.52
C GLY C 360 48.16 -32.54 19.45
N SER C 361 47.84 -31.27 19.27
CA SER C 361 46.46 -30.81 19.25
C SER C 361 46.33 -29.60 18.35
N GLY C 362 45.09 -29.23 18.01
CA GLY C 362 44.85 -28.06 17.19
C GLY C 362 43.45 -27.93 16.64
N TYR C 363 43.16 -26.74 16.11
CA TYR C 363 41.85 -26.45 15.52
C TYR C 363 41.98 -26.56 14.00
N ALA C 364 40.91 -27.01 13.36
CA ALA C 364 40.87 -27.05 11.90
C ALA C 364 39.45 -26.80 11.41
N ALA C 365 39.32 -25.89 10.46
CA ALA C 365 38.00 -25.58 9.90
C ALA C 365 37.58 -26.66 8.91
N ASP C 366 36.27 -26.92 8.86
CA ASP C 366 35.69 -27.69 7.79
C ASP C 366 35.45 -26.72 6.64
N LYS C 367 36.35 -26.73 5.66
CA LYS C 367 36.30 -25.76 4.57
C LYS C 367 35.04 -25.89 3.74
N GLU C 368 34.65 -27.13 3.46
CA GLU C 368 33.53 -27.38 2.55
C GLU C 368 32.24 -26.92 3.19
N ALA C 369 32.04 -27.28 4.47
CA ALA C 369 30.84 -26.90 5.18
C ALA C 369 30.76 -25.40 5.42
N THR C 370 31.93 -24.78 5.65
CA THR C 370 32.00 -23.34 5.86
C THR C 370 31.61 -22.61 4.58
N GLN C 371 32.22 -23.03 3.48
CA GLN C 371 31.97 -22.41 2.19
C GLN C 371 30.50 -22.56 1.78
N LYS C 372 29.93 -23.72 2.04
CA LYS C 372 28.55 -24.00 1.70
C LYS C 372 27.62 -23.05 2.46
N ALA C 373 27.89 -22.86 3.75
CA ALA C 373 27.06 -21.99 4.56
C ALA C 373 27.28 -20.51 4.20
N VAL C 374 28.51 -20.14 3.87
CA VAL C 374 28.82 -18.77 3.45
C VAL C 374 28.05 -18.43 2.17
N ASP C 375 28.03 -19.36 1.22
CA ASP C 375 27.29 -19.15 -0.02
C ASP C 375 25.79 -19.02 0.27
N ALA C 376 25.30 -19.82 1.21
CA ALA C 376 23.89 -19.80 1.54
C ALA C 376 23.45 -18.49 2.18
N ILE C 377 24.24 -17.99 3.12
CA ILE C 377 23.93 -16.73 3.81
C ILE C 377 24.09 -15.54 2.86
N THR C 378 25.10 -15.60 2.00
CA THR C 378 25.32 -14.55 1.00
C THR C 378 24.14 -14.49 0.05
N THR C 379 23.68 -15.66 -0.36
CA THR C 379 22.51 -15.76 -1.21
C THR C 379 21.28 -15.21 -0.49
N LYS C 380 21.14 -15.52 0.79
CA LYS C 380 20.02 -15.01 1.57
C LYS C 380 20.04 -13.48 1.65
N VAL C 381 21.16 -12.92 2.07
CA VAL C 381 21.29 -11.48 2.18
C VAL C 381 21.04 -10.78 0.84
N ASN C 382 21.68 -11.28 -0.21
CA ASN C 382 21.51 -10.70 -1.54
C ASN C 382 20.08 -10.79 -2.10
N ASN C 383 19.37 -11.86 -1.75
CA ASN C 383 17.98 -11.99 -2.15
C ASN C 383 17.11 -10.92 -1.49
N ILE C 384 17.29 -10.73 -0.19
CA ILE C 384 16.55 -9.75 0.57
C ILE C 384 16.79 -8.34 0.03
N ILE C 385 17.99 -8.09 -0.48
CA ILE C 385 18.33 -6.81 -1.06
C ILE C 385 17.87 -6.69 -2.52
N ASP C 386 18.28 -7.64 -3.35
CA ASP C 386 18.11 -7.52 -4.80
C ASP C 386 16.68 -7.68 -5.28
N LYS C 387 15.84 -8.31 -4.47
CA LYS C 387 14.43 -8.45 -4.85
C LYS C 387 13.69 -7.12 -4.69
N MET C 388 14.29 -6.18 -3.95
CA MET C 388 13.74 -4.84 -3.86
C MET C 388 14.08 -4.07 -5.14
N ASN C 389 13.35 -4.41 -6.20
CA ASN C 389 13.53 -3.83 -7.52
C ASN C 389 12.32 -2.94 -7.80
N THR C 390 12.50 -1.64 -7.61
CA THR C 390 11.36 -0.75 -7.42
C THR C 390 10.97 0.10 -8.62
N GLN C 391 9.74 0.60 -8.58
CA GLN C 391 9.31 1.60 -9.53
C GLN C 391 10.08 2.89 -9.23
N PHE C 392 10.34 3.69 -10.26
CA PHE C 392 10.99 4.98 -10.10
C PHE C 392 10.26 5.81 -9.04
N GLU C 393 11.01 6.34 -8.08
CA GLU C 393 10.43 7.08 -6.97
C GLU C 393 10.32 8.58 -7.32
N SER C 394 9.17 9.17 -7.00
CA SER C 394 8.90 10.55 -7.34
C SER C 394 8.62 11.40 -6.11
N THR C 395 8.92 12.70 -6.19
CA THR C 395 8.58 13.62 -5.10
C THR C 395 7.50 14.63 -5.50
N ALA C 396 6.90 14.46 -6.68
CA ALA C 396 5.82 15.33 -7.10
C ALA C 396 4.54 14.91 -6.38
N LYS C 397 4.27 15.56 -5.26
CA LYS C 397 3.14 15.21 -4.42
C LYS C 397 2.37 16.45 -3.99
N GLU C 398 2.27 17.43 -4.88
CA GLU C 398 1.64 18.70 -4.56
C GLU C 398 0.30 18.90 -5.27
N PHE C 399 -0.57 19.65 -4.62
CA PHE C 399 -1.89 19.97 -5.15
C PHE C 399 -2.12 21.43 -4.88
N ASN C 400 -3.10 22.05 -5.54
CA ASN C 400 -3.29 23.48 -5.32
C ASN C 400 -3.85 23.77 -3.92
N LYS C 401 -3.84 25.04 -3.53
CA LYS C 401 -4.18 25.39 -2.16
C LYS C 401 -5.67 25.22 -1.82
N ILE C 402 -6.49 25.07 -2.86
CA ILE C 402 -7.90 24.77 -2.64
C ILE C 402 -8.19 23.26 -2.74
N GLU C 403 -7.12 22.47 -2.62
CA GLU C 403 -7.23 21.00 -2.75
C GLU C 403 -6.60 20.28 -1.56
N MET C 404 -6.79 20.79 -0.35
CA MET C 404 -6.14 20.20 0.81
C MET C 404 -6.61 18.76 1.05
N ARG C 405 -7.87 18.46 0.71
CA ARG C 405 -8.40 17.10 0.83
C ARG C 405 -7.64 16.08 -0.01
N ILE C 406 -7.14 16.50 -1.17
CA ILE C 406 -6.40 15.61 -2.05
C ILE C 406 -4.98 15.42 -1.53
N LYS C 407 -4.38 16.51 -1.05
CA LYS C 407 -3.06 16.44 -0.41
C LYS C 407 -3.15 15.49 0.78
N HIS C 408 -4.24 15.58 1.54
CA HIS C 408 -4.43 14.67 2.67
C HIS C 408 -4.53 13.23 2.19
N LEU C 409 -5.20 13.00 1.07
CA LEU C 409 -5.26 11.67 0.49
C LEU C 409 -3.86 11.20 0.13
N SER C 410 -3.06 12.09 -0.48
CA SER C 410 -1.67 11.79 -0.80
C SER C 410 -0.86 11.45 0.45
N ASP C 411 -1.07 12.22 1.52
CA ASP C 411 -0.34 12.01 2.76
C ASP C 411 -0.68 10.66 3.40
N ARG C 412 -1.96 10.28 3.39
CA ARG C 412 -2.35 9.05 4.05
C ARG C 412 -2.00 7.84 3.20
N VAL C 413 -1.94 8.04 1.89
CA VAL C 413 -1.39 7.00 1.02
C VAL C 413 0.04 6.67 1.46
N ASP C 414 0.85 7.71 1.70
CA ASP C 414 2.24 7.48 2.09
C ASP C 414 2.38 6.94 3.52
N ASP C 415 1.54 7.42 4.43
CA ASP C 415 1.44 6.82 5.76
C ASP C 415 1.11 5.34 5.66
N GLY C 416 0.21 5.02 4.72
CA GLY C 416 -0.22 3.65 4.53
C GLY C 416 0.93 2.75 4.10
N PHE C 417 1.69 3.20 3.11
CA PHE C 417 2.81 2.41 2.64
C PHE C 417 3.94 2.38 3.68
N LEU C 418 4.11 3.47 4.41
CA LEU C 418 5.10 3.52 5.48
C LEU C 418 4.81 2.45 6.52
N ASP C 419 3.53 2.28 6.88
CA ASP C 419 3.18 1.28 7.88
C ASP C 419 3.35 -0.15 7.36
N VAL C 420 3.08 -0.35 6.07
CA VAL C 420 3.29 -1.67 5.45
C VAL C 420 4.76 -2.07 5.44
N TRP C 421 5.62 -1.18 4.92
CA TRP C 421 7.03 -1.49 4.79
C TRP C 421 7.72 -1.60 6.14
N SER C 422 7.34 -0.74 7.08
CA SER C 422 7.95 -0.77 8.40
C SER C 422 7.69 -2.10 9.12
N TYR C 423 6.43 -2.51 9.14
CA TYR C 423 6.06 -3.74 9.84
C TYR C 423 6.68 -4.96 9.17
N ASN C 424 6.60 -4.99 7.85
CA ASN C 424 7.12 -6.14 7.10
C ASN C 424 8.64 -6.26 7.16
N ALA C 425 9.34 -5.12 7.05
CA ALA C 425 10.80 -5.13 7.13
C ALA C 425 11.24 -5.58 8.53
N GLU C 426 10.60 -5.02 9.54
CA GLU C 426 10.90 -5.38 10.92
C GLU C 426 10.70 -6.87 11.20
N LEU C 427 9.58 -7.42 10.75
CA LEU C 427 9.30 -8.85 10.95
C LEU C 427 10.17 -9.77 10.10
N LEU C 428 10.50 -9.32 8.88
CA LEU C 428 11.41 -10.06 8.01
C LEU C 428 12.74 -10.29 8.73
N VAL C 429 13.26 -9.24 9.34
CA VAL C 429 14.55 -9.30 10.01
C VAL C 429 14.50 -10.23 11.23
N LEU C 430 13.45 -10.09 12.04
CA LEU C 430 13.31 -10.91 13.24
C LEU C 430 13.16 -12.39 12.89
N LEU C 431 12.36 -12.69 11.88
CA LEU C 431 12.18 -14.05 11.41
C LEU C 431 13.47 -14.62 10.82
N GLU C 432 14.08 -13.87 9.90
CA GLU C 432 15.28 -14.37 9.24
C GLU C 432 16.46 -14.53 10.19
N ASN C 433 16.55 -13.68 11.20
CA ASN C 433 17.63 -13.82 12.17
C ASN C 433 17.47 -15.09 13.00
N GLU C 434 16.22 -15.39 13.39
CA GLU C 434 15.93 -16.61 14.13
C GLU C 434 16.36 -17.82 13.30
N ARG C 435 16.02 -17.79 12.02
CA ARG C 435 16.32 -18.89 11.13
C ARG C 435 17.81 -19.01 10.82
N THR C 436 18.48 -17.88 10.68
CA THR C 436 19.92 -17.89 10.39
C THR C 436 20.69 -18.55 11.54
N LEU C 437 20.31 -18.24 12.77
CA LEU C 437 20.95 -18.86 13.92
C LEU C 437 20.67 -20.37 13.99
N ASP C 438 19.43 -20.76 13.69
CA ASP C 438 19.08 -22.18 13.63
C ASP C 438 19.83 -22.90 12.52
N PHE C 439 20.07 -22.20 11.42
CA PHE C 439 20.79 -22.73 10.28
C PHE C 439 22.22 -23.11 10.68
N HIS C 440 22.85 -22.26 11.48
CA HIS C 440 24.20 -22.53 11.97
C HIS C 440 24.20 -23.74 12.91
N ASP C 441 23.24 -23.80 13.83
CA ASP C 441 23.08 -24.94 14.72
C ASP C 441 22.90 -26.25 13.95
N ALA C 442 22.10 -26.21 12.88
CA ALA C 442 21.87 -27.40 12.07
C ALA C 442 23.12 -27.84 11.32
N ASN C 443 23.90 -26.87 10.84
CA ASN C 443 25.13 -27.19 10.13
C ASN C 443 26.16 -27.81 11.07
N VAL C 444 26.26 -27.25 12.28
CA VAL C 444 27.17 -27.80 13.28
C VAL C 444 26.75 -29.21 13.66
N ASN C 445 25.45 -29.40 13.89
CA ASN C 445 24.94 -30.71 14.26
C ASN C 445 25.19 -31.77 13.19
N ASN C 446 25.15 -31.36 11.93
CA ASN C 446 25.39 -32.27 10.83
C ASN C 446 26.83 -32.82 10.86
N LEU C 447 27.78 -31.94 11.14
CA LEU C 447 29.18 -32.36 11.25
C LEU C 447 29.33 -33.30 12.44
N TYR C 448 28.63 -32.99 13.52
CA TYR C 448 28.60 -33.83 14.71
C TYR C 448 28.07 -35.23 14.39
N GLN C 449 26.94 -35.31 13.69
CA GLN C 449 26.36 -36.60 13.32
C GLN C 449 27.28 -37.40 12.40
N LYS C 450 27.96 -36.72 11.48
CA LYS C 450 28.82 -37.38 10.50
C LYS C 450 30.05 -38.01 11.17
N VAL C 451 30.59 -37.35 12.19
CA VAL C 451 31.68 -37.91 12.95
C VAL C 451 31.16 -39.09 13.76
N LYS C 452 30.03 -38.87 14.42
CA LYS C 452 29.41 -39.86 15.29
C LYS C 452 29.19 -41.20 14.57
N VAL C 453 28.57 -41.13 13.38
CA VAL C 453 28.20 -42.34 12.66
C VAL C 453 29.42 -43.06 12.09
N GLN C 454 30.51 -42.32 11.93
CA GLN C 454 31.77 -42.92 11.50
C GLN C 454 32.41 -43.72 12.62
N LEU C 455 32.48 -43.11 13.79
CA LEU C 455 33.17 -43.71 14.93
C LEU C 455 32.38 -44.87 15.51
N LYS C 456 31.05 -44.73 15.56
CA LYS C 456 30.18 -45.72 16.18
C LYS C 456 30.64 -46.06 17.61
N ASP C 457 30.74 -47.34 17.93
CA ASP C 457 31.18 -47.73 19.27
C ASP C 457 32.70 -47.83 19.41
N ASN C 458 33.43 -47.33 18.41
CA ASN C 458 34.87 -47.14 18.56
C ASN C 458 35.19 -45.89 19.38
N ALA C 459 34.16 -45.21 19.87
CA ALA C 459 34.35 -44.00 20.65
C ALA C 459 33.24 -43.82 21.68
N ILE C 460 33.53 -43.06 22.73
CA ILE C 460 32.53 -42.69 23.71
C ILE C 460 32.14 -41.24 23.44
N ASP C 461 30.85 -40.99 23.23
CA ASP C 461 30.35 -39.63 23.08
C ASP C 461 30.34 -38.98 24.46
N MET C 462 31.17 -37.96 24.65
CA MET C 462 31.32 -37.33 25.96
C MET C 462 30.17 -36.37 26.30
N GLY C 463 29.34 -36.06 25.31
CA GLY C 463 28.16 -35.24 25.55
C GLY C 463 28.40 -33.74 25.57
N ASN C 464 29.65 -33.35 25.33
CA ASN C 464 30.03 -31.95 25.32
C ASN C 464 30.42 -31.52 23.90
N GLY C 465 30.03 -32.34 22.92
CA GLY C 465 30.41 -32.12 21.54
C GLY C 465 31.70 -32.80 21.15
N CYS C 466 32.27 -33.59 22.06
CA CYS C 466 33.53 -34.29 21.81
C CYS C 466 33.40 -35.81 21.90
N PHE C 467 34.30 -36.52 21.24
CA PHE C 467 34.32 -37.97 21.32
C PHE C 467 35.63 -38.45 21.93
N LYS C 468 35.54 -39.35 22.89
CA LYS C 468 36.72 -40.01 23.41
C LYS C 468 36.95 -41.27 22.60
N ILE C 469 38.01 -41.26 21.78
CA ILE C 469 38.27 -42.37 20.89
C ILE C 469 38.93 -43.53 21.63
N LEU C 470 38.40 -44.74 21.45
CA LEU C 470 38.84 -45.90 22.24
C LEU C 470 40.03 -46.62 21.63
N HIS C 471 40.79 -45.91 20.81
CA HIS C 471 41.99 -46.46 20.19
C HIS C 471 42.93 -45.32 19.86
N LYS C 472 44.18 -45.65 19.56
CA LYS C 472 45.16 -44.63 19.19
C LYS C 472 44.74 -44.02 17.86
N CYS C 473 44.53 -42.70 17.83
CA CYS C 473 44.11 -42.04 16.60
C CYS C 473 45.09 -40.91 16.29
N ASN C 474 46.03 -41.22 15.40
CA ASN C 474 47.08 -40.29 15.01
C ASN C 474 46.54 -39.27 14.01
N ASN C 475 47.43 -38.47 13.44
CA ASN C 475 47.02 -37.42 12.51
C ASN C 475 46.35 -37.95 11.24
N THR C 476 46.77 -39.12 10.78
CA THR C 476 46.14 -39.74 9.61
C THR C 476 44.73 -40.19 9.94
N CYS C 477 44.58 -40.75 11.13
CA CYS C 477 43.28 -41.18 11.63
C CYS C 477 42.33 -39.99 11.78
N MET C 478 42.84 -38.91 12.38
CA MET C 478 42.08 -37.68 12.57
C MET C 478 41.65 -37.08 11.22
N ASP C 479 42.58 -37.06 10.26
CA ASP C 479 42.28 -36.58 8.92
C ASP C 479 41.16 -37.39 8.26
N ASP C 480 41.19 -38.70 8.49
CA ASP C 480 40.21 -39.61 7.90
C ASP C 480 38.80 -39.35 8.44
N ILE C 481 38.71 -39.13 9.75
CA ILE C 481 37.44 -38.77 10.38
C ILE C 481 36.89 -37.47 9.80
N LYS C 482 37.75 -36.46 9.72
CA LYS C 482 37.37 -35.16 9.17
C LYS C 482 37.04 -35.21 7.67
N ASN C 483 37.58 -36.20 6.98
CA ASN C 483 37.38 -36.32 5.53
C ASN C 483 36.27 -37.34 5.22
N GLY C 484 35.77 -37.99 6.26
CA GLY C 484 34.69 -38.97 6.08
C GLY C 484 35.16 -40.32 5.60
N THR C 485 36.45 -40.60 5.73
CA THR C 485 37.00 -41.87 5.25
C THR C 485 37.52 -42.77 6.38
N TYR C 486 37.05 -42.54 7.60
CA TYR C 486 37.47 -43.35 8.74
C TYR C 486 36.94 -44.77 8.61
N ASN C 487 37.82 -45.75 8.80
CA ASN C 487 37.41 -47.16 8.71
C ASN C 487 37.13 -47.75 10.07
N TYR C 488 35.86 -47.99 10.36
CA TYR C 488 35.42 -48.54 11.63
C TYR C 488 36.02 -49.91 11.94
N TYR C 489 36.08 -50.78 10.92
CA TYR C 489 36.55 -52.14 11.13
C TYR C 489 38.05 -52.21 11.40
N GLU C 490 38.80 -51.26 10.85
CA GLU C 490 40.25 -51.20 11.04
C GLU C 490 40.64 -51.08 12.51
N TYR C 491 39.78 -50.44 13.31
CA TYR C 491 40.10 -50.18 14.70
C TYR C 491 39.15 -50.89 15.68
N ARG C 492 38.29 -51.78 15.16
CA ARG C 492 37.28 -52.44 16.00
C ARG C 492 37.93 -53.20 17.15
N LYS C 493 38.91 -54.04 16.82
CA LYS C 493 39.55 -54.90 17.80
C LYS C 493 40.16 -54.11 18.95
N GLU C 494 41.04 -53.17 18.62
CA GLU C 494 41.68 -52.33 19.63
C GLU C 494 40.64 -51.58 20.46
N SER C 495 39.57 -51.12 19.80
CA SER C 495 38.53 -50.36 20.47
C SER C 495 37.78 -51.23 21.47
N HIS C 496 37.42 -52.44 21.02
CA HIS C 496 36.76 -53.41 21.89
C HIS C 496 37.57 -53.76 23.14
N LEU C 497 38.88 -53.90 22.99
CA LEU C 497 39.72 -54.27 24.12
C LEU C 497 39.78 -53.14 25.13
N GLU C 498 39.88 -51.91 24.63
CA GLU C 498 39.88 -50.75 25.51
C GLU C 498 38.54 -50.59 26.21
N LYS C 499 37.46 -50.97 25.52
CA LYS C 499 36.13 -50.90 26.09
C LYS C 499 36.01 -51.88 27.26
N GLN C 500 36.62 -53.06 27.13
CA GLN C 500 36.66 -54.03 28.23
C GLN C 500 37.26 -53.47 29.52
N LYS C 501 38.37 -52.73 29.42
CA LYS C 501 38.95 -52.12 30.61
C LYS C 501 37.95 -51.21 31.27
N ILE C 502 37.18 -50.51 30.44
CA ILE C 502 36.17 -49.58 30.92
C ILE C 502 35.00 -50.29 31.59
N ASP C 503 34.56 -51.41 31.01
CA ASP C 503 33.42 -52.16 31.54
C ASP C 503 33.70 -52.85 32.89
N SER C 504 34.92 -52.68 33.41
CA SER C 504 35.28 -53.25 34.71
C SER C 504 35.77 -52.18 35.68
N GLY C 505 36.71 -51.35 35.23
CA GLY C 505 37.33 -50.31 36.03
C GLY C 505 36.40 -49.50 36.93
C1 NAG D . 14.56 -41.44 -17.41
C2 NAG D . 13.40 -42.43 -17.50
C3 NAG D . 13.90 -43.77 -17.97
C4 NAG D . 14.63 -43.64 -19.30
C5 NAG D . 15.66 -42.50 -19.32
C6 NAG D . 16.02 -42.13 -20.76
C7 NAG D . 11.37 -42.54 -16.20
C8 NAG D . 10.71 -43.02 -14.92
N2 NAG D . 12.70 -42.56 -16.24
O3 NAG D . 12.83 -44.68 -18.11
O4 NAG D . 15.27 -44.87 -19.50
O5 NAG D . 15.22 -41.32 -18.67
O6 NAG D . 16.99 -41.11 -20.80
O7 NAG D . 10.67 -42.14 -17.13
C1 NAG D . 15.03 -45.37 -20.83
C2 NAG D . 16.09 -46.39 -21.13
C3 NAG D . 16.05 -46.72 -22.62
C4 NAG D . 14.62 -47.12 -23.02
C5 NAG D . 13.55 -46.19 -22.45
C6 NAG D . 12.15 -46.75 -22.67
C7 NAG D . 17.98 -46.28 -19.62
C8 NAG D . 19.44 -45.96 -19.46
N2 NAG D . 17.40 -45.88 -20.75
O3 NAG D . 16.99 -47.75 -22.84
O4 NAG D . 14.49 -47.10 -24.43
O5 NAG D . 13.76 -45.95 -21.06
O6 NAG D . 11.18 -45.94 -22.02
O7 NAG D . 17.37 -46.86 -18.73
C1 BMA D . 15.03 -48.30 -25.00
C2 BMA D . 14.08 -48.74 -26.11
C3 BMA D . 14.66 -49.84 -27.01
C4 BMA D . 16.12 -49.56 -27.34
C5 BMA D . 16.89 -49.27 -26.06
C6 BMA D . 18.38 -49.06 -26.31
O2 BMA D . 13.74 -47.62 -26.89
O3 BMA D . 13.88 -49.93 -28.18
O4 BMA D . 16.69 -50.65 -28.01
O5 BMA D . 16.35 -48.11 -25.48
O6 BMA D . 19.04 -48.74 -25.10
C1 MAN D . 12.93 -51.02 -28.11
C2 MAN D . 12.36 -51.27 -29.51
C3 MAN D . 11.58 -50.04 -29.96
C4 MAN D . 10.48 -49.72 -28.95
C5 MAN D . 11.06 -49.65 -27.53
C6 MAN D . 9.95 -49.52 -26.49
O2 MAN D . 11.50 -52.40 -29.46
O3 MAN D . 11.02 -50.27 -31.23
O4 MAN D . 9.89 -48.48 -29.27
O5 MAN D . 11.84 -50.80 -27.23
O6 MAN D . 10.47 -49.77 -25.21
C1 NAG E . -42.58 17.20 -7.49
C2 NAG E . -42.65 17.49 -5.99
C3 NAG E . -44.10 17.45 -5.48
C4 NAG E . -45.06 18.20 -6.38
C5 NAG E . -44.84 17.77 -7.83
C6 NAG E . -45.80 18.45 -8.80
C7 NAG E . -40.71 16.94 -4.68
C8 NAG E . -39.86 15.88 -4.02
N2 NAG E . -41.82 16.54 -5.27
O3 NAG E . -44.21 17.95 -4.16
O4 NAG E . -46.36 17.87 -5.95
O5 NAG E . -43.50 18.00 -8.20
O6 NAG E . -46.07 19.78 -8.40
O7 NAG E . -40.36 18.12 -4.68
C1 NAG E . -47.13 19.05 -5.65
C2 NAG E . -48.60 18.66 -5.81
C3 NAG E . -49.53 19.81 -5.50
C4 NAG E . -49.14 20.53 -4.22
C5 NAG E . -47.64 20.84 -4.19
C6 NAG E . -47.24 21.50 -2.88
C7 NAG E . -49.12 16.89 -7.37
C8 NAG E . -49.35 16.48 -8.80
N2 NAG E . -48.83 18.16 -7.16
O3 NAG E . -50.84 19.27 -5.45
O4 NAG E . -49.84 21.75 -4.10
O5 NAG E . -46.88 19.66 -4.39
O6 NAG E . -45.88 21.90 -2.92
O7 NAG E . -49.20 16.06 -6.46
C1 BMA E . -51.17 21.53 -3.56
C2 BMA E . -51.39 22.53 -2.46
C3 BMA E . -52.79 22.37 -1.86
C4 BMA E . -53.88 22.19 -2.91
C5 BMA E . -53.46 21.28 -4.06
C6 BMA E . -54.48 21.52 -5.17
O2 BMA E . -51.24 23.84 -2.97
O3 BMA E . -53.13 23.51 -1.12
O4 BMA E . -55.03 21.67 -2.29
O5 BMA E . -52.18 21.64 -4.54
O6 BMA E . -54.37 20.60 -6.24
C1 MAN E . -52.76 23.33 0.24
C2 MAN E . -53.44 24.42 1.05
C3 MAN E . -52.41 25.42 1.54
C4 MAN E . -51.36 24.71 2.39
C5 MAN E . -50.87 23.42 1.73
C6 MAN E . -51.28 22.13 2.44
O2 MAN E . -54.14 23.85 2.14
O3 MAN E . -53.01 26.47 2.27
O4 MAN E . -50.26 25.58 2.55
O5 MAN E . -51.35 23.41 0.40
O6 MAN E . -50.42 21.86 3.53
C1 MAN E . -54.37 19.23 -5.82
C2 MAN E . -54.02 18.43 -7.06
C3 MAN E . -55.05 18.83 -8.12
C4 MAN E . -56.45 18.44 -7.63
C5 MAN E . -56.70 19.13 -6.29
C6 MAN E . -58.05 18.75 -5.69
O2 MAN E . -54.09 17.05 -6.80
O3 MAN E . -54.74 18.28 -9.38
O4 MAN E . -57.43 18.83 -8.55
O5 MAN E . -55.65 18.80 -5.38
O6 MAN E . -58.56 19.81 -4.89
C1 FUC E . -44.18 16.85 -3.22
C2 FUC E . -43.95 17.40 -1.82
C3 FUC E . -45.16 18.20 -1.34
C4 FUC E . -46.45 17.36 -1.45
C5 FUC E . -46.58 16.74 -2.85
C6 FUC E . -47.69 15.71 -2.97
O2 FUC E . -42.78 18.21 -1.78
O3 FUC E . -44.97 18.57 0.03
O4 FUC E . -46.46 16.34 -0.46
O5 FUC E . -45.36 16.08 -3.27
C1 FUL E . -45.42 20.70 -9.30
C2 FUL E . -45.50 22.15 -8.81
O2 FUL E . -45.24 22.30 -7.41
C3 FUL E . -44.54 22.98 -9.67
O3 FUL E . -44.59 24.35 -9.30
C4 FUL E . -44.95 22.87 -11.18
O4 FUL E . -46.09 23.67 -11.45
C5 FUL E . -45.21 21.37 -11.59
C6 FUL E . -45.97 21.22 -12.90
O5 FUL E . -45.93 20.62 -10.60
C1 NAG F . -18.70 -7.56 -6.11
C2 NAG F . -19.46 -8.88 -6.25
C3 NAG F . -19.30 -9.74 -5.00
C4 NAG F . -17.83 -9.94 -4.65
C5 NAG F . -17.06 -8.62 -4.73
C6 NAG F . -15.55 -8.84 -4.61
C7 NAG F . -21.33 -9.11 -7.74
C8 NAG F . -22.81 -8.96 -7.99
N2 NAG F . -20.86 -8.66 -6.58
O3 NAG F . -19.91 -11.00 -5.21
O4 NAG F . -17.74 -10.41 -3.33
O5 NAG F . -17.34 -7.89 -5.92
O6 NAG F . -15.14 -8.55 -3.29
O7 NAG F . -20.61 -9.64 -8.58
C1 NAG F . -17.20 -11.75 -3.25
C2 NAG F . -16.72 -11.97 -1.82
C3 NAG F . -15.93 -13.27 -1.79
C4 NAG F . -16.76 -14.44 -2.30
C5 NAG F . -17.84 -14.11 -3.35
C6 NAG F . -19.15 -14.80 -2.97
C7 NAG F . -16.46 -10.01 -0.44
C8 NAG F . -15.61 -8.84 -0.03
N2 NAG F . -15.94 -10.84 -1.34
O3 NAG F . -15.51 -13.53 -0.46
O4 NAG F . -15.88 -15.39 -2.85
O5 NAG F . -18.16 -12.74 -3.58
O6 NAG F . -20.22 -13.90 -3.21
O7 NAG F . -17.57 -10.17 0.06
C1 NAG G . -1.39 44.64 8.81
C2 NAG G . 0.03 44.68 8.30
C3 NAG G . 0.88 45.75 8.98
C4 NAG G . 0.13 47.06 9.12
C5 NAG G . -1.24 46.79 9.74
C6 NAG G . -2.04 48.05 10.06
C7 NAG G . 0.99 42.72 7.32
C8 NAG G . 1.74 41.42 7.47
N2 NAG G . 0.64 43.37 8.43
O3 NAG G . 2.07 46.00 8.27
O4 NAG G . 0.91 47.91 9.93
O5 NAG G . -1.95 45.94 8.86
O6 NAG G . -1.90 49.07 9.09
O7 NAG G . 0.71 43.17 6.22
C1 NAG G . 1.18 49.15 9.27
C2 NAG G . 1.47 50.19 10.35
C3 NAG G . 1.76 51.56 9.78
C4 NAG G . 2.72 51.48 8.58
C5 NAG G . 2.30 50.36 7.63
C6 NAG G . 3.24 50.24 6.44
C7 NAG G . 0.56 49.91 12.55
C8 NAG G . -0.56 50.21 13.52
N2 NAG G . 0.36 50.27 11.29
O3 NAG G . 2.26 52.32 10.85
O4 NAG G . 2.74 52.71 7.90
O5 NAG G . 2.23 49.13 8.32
O6 NAG G . 2.88 49.13 5.65
O7 NAG G . 1.59 49.36 12.94
C1 BMA G . 3.64 53.63 8.54
C2 BMA G . 4.42 54.43 7.50
C3 BMA G . 5.42 55.36 8.19
C4 BMA G . 4.78 56.14 9.34
C5 BMA G . 3.92 55.26 10.23
C6 BMA G . 3.16 56.14 11.22
O2 BMA G . 3.54 55.13 6.66
O3 BMA G . 5.99 56.31 7.31
O4 BMA G . 5.79 56.73 10.13
O5 BMA G . 3.00 54.54 9.43
O6 BMA G . 2.42 55.36 12.12
C1 MAN G . 7.17 55.84 6.64
C2 MAN G . 7.24 56.59 5.32
C3 MAN G . 6.50 55.79 4.27
C4 MAN G . 7.32 54.54 4.02
C5 MAN G . 7.61 53.78 5.33
C6 MAN G . 9.10 53.49 5.54
O2 MAN G . 8.58 56.81 4.94
O3 MAN G . 6.35 56.54 3.08
O4 MAN G . 6.63 53.69 3.12
O5 MAN G . 7.14 54.43 6.50
O6 MAN G . 9.23 52.43 6.46
C1 MAN G . 3.15 55.15 13.34
C2 MAN G . 2.49 54.06 14.17
C3 MAN G . 1.01 54.44 14.36
C4 MAN G . 0.78 55.95 14.55
C5 MAN G . 2.05 56.78 14.77
C6 MAN G . 2.29 56.98 16.27
O2 MAN G . 3.13 53.89 15.41
O3 MAN G . 0.47 53.74 15.47
O4 MAN G . 0.11 56.45 13.41
O5 MAN G . 3.24 56.32 14.14
O6 MAN G . 1.27 57.79 16.80
C1 FUC G . 3.15 45.23 8.81
C2 FUC G . 4.30 45.19 7.79
C3 FUC G . 4.92 46.59 7.63
C4 FUC G . 5.36 47.14 9.01
C5 FUC G . 4.17 47.07 10.00
C6 FUC G . 4.55 47.45 11.43
O2 FUC G . 3.86 44.70 6.53
O3 FUC G . 6.07 46.53 6.79
O4 FUC G . 6.46 46.39 9.51
O5 FUC G . 3.60 45.74 10.04
C1 FUL G . -2.98 49.04 8.14
C2 FUL G . -2.67 49.79 6.84
O2 FUL G . -1.35 49.53 6.35
C3 FUL G . -3.74 49.41 5.82
O3 FUL G . -3.52 50.07 4.58
C4 FUL G . -5.15 49.82 6.35
O4 FUL G . -5.39 51.23 6.20
C5 FUL G . -5.35 49.38 7.83
C6 FUL G . -6.48 50.11 8.54
O5 FUL G . -4.18 49.55 8.67
C1 NAG H . -0.29 12.11 16.78
C2 NAG H . 0.08 12.12 18.26
C3 NAG H . 1.34 11.33 18.56
C4 NAG H . 1.38 9.98 17.84
C5 NAG H . 0.82 10.05 16.43
C6 NAG H . 0.61 8.65 15.84
C7 NAG H . -0.42 13.89 19.83
C8 NAG H . 0.20 15.00 20.63
N2 NAG H . 0.21 13.49 18.74
O3 NAG H . 1.44 11.12 19.95
O4 NAG H . 2.73 9.59 17.76
O5 NAG H . -0.38 10.77 16.34
O6 NAG H . 1.57 8.40 14.85
O7 NAG H . -1.50 13.39 20.18
C1 NAG H . 3.02 8.43 18.58
C2 NAG H . 4.39 7.93 18.14
C3 NAG H . 4.68 6.65 18.92
C4 NAG H . 4.94 7.10 20.35
C5 NAG H . 3.85 8.04 20.90
C6 NAG H . 4.52 9.12 21.75
C7 NAG H . 5.12 8.72 16.00
C8 NAG H . 5.21 8.52 14.51
N2 NAG H . 4.48 7.78 16.70
O3 NAG H . 5.81 6.01 18.40
O4 NAG H . 5.03 5.95 21.18
O5 NAG H . 3.00 8.72 19.97
O6 NAG H . 3.83 10.34 21.60
O7 NAG H . 5.61 9.73 16.53
C1 NAG I . -2.31 24.03 -38.84
C2 NAG I . -3.59 23.63 -39.56
C3 NAG I . -3.23 23.08 -40.94
C4 NAG I . -2.46 24.15 -41.71
C5 NAG I . -1.25 24.60 -40.88
C6 NAG I . -0.39 25.63 -41.60
C7 NAG I . -5.55 23.13 -38.25
C8 NAG I . -6.68 22.13 -38.28
N2 NAG I . -4.40 22.72 -38.76
O3 NAG I . -4.35 22.60 -41.68
O4 NAG I . -2.10 23.70 -43.00
O5 NAG I . -1.67 25.04 -39.60
O6 NAG I . -1.13 26.55 -42.38
O7 NAG I . -5.71 24.25 -37.76
C1 FUC I . -4.50 21.17 -41.50
C2 FUC I . -5.57 20.61 -42.42
C3 FUC I . -5.15 20.85 -43.87
C4 FUC I . -3.79 20.17 -44.19
C5 FUC I . -2.73 20.37 -43.05
C6 FUC I . -1.68 19.26 -43.01
O2 FUC I . -6.86 21.17 -42.14
O3 FUC I . -6.14 20.31 -44.75
O4 FUC I . -3.97 18.79 -44.51
O5 FUC I . -3.30 20.45 -41.69
C1 NAG I . -2.93 24.40 -43.94
C2 NAG I . -2.25 24.71 -45.27
C3 NAG I . -3.02 25.88 -45.85
C4 NAG I . -4.51 25.52 -45.98
C5 NAG I . -5.07 24.72 -44.80
C6 NAG I . -6.37 24.00 -45.21
C7 NAG I . 0.07 24.02 -45.31
C8 NAG I . 0.75 24.01 -46.65
N2 NAG I . -0.83 24.98 -45.11
O3 NAG I . -2.51 26.25 -47.10
O4 NAG I . -5.27 26.70 -46.12
O5 NAG I . -4.16 23.78 -44.27
O6 NAG I . -7.01 23.48 -44.06
O7 NAG I . 0.35 23.17 -44.46
C1 FUL I . -1.45 27.72 -41.60
C2 FUL I . -2.71 28.42 -42.15
O2 FUL I . -3.81 27.52 -42.31
C3 FUL I . -3.08 29.60 -41.23
O3 FUL I . -4.17 30.35 -41.78
C4 FUL I . -1.88 30.56 -41.06
O4 FUL I . -1.69 31.34 -42.23
C5 FUL I . -0.58 29.79 -40.71
C6 FUL I . 0.68 30.62 -40.83
O5 FUL I . -0.38 28.62 -41.54
C1 NAG J . 13.09 5.14 -15.37
C2 NAG J . 14.43 4.69 -15.95
C3 NAG J . 14.46 3.17 -16.10
C4 NAG J . 14.12 2.48 -14.78
C5 NAG J . 12.88 3.10 -14.13
C6 NAG J . 12.72 2.61 -12.70
C7 NAG J . 15.81 6.09 -17.40
C8 NAG J . 15.92 6.85 -18.68
N2 NAG J . 14.72 5.35 -17.22
O3 NAG J . 15.73 2.75 -16.54
O4 NAG J . 13.87 1.11 -15.01
O5 NAG J . 12.92 4.52 -14.11
O6 NAG J . 12.05 1.37 -12.69
O7 NAG J . 16.71 6.16 -16.56
C1 NAG J . 14.95 0.30 -14.47
C2 NAG J . 14.47 -1.13 -14.26
C3 NAG J . 15.57 -1.95 -13.58
C4 NAG J . 16.94 -1.76 -14.22
C5 NAG J . 17.21 -0.31 -14.63
C6 NAG J . 18.42 -0.17 -15.54
C7 NAG J . 12.08 -1.48 -14.00
C8 NAG J . 11.06 -2.07 -13.06
N2 NAG J . 13.26 -1.14 -13.47
O3 NAG J . 15.23 -3.32 -13.63
O4 NAG J . 17.93 -2.18 -13.32
O5 NAG J . 16.09 0.27 -15.28
O6 NAG J . 18.27 1.10 -16.14
O7 NAG J . 11.81 -1.30 -15.19
C1 FUC K . -16.82 -5.68 -2.92
C2 FUC K . -17.88 -4.59 -2.85
C3 FUC K . -17.35 -3.38 -2.12
C4 FUC K . -16.13 -2.88 -2.89
C5 FUC K . -15.01 -3.94 -2.86
C6 FUC K . -13.94 -3.63 -3.89
O2 FUC K . -19.08 -5.07 -2.24
O3 FUC K . -18.33 -2.35 -2.12
O4 FUC K . -16.48 -2.57 -4.24
O5 FUC K . -15.44 -5.35 -3.11
C1 NAG L . -12.64 -19.49 -17.26
C2 NAG L . -12.72 -20.20 -18.61
C3 NAG L . -13.99 -21.04 -18.71
C4 NAG L . -14.10 -21.97 -17.50
C5 NAG L . -13.91 -21.20 -16.20
C6 NAG L . -13.86 -22.16 -15.01
C7 NAG L . -11.53 -19.28 -20.51
C8 NAG L . -11.19 -18.00 -21.23
N2 NAG L . -12.59 -19.25 -19.72
O3 NAG L . -13.95 -21.79 -19.89
O4 NAG L . -15.35 -22.63 -17.50
O5 NAG L . -12.72 -20.46 -16.23
O6 NAG L . -12.65 -22.89 -15.05
O7 NAG L . -10.82 -20.28 -20.65
C1 NAG M . 11.48 -65.45 9.25
C2 NAG M . 10.72 -66.78 9.25
C3 NAG M . 9.98 -67.09 10.55
C4 NAG M . 10.76 -66.68 11.78
C5 NAG M . 11.21 -65.23 11.62
C6 NAG M . 11.90 -64.72 12.87
C7 NAG M . 9.86 -67.58 7.11
C8 NAG M . 8.65 -67.66 6.23
N2 NAG M . 9.76 -66.76 8.15
O3 NAG M . 9.73 -68.48 10.62
O4 NAG M . 9.97 -66.81 12.94
O5 NAG M . 12.07 -65.15 10.50
O6 NAG M . 12.66 -65.75 13.47
O7 NAG M . 10.86 -68.24 6.87
C1 FUC N . 1.81 11.33 13.37
C2 FUC N . 1.99 12.75 12.87
C3 FUC N . 2.25 12.77 11.38
C4 FUC N . 1.06 12.11 10.71
C5 FUC N . 1.00 10.62 11.08
C6 FUC N . -0.32 10.02 10.66
O2 FUC N . 3.01 13.43 13.59
O3 FUC N . 2.34 14.11 10.90
O4 FUC N . -0.16 12.76 11.12
O5 FUC N . 1.17 10.34 12.54
C1 NAG O . -9.29 1.22 27.12
C2 NAG O . -10.40 0.97 28.16
C3 NAG O . -9.94 1.23 29.58
C4 NAG O . -8.58 0.61 29.86
C5 NAG O . -7.60 1.01 28.77
C6 NAG O . -6.22 0.40 29.02
C7 NAG O . -12.71 1.12 27.49
C8 NAG O . -13.56 1.77 26.44
N2 NAG O . -11.59 1.74 27.84
O3 NAG O . -10.90 0.66 30.46
O4 NAG O . -8.10 1.05 31.12
O5 NAG O . -8.10 0.58 27.53
O6 NAG O . -6.21 -0.97 28.68
O7 NAG O . -13.07 0.05 28.00
C1 NAG P . 21.87 -43.56 45.71
C2 NAG P . 22.44 -43.00 47.02
C3 NAG P . 23.86 -42.44 46.89
C4 NAG P . 24.76 -43.33 46.05
C5 NAG P . 24.08 -43.72 44.75
C6 NAG P . 24.97 -44.68 43.96
C7 NAG P . 20.98 -42.06 48.70
C8 NAG P . 19.86 -41.10 48.98
N2 NAG P . 21.56 -41.97 47.51
O3 NAG P . 24.41 -42.30 48.18
O4 NAG P . 25.97 -42.65 45.76
O5 NAG P . 22.83 -44.34 44.99
O6 NAG P . 25.37 -45.75 44.80
O7 NAG P . 21.34 -42.88 49.55
C1 NAG Q . 23.39 -29.43 38.59
C2 NAG Q . 24.38 -29.82 39.69
C3 NAG Q . 25.61 -28.92 39.71
C4 NAG Q . 26.20 -28.84 38.30
C5 NAG Q . 25.13 -28.33 37.34
C6 NAG Q . 25.67 -28.18 35.92
C7 NAG Q . 23.97 -30.75 41.90
C8 NAG Q . 23.19 -30.64 43.19
N2 NAG Q . 23.73 -29.80 41.00
O3 NAG Q . 26.58 -29.45 40.59
O4 NAG Q . 27.33 -27.99 38.28
O5 NAG Q . 24.03 -29.20 37.34
O6 NAG Q . 25.18 -29.20 35.08
O7 NAG Q . 24.78 -31.66 41.74
C1 NAG R . 40.33 -10.84 21.19
C2 NAG R . 41.53 -11.05 20.26
C3 NAG R . 42.79 -11.37 21.02
C4 NAG R . 43.00 -10.22 21.99
C5 NAG R . 41.89 -10.25 23.04
C6 NAG R . 41.64 -8.85 23.59
C7 NAG R . 41.43 -11.76 17.95
C8 NAG R . 40.86 -12.73 16.95
N2 NAG R . 41.26 -12.05 19.24
O3 NAG R . 43.89 -11.47 20.14
O4 NAG R . 44.26 -10.32 22.60
O5 NAG R . 40.65 -10.81 22.58
O6 NAG R . 42.81 -8.07 23.48
O7 NAG R . 42.01 -10.75 17.57
C1 FUC S . 9.41 3.23 -14.33
C2 FUC S . 8.60 3.70 -15.54
C3 FUC S . 7.11 3.83 -15.22
C4 FUC S . 6.95 4.63 -13.94
C5 FUC S . 7.53 3.83 -12.77
C6 FUC S . 7.60 4.67 -11.52
O2 FUC S . 8.81 2.89 -16.69
O3 FUC S . 6.44 4.54 -16.26
O4 FUC S . 7.62 5.90 -14.04
O5 FUC S . 8.89 3.28 -13.00
C1 NAG T . 27.32 6.55 -5.47
C2 NAG T . 28.58 7.31 -5.06
C3 NAG T . 29.69 7.15 -6.11
C4 NAG T . 29.89 5.69 -6.51
C5 NAG T . 28.55 5.05 -6.85
C6 NAG T . 28.70 3.55 -7.15
C7 NAG T . 28.26 9.25 -3.61
C8 NAG T . 27.22 10.30 -3.37
N2 NAG T . 28.28 8.71 -4.83
O3 NAG T . 30.89 7.65 -5.57
O4 NAG T . 30.76 5.62 -7.61
O5 NAG T . 27.66 5.20 -5.77
O6 NAG T . 29.04 2.84 -5.97
O7 NAG T . 29.05 8.92 -2.72
C1 NAG U . 49.22 -43.36 12.12
C2 NAG U . 50.40 -43.67 11.19
C3 NAG U . 50.12 -44.72 10.12
C4 NAG U . 49.17 -45.81 10.57
C5 NAG U . 47.96 -45.16 11.22
C6 NAG U . 46.86 -46.16 11.58
C7 NAG U . 52.12 -42.07 10.54
C8 NAG U . 52.63 -41.47 9.26
N2 NAG U . 50.84 -42.45 10.55
O3 NAG U . 51.34 -45.32 9.74
O4 NAG U . 48.77 -46.60 9.47
O5 NAG U . 48.41 -44.50 12.38
O6 NAG U . 47.33 -47.49 11.44
O7 NAG U . 52.84 -42.19 11.53
#